data_6MAS
#
_entry.id   6MAS
#
_cell.length_a   77.875
_cell.length_b   104.309
_cell.length_c   116.142
_cell.angle_alpha   90.000
_cell.angle_beta   95.320
_cell.angle_gamma   90.000
#
_symmetry.space_group_name_H-M   'P 1 21 1'
#
loop_
_entity.id
_entity.type
_entity.pdbx_description
1 polymer 'Uncharacterized protein'
2 non-polymer GLYCEROL
3 water water
#
_entity_poly.entity_id   1
_entity_poly.type   'polypeptide(L)'
_entity_poly.pdbx_seq_one_letter_code
;MPLPKTHELHIFGSFNGVEFDMVGRGIGNPNEGSEELNAKFTKGPLKFSPYILVPHL(CR2)YYQYLPFPDGMSPFQAAM
HDGSGYQVHRTIQYEDGASVTAHYRYTYEGSHIKGEFQVIGTGFPPDGPVMTNKLTAMDWSVTKMLYPNDKTILSTADCS
YTTTAGKRYQSKMRENNTFAKPMAADILQKQPMFVFRKSELQHSKTELTFKEWQKAFTDVMSGGSHHHHHH
;
_entity_poly.pdbx_strand_id   A,B,C,D,E,F,G,H
#
loop_
_chem_comp.id
_chem_comp.type
_chem_comp.name
_chem_comp.formula
GOL non-polymer GLYCEROL 'C3 H8 O3'
#
# COMPACT_ATOMS: atom_id res chain seq x y z
N PRO A 2 19.85 -20.19 30.73
CA PRO A 2 18.90 -21.28 30.45
C PRO A 2 18.76 -21.54 28.95
N LEU A 3 18.24 -22.72 28.59
CA LEU A 3 17.80 -23.02 27.25
C LEU A 3 16.53 -22.21 27.02
N PRO A 4 16.23 -21.84 25.76
CA PRO A 4 15.04 -21.05 25.46
C PRO A 4 13.74 -21.84 25.50
N LYS A 5 12.67 -21.11 25.82
CA LYS A 5 11.32 -21.65 25.73
C LYS A 5 10.39 -20.76 24.92
N THR A 6 10.69 -19.45 24.87
CA THR A 6 9.86 -18.48 24.15
C THR A 6 10.76 -17.46 23.44
N HIS A 7 10.18 -16.81 22.44
CA HIS A 7 10.89 -15.80 21.71
C HIS A 7 9.97 -14.74 21.14
N GLU A 8 10.54 -13.56 20.93
N GLU A 8 10.55 -13.57 20.94
CA GLU A 8 9.88 -12.55 20.15
CA GLU A 8 9.96 -12.43 20.25
C GLU A 8 10.79 -12.17 18.98
C GLU A 8 10.79 -12.17 18.98
N LEU A 9 10.12 -11.72 17.93
CA LEU A 9 10.71 -11.37 16.66
C LEU A 9 10.41 -9.91 16.35
N HIS A 10 11.42 -9.18 15.89
CA HIS A 10 11.22 -7.89 15.24
C HIS A 10 12.11 -7.91 13.99
N ILE A 11 11.47 -7.90 12.81
CA ILE A 11 12.19 -7.75 11.55
C ILE A 11 11.92 -6.34 11.02
N PHE A 12 12.99 -5.66 10.63
CA PHE A 12 12.86 -4.35 10.02
C PHE A 12 13.84 -4.29 8.85
N GLY A 13 13.55 -3.40 7.91
CA GLY A 13 14.38 -3.25 6.74
C GLY A 13 13.54 -2.86 5.57
N SER A 14 13.92 -3.32 4.39
CA SER A 14 13.25 -2.89 3.17
C SER A 14 13.42 -3.95 2.07
N PHE A 15 12.46 -3.98 1.15
CA PHE A 15 12.56 -4.80 -0.07
C PHE A 15 12.32 -3.87 -1.26
N ASN A 16 13.27 -3.87 -2.19
CA ASN A 16 13.25 -3.01 -3.37
C ASN A 16 13.03 -1.56 -2.94
N GLY A 17 13.68 -1.13 -1.86
CA GLY A 17 13.63 0.26 -1.44
C GLY A 17 12.43 0.64 -0.58
N VAL A 18 11.50 -0.28 -0.32
CA VAL A 18 10.26 0.02 0.39
C VAL A 18 10.36 -0.58 1.78
N GLU A 19 10.19 0.26 2.79
CA GLU A 19 10.34 -0.18 4.18
C GLU A 19 9.26 -1.19 4.55
N PHE A 20 9.65 -2.16 5.38
CA PHE A 20 8.67 -3.05 6.02
C PHE A 20 9.11 -3.28 7.47
N ASP A 21 8.16 -3.78 8.22
CA ASP A 21 8.39 -4.05 9.62
C ASP A 21 7.42 -5.16 10.04
N MET A 22 7.92 -6.08 10.86
CA MET A 22 7.09 -7.17 11.36
C MET A 22 7.46 -7.45 12.81
N VAL A 23 6.47 -7.80 13.62
CA VAL A 23 6.69 -8.27 14.96
C VAL A 23 5.96 -9.61 15.12
N GLY A 24 6.52 -10.45 15.98
CA GLY A 24 5.91 -11.75 16.23
C GLY A 24 6.36 -12.32 17.55
N ARG A 25 5.74 -13.42 17.96
N ARG A 25 5.73 -13.41 17.96
CA ARG A 25 6.14 -14.11 19.16
CA ARG A 25 6.11 -14.11 19.19
C ARG A 25 5.90 -15.59 18.95
C ARG A 25 5.90 -15.59 18.95
N GLY A 26 6.67 -16.39 19.68
CA GLY A 26 6.58 -17.80 19.53
C GLY A 26 7.16 -18.57 20.69
N ILE A 27 7.24 -19.88 20.45
CA ILE A 27 7.70 -20.86 21.40
C ILE A 27 8.64 -21.81 20.69
N GLY A 28 9.37 -22.63 21.44
CA GLY A 28 10.12 -23.70 20.83
C GLY A 28 10.58 -24.69 21.85
N ASN A 29 11.07 -25.83 21.36
CA ASN A 29 11.53 -26.93 22.20
C ASN A 29 13.02 -27.12 21.93
N PRO A 30 13.91 -26.65 22.82
CA PRO A 30 15.34 -26.69 22.57
C PRO A 30 15.96 -28.07 22.67
N ASN A 31 15.18 -29.05 23.14
CA ASN A 31 15.66 -30.42 23.17
C ASN A 31 15.29 -31.15 21.87
N GLU A 32 14.41 -30.57 21.06
CA GLU A 32 13.92 -31.23 19.85
C GLU A 32 14.21 -30.40 18.59
N GLY A 33 14.68 -29.18 18.71
CA GLY A 33 14.90 -28.34 17.52
C GLY A 33 13.63 -27.92 16.81
N SER A 34 12.56 -27.65 17.56
CA SER A 34 11.30 -27.19 16.96
C SER A 34 10.99 -25.76 17.45
N GLU A 35 10.30 -25.00 16.60
CA GLU A 35 9.85 -23.69 16.97
C GLU A 35 8.58 -23.36 16.19
N GLU A 36 7.82 -22.41 16.73
N GLU A 36 7.79 -22.43 16.75
CA GLU A 36 6.56 -21.94 16.13
CA GLU A 36 6.55 -21.95 16.13
C GLU A 36 6.42 -20.46 16.43
C GLU A 36 6.43 -20.45 16.43
N LEU A 37 5.99 -19.69 15.43
CA LEU A 37 5.90 -18.25 15.51
C LEU A 37 4.60 -17.76 14.88
N ASN A 38 3.96 -16.77 15.51
N ASN A 38 3.97 -16.77 15.52
CA ASN A 38 2.89 -16.03 14.86
CA ASN A 38 2.88 -16.00 14.92
C ASN A 38 3.35 -14.58 14.72
C ASN A 38 3.37 -14.58 14.74
N ALA A 39 3.09 -13.99 13.56
CA ALA A 39 3.61 -12.62 13.30
C ALA A 39 2.65 -11.80 12.48
N LYS A 40 2.85 -10.48 12.57
N LYS A 40 2.83 -10.47 12.59
CA LYS A 40 2.01 -9.52 11.85
CA LYS A 40 1.99 -9.49 11.91
C LYS A 40 2.87 -8.40 11.27
C LYS A 40 2.88 -8.42 11.26
N PHE A 41 2.42 -7.91 10.12
CA PHE A 41 3.06 -6.84 9.40
C PHE A 41 2.52 -5.53 9.96
N THR A 42 3.42 -4.58 10.22
CA THR A 42 2.99 -3.37 10.94
C THR A 42 2.89 -2.14 10.04
N LYS A 43 3.36 -2.21 8.79
CA LYS A 43 3.25 -1.08 7.85
C LYS A 43 2.27 -1.45 6.71
N GLY A 44 1.22 -2.23 7.04
CA GLY A 44 0.21 -2.65 6.08
C GLY A 44 0.64 -3.95 5.38
N PRO A 45 -0.16 -4.41 4.40
CA PRO A 45 0.06 -5.71 3.76
C PRO A 45 1.45 -5.75 3.08
N LEU A 46 2.11 -6.92 3.10
CA LEU A 46 3.46 -7.07 2.50
C LEU A 46 3.36 -6.92 0.98
N LYS A 47 4.35 -6.25 0.39
CA LYS A 47 4.40 -5.99 -1.03
C LYS A 47 5.09 -7.15 -1.77
N PHE A 48 5.45 -8.22 -1.06
CA PHE A 48 6.25 -9.33 -1.62
C PHE A 48 5.81 -10.65 -0.95
N SER A 49 6.22 -11.79 -1.51
CA SER A 49 5.87 -13.12 -0.99
C SER A 49 6.35 -13.30 0.43
N PRO A 50 5.48 -13.64 1.40
CA PRO A 50 5.94 -13.91 2.76
C PRO A 50 6.94 -15.07 2.81
N TYR A 51 6.92 -15.95 1.81
CA TYR A 51 7.86 -17.08 1.83
C TYR A 51 9.32 -16.61 1.77
N ILE A 52 9.57 -15.43 1.23
CA ILE A 52 10.94 -14.90 1.17
C ILE A 52 11.50 -14.67 2.57
N LEU A 53 10.61 -14.58 3.57
CA LEU A 53 11.04 -14.28 4.94
C LEU A 53 11.45 -15.52 5.74
N VAL A 54 11.22 -16.72 5.19
CA VAL A 54 11.42 -17.95 5.98
C VAL A 54 12.74 -17.95 6.77
N PRO A 55 13.92 -17.74 6.17
CA PRO A 55 15.14 -17.88 6.95
C PRO A 55 15.28 -16.85 8.07
N HIS A 56 14.59 -15.73 7.91
CA HIS A 56 14.61 -14.65 8.88
C HIS A 56 13.58 -14.87 9.99
N LEU A 57 12.57 -15.72 9.75
CA LEU A 57 11.59 -16.07 10.79
C LEU A 57 12.17 -17.08 11.76
N1 CR2 A 58 13.08 -17.94 11.29
CA1 CR2 A 58 13.73 -19.00 12.08
C1 CR2 A 58 15.07 -19.21 11.50
N2 CR2 A 58 15.31 -20.08 10.51
N3 CR2 A 58 16.18 -18.51 11.82
C2 CR2 A 58 17.16 -18.87 10.97
O2 CR2 A 58 18.31 -18.38 10.95
CA2 CR2 A 58 16.63 -19.92 10.16
CA3 CR2 A 58 16.30 -17.35 12.71
C3 CR2 A 58 16.53 -17.61 14.15
O3 CR2 A 58 16.91 -16.63 14.81
CB2 CR2 A 58 17.38 -20.56 9.12
CG2 CR2 A 58 16.98 -21.49 8.10
CD1 CR2 A 58 15.66 -21.81 7.79
CD2 CR2 A 58 17.99 -21.96 7.26
CE1 CR2 A 58 15.36 -22.71 6.77
CE2 CR2 A 58 17.67 -22.85 6.23
CZ CR2 A 58 16.36 -23.22 5.97
OH CR2 A 58 16.07 -24.04 5.00
N TYR A 59 16.36 -18.81 14.70
CA TYR A 59 16.45 -19.01 16.15
C TYR A 59 17.18 -20.32 16.39
N TYR A 60 18.50 -20.30 16.21
CA TYR A 60 19.29 -21.51 16.39
C TYR A 60 19.49 -21.88 17.87
N GLN A 61 19.04 -21.01 18.77
CA GLN A 61 19.04 -21.36 20.17
C GLN A 61 18.13 -22.55 20.46
N TYR A 62 17.18 -22.84 19.58
CA TYR A 62 16.32 -24.01 19.75
C TYR A 62 16.98 -25.30 19.24
N LEU A 63 18.15 -25.20 18.60
CA LEU A 63 18.81 -26.35 18.00
C LEU A 63 19.78 -27.01 18.99
N PRO A 64 19.52 -28.25 19.46
CA PRO A 64 20.52 -28.98 20.22
C PRO A 64 21.54 -29.60 19.27
N PHE A 65 22.71 -29.97 19.80
CA PHE A 65 23.66 -30.76 19.01
C PHE A 65 23.54 -32.23 19.42
N PRO A 66 24.18 -33.13 18.67
CA PRO A 66 24.07 -34.56 18.95
C PRO A 66 24.58 -34.95 20.34
N ASP A 67 25.64 -34.29 20.82
CA ASP A 67 26.39 -34.70 22.03
C ASP A 67 26.12 -33.75 23.21
N GLY A 68 25.28 -32.71 23.02
CA GLY A 68 25.13 -31.65 24.02
C GLY A 68 24.57 -30.39 23.41
N MET A 69 24.74 -29.28 24.12
CA MET A 69 24.30 -28.00 23.63
C MET A 69 24.98 -27.67 22.30
N SER A 70 24.23 -27.03 21.41
CA SER A 70 24.84 -26.40 20.23
C SER A 70 25.63 -25.17 20.71
N PRO A 71 26.53 -24.63 19.88
CA PRO A 71 27.24 -23.43 20.28
C PRO A 71 26.28 -22.28 20.53
N PHE A 72 25.17 -22.27 19.80
CA PHE A 72 24.14 -21.25 19.91
C PHE A 72 23.49 -21.31 21.29
N GLN A 73 23.13 -22.51 21.73
CA GLN A 73 22.59 -22.71 23.07
C GLN A 73 23.60 -22.32 24.15
N ALA A 74 24.85 -22.73 23.98
CA ALA A 74 25.83 -22.42 25.02
C ALA A 74 25.99 -20.91 25.19
N ALA A 75 25.99 -20.20 24.06
CA ALA A 75 26.21 -18.75 24.06
C ALA A 75 25.00 -18.00 24.61
N MET A 76 23.81 -18.58 24.46
CA MET A 76 22.64 -18.02 25.14
C MET A 76 22.75 -18.31 26.64
N HIS A 77 23.09 -19.54 26.99
CA HIS A 77 23.05 -19.97 28.39
C HIS A 77 23.99 -19.12 29.25
N ASP A 78 25.17 -18.78 28.73
CA ASP A 78 26.12 -18.00 29.52
C ASP A 78 26.02 -16.50 29.22
N GLY A 79 25.10 -16.11 28.35
CA GLY A 79 24.84 -14.70 28.03
C GLY A 79 25.84 -14.05 27.10
N SER A 80 26.89 -14.75 26.72
CA SER A 80 27.95 -14.15 25.93
C SER A 80 27.45 -13.85 24.51
N GLY A 81 26.65 -14.75 23.94
CA GLY A 81 25.94 -14.46 22.72
C GLY A 81 26.73 -14.67 21.43
N TYR A 82 25.98 -14.52 20.36
CA TYR A 82 26.51 -14.54 18.99
C TYR A 82 25.65 -13.60 18.15
N GLN A 83 26.19 -13.20 16.99
CA GLN A 83 25.49 -12.41 15.99
C GLN A 83 25.52 -13.18 14.67
N VAL A 84 24.50 -12.99 13.85
CA VAL A 84 24.43 -13.65 12.53
C VAL A 84 24.55 -12.58 11.46
N HIS A 85 25.39 -12.84 10.47
CA HIS A 85 25.57 -11.96 9.33
C HIS A 85 25.38 -12.80 8.09
N ARG A 86 24.28 -12.58 7.38
CA ARG A 86 23.83 -13.52 6.33
C ARG A 86 23.64 -12.80 5.00
N THR A 87 24.04 -13.50 3.93
CA THR A 87 23.77 -13.07 2.58
C THR A 87 22.96 -14.15 1.87
N ILE A 88 22.04 -13.73 1.01
CA ILE A 88 21.29 -14.66 0.16
C ILE A 88 21.31 -14.09 -1.26
N GLN A 89 21.82 -14.87 -2.21
N GLN A 89 21.81 -14.88 -2.20
CA GLN A 89 21.86 -14.49 -3.61
CA GLN A 89 21.86 -14.49 -3.61
C GLN A 89 20.88 -15.37 -4.37
C GLN A 89 20.88 -15.37 -4.37
N TYR A 90 19.89 -14.74 -5.02
CA TYR A 90 18.86 -15.44 -5.72
C TYR A 90 19.20 -15.56 -7.21
N GLU A 91 18.63 -16.60 -7.84
CA GLU A 91 19.02 -16.92 -9.22
C GLU A 91 18.65 -15.83 -10.21
N ASP A 92 17.64 -15.02 -9.91
CA ASP A 92 17.21 -13.96 -10.83
C ASP A 92 17.88 -12.63 -10.53
N GLY A 93 18.95 -12.63 -9.71
CA GLY A 93 19.76 -11.48 -9.53
C GLY A 93 19.43 -10.66 -8.29
N ALA A 94 18.37 -11.03 -7.58
CA ALA A 94 18.03 -10.37 -6.33
C ALA A 94 19.02 -10.76 -5.23
N SER A 95 19.09 -9.89 -4.22
N SER A 95 19.10 -9.88 -4.22
CA SER A 95 19.96 -10.18 -3.10
CA SER A 95 20.02 -10.08 -3.12
C SER A 95 19.33 -9.69 -1.79
C SER A 95 19.34 -9.67 -1.79
N VAL A 96 19.58 -10.47 -0.74
CA VAL A 96 19.18 -10.11 0.62
C VAL A 96 20.41 -10.14 1.50
N THR A 97 20.52 -9.13 2.38
CA THR A 97 21.53 -9.15 3.41
C THR A 97 20.75 -9.02 4.73
N ALA A 98 21.30 -9.65 5.77
CA ALA A 98 20.60 -9.68 7.06
C ALA A 98 21.61 -9.71 8.19
N HIS A 99 21.19 -9.10 9.30
CA HIS A 99 21.99 -9.08 10.50
C HIS A 99 21.06 -9.31 11.68
N TYR A 100 21.36 -10.35 12.46
CA TYR A 100 20.54 -10.74 13.61
C TYR A 100 21.29 -10.50 14.90
N ARG A 101 20.65 -9.75 15.80
CA ARG A 101 21.11 -9.54 17.15
C ARG A 101 20.06 -10.05 18.11
N TYR A 102 20.51 -10.56 19.25
CA TYR A 102 19.63 -11.12 20.25
C TYR A 102 19.94 -10.58 21.64
N THR A 103 18.90 -10.51 22.46
CA THR A 103 19.09 -10.39 23.92
C THR A 103 18.29 -11.50 24.58
N TYR A 104 18.69 -11.83 25.80
CA TYR A 104 18.11 -12.93 26.52
C TYR A 104 17.59 -12.49 27.90
N GLU A 105 16.42 -13.00 28.25
CA GLU A 105 15.81 -12.75 29.57
C GLU A 105 15.32 -14.11 30.09
N GLY A 106 16.18 -14.77 30.87
CA GLY A 106 15.88 -16.14 31.28
C GLY A 106 15.76 -17.07 30.08
N SER A 107 14.62 -17.74 29.93
CA SER A 107 14.35 -18.64 28.83
C SER A 107 13.70 -17.92 27.63
N HIS A 108 13.67 -16.59 27.66
CA HIS A 108 13.07 -15.79 26.59
C HIS A 108 14.14 -15.13 25.72
N ILE A 109 13.91 -15.25 24.41
CA ILE A 109 14.81 -14.62 23.43
C ILE A 109 14.12 -13.42 22.79
N LYS A 110 14.83 -12.30 22.70
N LYS A 110 14.83 -12.30 22.70
CA LYS A 110 14.37 -11.17 21.90
CA LYS A 110 14.37 -11.16 21.92
C LYS A 110 15.28 -10.98 20.69
C LYS A 110 15.28 -10.98 20.69
N GLY A 111 14.71 -11.10 19.49
CA GLY A 111 15.44 -10.90 18.25
C GLY A 111 15.19 -9.54 17.63
N GLU A 112 16.27 -8.94 17.13
CA GLU A 112 16.20 -7.71 16.36
C GLU A 112 16.93 -8.01 15.06
N PHE A 113 16.16 -8.19 13.98
CA PHE A 113 16.71 -8.66 12.72
C PHE A 113 16.52 -7.61 11.63
N GLN A 114 17.63 -7.15 11.07
CA GLN A 114 17.58 -6.21 9.96
C GLN A 114 17.71 -7.02 8.67
N VAL A 115 16.77 -6.84 7.75
CA VAL A 115 16.72 -7.58 6.51
C VAL A 115 16.52 -6.58 5.38
N ILE A 116 17.46 -6.60 4.41
CA ILE A 116 17.41 -5.70 3.29
C ILE A 116 17.45 -6.53 2.03
N GLY A 117 16.45 -6.37 1.18
CA GLY A 117 16.42 -7.04 -0.12
C GLY A 117 16.35 -6.05 -1.26
N THR A 118 17.04 -6.33 -2.36
CA THR A 118 17.01 -5.50 -3.54
C THR A 118 17.07 -6.34 -4.81
N GLY A 119 16.65 -5.74 -5.91
CA GLY A 119 16.82 -6.40 -7.21
C GLY A 119 15.82 -7.52 -7.46
N PHE A 120 14.71 -7.56 -6.70
CA PHE A 120 13.66 -8.54 -7.01
C PHE A 120 12.92 -8.03 -8.24
N PRO A 121 12.91 -8.78 -9.35
CA PRO A 121 12.21 -8.27 -10.53
C PRO A 121 10.74 -8.08 -10.23
N PRO A 122 10.12 -6.98 -10.69
CA PRO A 122 8.70 -6.77 -10.43
C PRO A 122 7.78 -7.88 -10.98
N ASP A 123 8.23 -8.60 -12.02
CA ASP A 123 7.51 -9.69 -12.61
C ASP A 123 8.01 -11.06 -12.14
N GLY A 124 8.89 -11.09 -11.15
CA GLY A 124 9.47 -12.32 -10.63
C GLY A 124 8.59 -12.99 -9.59
N PRO A 125 8.99 -14.17 -9.11
CA PRO A 125 8.11 -14.98 -8.27
C PRO A 125 7.97 -14.45 -6.85
N VAL A 126 8.90 -13.60 -6.41
CA VAL A 126 8.78 -12.97 -5.10
C VAL A 126 7.75 -11.84 -5.17
N MET A 127 7.92 -10.90 -6.09
CA MET A 127 7.05 -9.73 -6.10
C MET A 127 5.64 -10.10 -6.59
N THR A 128 5.48 -11.22 -7.30
CA THR A 128 4.16 -11.65 -7.78
C THR A 128 3.63 -12.87 -7.01
N ASN A 129 4.21 -13.20 -5.85
CA ASN A 129 3.61 -14.18 -4.93
C ASN A 129 3.40 -15.56 -5.58
N LYS A 130 4.45 -16.07 -6.27
CA LYS A 130 4.39 -17.39 -6.92
C LYS A 130 5.10 -18.45 -6.09
N LEU A 131 5.76 -18.07 -4.99
CA LEU A 131 6.43 -19.08 -4.16
C LEU A 131 5.38 -19.89 -3.41
N THR A 132 5.55 -21.22 -3.37
CA THR A 132 4.56 -22.09 -2.74
C THR A 132 5.04 -22.85 -1.51
N ALA A 133 6.33 -23.09 -1.37
CA ALA A 133 6.89 -23.81 -0.23
C ALA A 133 8.41 -23.63 -0.31
N MET A 134 9.03 -23.85 0.83
CA MET A 134 10.51 -23.86 0.89
C MET A 134 10.92 -25.33 0.96
N ASP A 135 11.81 -25.76 0.08
CA ASP A 135 12.30 -27.10 0.13
C ASP A 135 13.07 -27.34 1.44
N TRP A 136 12.98 -28.58 1.95
CA TRP A 136 13.83 -29.02 3.03
C TRP A 136 15.29 -28.79 2.63
N SER A 137 16.11 -28.48 3.64
CA SER A 137 17.49 -28.06 3.36
C SER A 137 18.52 -28.76 4.25
N VAL A 138 19.75 -28.79 3.76
CA VAL A 138 20.91 -29.14 4.54
C VAL A 138 21.91 -27.98 4.49
N THR A 139 22.31 -27.52 5.69
CA THR A 139 23.32 -26.55 5.84
C THR A 139 24.60 -27.22 6.30
N LYS A 140 25.73 -26.79 5.71
CA LYS A 140 27.06 -27.23 6.17
C LYS A 140 27.70 -26.15 7.01
N MET A 141 28.19 -26.53 8.18
CA MET A 141 28.91 -25.63 9.08
C MET A 141 30.37 -26.05 9.23
N LEU A 142 31.24 -25.07 9.13
CA LEU A 142 32.66 -25.19 9.47
C LEU A 142 33.02 -24.06 10.44
N TYR A 143 34.13 -24.28 11.17
CA TYR A 143 34.56 -23.31 12.17
C TYR A 143 35.96 -22.83 11.79
N PRO A 144 36.10 -21.81 10.93
CA PRO A 144 37.42 -21.38 10.51
C PRO A 144 38.28 -20.87 11.67
N ASN A 145 37.62 -20.37 12.73
CA ASN A 145 38.35 -20.04 13.96
C ASN A 145 37.38 -20.29 15.11
N ASP A 146 37.89 -20.18 16.34
CA ASP A 146 37.14 -20.64 17.48
C ASP A 146 35.94 -19.75 17.83
N LYS A 147 35.79 -18.59 17.19
N LYS A 147 35.79 -18.58 17.19
CA LYS A 147 34.68 -17.72 17.46
CA LYS A 147 34.67 -17.70 17.45
C LYS A 147 33.80 -17.48 16.23
C LYS A 147 33.81 -17.47 16.22
N THR A 148 34.02 -18.24 15.15
CA THR A 148 33.34 -17.95 13.88
C THR A 148 32.86 -19.24 13.24
N ILE A 149 31.56 -19.30 12.95
CA ILE A 149 30.99 -20.36 12.11
C ILE A 149 30.75 -19.80 10.70
N LEU A 150 31.18 -20.54 9.69
CA LEU A 150 30.76 -20.29 8.33
C LEU A 150 29.74 -21.36 7.96
N SER A 151 28.55 -20.92 7.60
CA SER A 151 27.44 -21.86 7.24
C SER A 151 27.00 -21.56 5.82
N THR A 152 26.82 -22.61 5.03
CA THR A 152 26.41 -22.50 3.63
C THR A 152 25.25 -23.47 3.35
N ALA A 153 24.33 -23.03 2.51
CA ALA A 153 23.25 -23.87 2.03
C ALA A 153 22.85 -23.43 0.63
N ASP A 154 22.45 -24.42 -0.18
CA ASP A 154 21.80 -24.19 -1.44
C ASP A 154 20.30 -24.37 -1.19
N CYS A 155 19.54 -23.28 -1.33
CA CYS A 155 18.13 -23.25 -0.94
C CYS A 155 17.25 -23.19 -2.19
N SER A 156 16.02 -23.64 -2.04
CA SER A 156 15.09 -23.59 -3.17
C SER A 156 13.67 -23.54 -2.66
N TYR A 157 12.85 -22.81 -3.41
CA TYR A 157 11.40 -22.77 -3.23
C TYR A 157 10.75 -23.44 -4.43
N THR A 158 9.63 -24.12 -4.19
CA THR A 158 8.74 -24.46 -5.26
C THR A 158 7.91 -23.24 -5.64
N THR A 159 7.42 -23.22 -6.88
CA THR A 159 6.62 -22.10 -7.38
C THR A 159 5.41 -22.66 -8.13
N THR A 160 4.48 -21.73 -8.43
CA THR A 160 3.30 -22.08 -9.19
C THR A 160 3.67 -22.34 -10.66
N ALA A 161 4.80 -21.82 -11.12
CA ALA A 161 5.23 -21.99 -12.52
C ALA A 161 5.86 -23.38 -12.70
N GLY A 162 5.96 -24.16 -11.61
CA GLY A 162 6.50 -25.52 -11.63
C GLY A 162 8.03 -25.56 -11.66
N LYS A 163 8.71 -24.42 -11.77
CA LYS A 163 10.15 -24.37 -11.71
C LYS A 163 10.53 -23.85 -10.32
N ARG A 164 11.61 -24.38 -9.80
CA ARG A 164 12.09 -23.95 -8.49
C ARG A 164 12.77 -22.58 -8.61
N TYR A 165 12.79 -21.91 -7.48
CA TYR A 165 13.43 -20.59 -7.33
C TYR A 165 14.57 -20.79 -6.32
N GLN A 166 15.81 -20.71 -6.85
CA GLN A 166 16.99 -21.15 -6.11
C GLN A 166 17.77 -19.96 -5.58
N SER A 167 18.47 -20.22 -4.46
CA SER A 167 19.34 -19.22 -3.87
C SER A 167 20.54 -19.90 -3.23
N LYS A 168 21.58 -19.09 -3.03
N LYS A 168 21.58 -19.08 -3.03
CA LYS A 168 22.76 -19.47 -2.26
CA LYS A 168 22.77 -19.46 -2.27
C LYS A 168 22.75 -18.66 -0.98
C LYS A 168 22.74 -18.67 -0.97
N MET A 169 22.75 -19.36 0.15
N MET A 169 22.73 -19.36 0.15
CA MET A 169 22.71 -18.70 1.44
CA MET A 169 22.69 -18.71 1.45
C MET A 169 24.05 -18.95 2.13
C MET A 169 24.03 -18.95 2.14
N ARG A 170 24.63 -17.87 2.66
N ARG A 170 24.60 -17.89 2.70
CA ARG A 170 25.91 -17.94 3.30
CA ARG A 170 25.89 -17.95 3.30
C ARG A 170 25.83 -17.05 4.54
C ARG A 170 25.85 -17.04 4.53
N GLU A 171 26.51 -17.45 5.60
CA GLU A 171 26.54 -16.60 6.78
C GLU A 171 27.75 -16.85 7.63
N ASN A 172 28.14 -15.83 8.38
CA ASN A 172 28.99 -16.02 9.52
C ASN A 172 28.14 -15.89 10.79
N ASN A 173 28.48 -16.71 11.77
CA ASN A 173 27.96 -16.56 13.11
C ASN A 173 29.16 -16.24 13.98
N THR A 174 29.15 -15.08 14.62
CA THR A 174 30.30 -14.53 15.33
C THR A 174 30.01 -14.53 16.82
N PHE A 175 30.86 -15.22 17.57
CA PHE A 175 30.66 -15.46 19.00
C PHE A 175 31.58 -14.56 19.82
N ALA A 176 31.08 -14.05 20.95
CA ALA A 176 31.89 -13.23 21.84
C ALA A 176 32.96 -14.03 22.57
N LYS A 177 32.63 -15.29 22.89
N LYS A 177 32.65 -15.30 22.83
CA LYS A 177 33.53 -16.24 23.57
CA LYS A 177 33.50 -16.22 23.55
C LYS A 177 33.81 -17.40 22.63
C LYS A 177 33.79 -17.41 22.64
N PRO A 178 34.99 -18.05 22.72
CA PRO A 178 35.24 -19.25 21.92
C PRO A 178 34.16 -20.31 22.11
N MET A 179 33.82 -21.00 21.03
CA MET A 179 33.02 -22.21 21.12
C MET A 179 33.86 -23.31 21.80
N ALA A 180 33.19 -24.19 22.54
CA ALA A 180 33.85 -25.20 23.32
C ALA A 180 34.52 -26.23 22.42
N ALA A 181 35.52 -26.90 22.96
CA ALA A 181 36.25 -27.94 22.22
C ALA A 181 35.31 -29.05 21.70
N ASP A 182 34.28 -29.42 22.45
CA ASP A 182 33.38 -30.49 21.99
C ASP A 182 32.56 -30.07 20.75
N ILE A 183 32.51 -28.78 20.48
CA ILE A 183 31.94 -28.27 19.24
C ILE A 183 33.02 -28.28 18.14
N LEU A 184 34.17 -27.66 18.43
CA LEU A 184 35.19 -27.46 17.42
C LEU A 184 35.74 -28.79 16.89
N GLN A 185 35.68 -29.84 17.71
CA GLN A 185 36.24 -31.13 17.33
C GLN A 185 35.45 -31.88 16.27
N LYS A 186 34.20 -31.45 16.02
CA LYS A 186 33.32 -32.20 15.18
C LYS A 186 32.94 -31.34 13.97
N GLN A 187 33.67 -31.53 12.87
CA GLN A 187 33.46 -30.78 11.66
C GLN A 187 33.59 -31.75 10.48
N PRO A 188 32.86 -31.50 9.39
CA PRO A 188 31.76 -30.55 9.30
C PRO A 188 30.58 -30.99 10.17
N MET A 189 29.76 -30.01 10.57
CA MET A 189 28.47 -30.28 11.20
C MET A 189 27.38 -29.88 10.22
N PHE A 190 26.43 -30.77 9.96
CA PHE A 190 25.33 -30.46 9.06
C PHE A 190 24.07 -30.19 9.88
N VAL A 191 23.15 -29.43 9.28
CA VAL A 191 21.86 -29.23 9.92
C VAL A 191 20.75 -29.37 8.89
N PHE A 192 19.83 -30.31 9.15
CA PHE A 192 18.66 -30.51 8.30
C PHE A 192 17.54 -29.60 8.80
N ARG A 193 16.85 -28.89 7.90
CA ARG A 193 15.75 -28.04 8.32
C ARG A 193 14.54 -28.24 7.42
N LYS A 194 13.38 -28.26 8.08
CA LYS A 194 12.05 -28.26 7.47
C LYS A 194 11.35 -26.99 7.95
N SER A 195 10.62 -26.33 7.04
N SER A 195 10.64 -26.32 7.03
CA SER A 195 9.90 -25.14 7.36
CA SER A 195 9.94 -25.10 7.33
C SER A 195 8.46 -25.27 6.84
C SER A 195 8.51 -25.22 6.82
N GLU A 196 7.52 -24.69 7.59
N GLU A 196 7.57 -24.63 7.55
CA GLU A 196 6.12 -24.60 7.18
CA GLU A 196 6.15 -24.58 7.18
C GLU A 196 5.65 -23.17 7.40
C GLU A 196 5.65 -23.16 7.40
N LEU A 197 4.98 -22.58 6.40
CA LEU A 197 4.46 -21.24 6.51
C LEU A 197 3.04 -21.18 5.99
N GLN A 198 2.18 -20.52 6.76
CA GLN A 198 0.83 -20.18 6.36
C GLN A 198 0.73 -18.67 6.47
N HIS A 199 0.07 -18.00 5.51
CA HIS A 199 -0.05 -16.58 5.61
C HIS A 199 -1.34 -16.06 4.99
N SER A 200 -1.74 -14.87 5.46
CA SER A 200 -2.88 -14.10 4.97
C SER A 200 -2.39 -12.71 4.58
N LYS A 201 -3.28 -11.75 4.39
CA LYS A 201 -2.85 -10.40 4.02
C LYS A 201 -2.25 -9.68 5.24
N THR A 202 -2.65 -10.07 6.45
CA THR A 202 -2.25 -9.30 7.64
C THR A 202 -1.25 -10.02 8.55
N GLU A 203 -1.09 -11.34 8.41
CA GLU A 203 -0.34 -12.12 9.37
C GLU A 203 0.15 -13.47 8.81
N LEU A 204 1.01 -14.13 9.60
CA LEU A 204 1.50 -15.45 9.23
C LEU A 204 1.75 -16.30 10.47
N THR A 205 1.80 -17.62 10.25
CA THR A 205 2.18 -18.61 11.23
C THR A 205 3.29 -19.46 10.60
N PHE A 206 4.36 -19.66 11.35
CA PHE A 206 5.58 -20.28 10.90
C PHE A 206 5.99 -21.40 11.85
N LYS A 207 6.45 -22.51 11.29
CA LYS A 207 7.05 -23.59 12.08
C LYS A 207 8.38 -24.01 11.43
N GLU A 208 9.34 -24.38 12.26
CA GLU A 208 10.60 -24.91 11.78
C GLU A 208 11.01 -26.08 12.65
N TRP A 209 11.60 -27.09 12.02
CA TRP A 209 12.23 -28.22 12.68
C TRP A 209 13.66 -28.27 12.19
N GLN A 210 14.60 -28.43 13.10
CA GLN A 210 16.01 -28.44 12.79
C GLN A 210 16.67 -29.62 13.49
N LYS A 211 17.59 -30.29 12.79
N LYS A 211 17.60 -30.28 12.80
CA LYS A 211 18.31 -31.42 13.37
CA LYS A 211 18.31 -31.42 13.37
C LYS A 211 19.77 -31.41 12.89
C LYS A 211 19.77 -31.41 12.89
N ALA A 212 20.68 -31.32 13.85
CA ALA A 212 22.12 -31.39 13.57
C ALA A 212 22.55 -32.84 13.39
N PHE A 213 23.48 -33.05 12.47
CA PHE A 213 24.02 -34.37 12.24
C PHE A 213 25.43 -34.30 11.69
N THR A 214 26.28 -35.26 12.10
CA THR A 214 27.59 -35.42 11.50
C THR A 214 27.64 -36.55 10.50
N ASP A 215 26.60 -37.39 10.49
CA ASP A 215 26.57 -38.64 9.72
C ASP A 215 25.10 -39.04 9.55
N VAL A 216 24.81 -39.86 8.56
CA VAL A 216 23.50 -40.52 8.37
C VAL A 216 23.66 -42.05 8.28
N MET A 217 24.89 -42.57 8.27
CA MET A 217 25.21 -44.00 8.03
C MET A 217 25.29 -44.80 9.33
N PRO B 2 20.66 20.52 -7.34
CA PRO B 2 22.02 20.94 -7.69
C PRO B 2 22.96 19.74 -7.84
N LEU B 3 24.09 19.97 -8.50
CA LEU B 3 25.24 19.05 -8.45
C LEU B 3 25.95 19.20 -7.11
N PRO B 4 26.61 18.14 -6.61
CA PRO B 4 27.29 18.24 -5.34
C PRO B 4 28.65 18.95 -5.42
N LYS B 5 29.02 19.59 -4.31
CA LYS B 5 30.35 20.17 -4.17
C LYS B 5 31.04 19.72 -2.89
N THR B 6 30.27 19.40 -1.87
CA THR B 6 30.83 18.97 -0.59
C THR B 6 30.01 17.78 -0.08
N HIS B 7 30.60 17.06 0.87
CA HIS B 7 29.92 15.91 1.42
C HIS B 7 30.43 15.61 2.83
N GLU B 8 29.58 14.92 3.58
CA GLU B 8 30.00 14.36 4.84
C GLU B 8 29.66 12.89 4.85
N LEU B 9 30.41 12.14 5.67
N LEU B 9 30.41 12.15 5.69
CA LEU B 9 30.27 10.71 5.79
CA LEU B 9 30.30 10.72 5.79
C LEU B 9 30.06 10.34 7.25
C LEU B 9 30.07 10.33 7.24
N HIS B 10 29.15 9.39 7.46
CA HIS B 10 28.97 8.71 8.70
C HIS B 10 28.91 7.23 8.36
N ILE B 11 29.94 6.48 8.76
CA ILE B 11 29.95 5.01 8.58
C ILE B 11 29.79 4.41 9.96
N PHE B 12 28.86 3.45 10.08
CA PHE B 12 28.64 2.78 11.33
C PHE B 12 28.38 1.30 11.01
N GLY B 13 28.67 0.45 11.98
CA GLY B 13 28.47 -0.97 11.82
C GLY B 13 29.47 -1.70 12.66
N SER B 14 30.04 -2.77 12.10
CA SER B 14 30.93 -3.60 12.89
C SER B 14 31.83 -4.40 11.95
N PHE B 15 33.00 -4.79 12.45
CA PHE B 15 33.90 -5.71 11.77
C PHE B 15 34.22 -6.83 12.75
N ASN B 16 33.92 -8.06 12.34
CA ASN B 16 34.18 -9.24 13.17
C ASN B 16 33.50 -9.07 14.54
N GLY B 17 32.29 -8.50 14.55
CA GLY B 17 31.50 -8.39 15.79
C GLY B 17 31.83 -7.16 16.63
N VAL B 18 32.84 -6.38 16.24
CA VAL B 18 33.26 -5.24 17.05
C VAL B 18 32.73 -3.95 16.40
N GLU B 19 31.96 -3.20 17.14
CA GLU B 19 31.35 -1.98 16.64
C GLU B 19 32.40 -0.98 16.17
N PHE B 20 32.11 -0.28 15.08
N PHE B 20 31.97 -0.23 15.15
CA PHE B 20 32.94 0.90 14.75
CA PHE B 20 32.78 0.71 14.41
C PHE B 20 32.02 2.00 14.23
C PHE B 20 31.97 2.00 14.18
N ASP B 21 32.59 3.19 14.30
CA ASP B 21 31.90 4.41 13.94
C ASP B 21 32.93 5.40 13.45
N MET B 22 32.69 6.00 12.28
CA MET B 22 33.62 6.98 11.76
C MET B 22 32.83 8.10 11.08
N VAL B 23 33.35 9.32 11.18
CA VAL B 23 32.78 10.45 10.47
C VAL B 23 33.90 11.13 9.70
N GLY B 24 33.53 11.72 8.59
CA GLY B 24 34.48 12.48 7.76
C GLY B 24 33.78 13.54 6.94
N ARG B 25 34.59 14.35 6.31
N ARG B 25 34.60 14.33 6.30
CA ARG B 25 34.09 15.47 5.48
CA ARG B 25 34.09 15.45 5.47
C ARG B 25 34.94 15.54 4.22
C ARG B 25 34.95 15.56 4.21
N GLY B 26 34.33 15.96 3.13
CA GLY B 26 35.05 16.04 1.88
C GLY B 26 34.49 17.04 0.89
N ILE B 27 35.09 16.99 -0.28
CA ILE B 27 34.79 17.85 -1.43
C ILE B 27 34.79 16.99 -2.69
N GLY B 28 34.24 17.52 -3.79
CA GLY B 28 34.44 16.88 -5.06
C GLY B 28 34.06 17.76 -6.21
N ASN B 29 34.32 17.24 -7.41
CA ASN B 29 34.07 17.94 -8.66
C ASN B 29 33.17 17.07 -9.52
N PRO B 30 31.87 17.38 -9.59
CA PRO B 30 30.89 16.51 -10.25
C PRO B 30 31.00 16.57 -11.78
N ASN B 31 31.79 17.51 -12.30
CA ASN B 31 32.05 17.57 -13.75
C ASN B 31 33.23 16.67 -14.14
N GLU B 32 34.04 16.27 -13.17
CA GLU B 32 35.25 15.54 -13.44
C GLU B 32 35.28 14.16 -12.77
N GLY B 33 34.32 13.84 -11.91
CA GLY B 33 34.33 12.54 -11.24
C GLY B 33 35.42 12.42 -10.20
N SER B 34 35.74 13.51 -9.51
CA SER B 34 36.76 13.46 -8.49
C SER B 34 36.17 13.81 -7.11
N GLU B 35 36.75 13.20 -6.07
CA GLU B 35 36.34 13.51 -4.70
C GLU B 35 37.54 13.31 -3.78
N GLU B 36 37.47 13.95 -2.61
N GLU B 36 37.45 13.93 -2.61
CA GLU B 36 38.46 13.80 -1.57
CA GLU B 36 38.46 13.79 -1.57
C GLU B 36 37.74 13.87 -0.23
C GLU B 36 37.75 13.89 -0.22
N LEU B 37 38.20 13.08 0.73
CA LEU B 37 37.61 13.01 2.04
C LEU B 37 38.69 12.88 3.11
N ASN B 38 38.49 13.55 4.25
CA ASN B 38 39.33 13.38 5.43
C ASN B 38 38.45 12.85 6.55
N ALA B 39 39.01 11.93 7.35
CA ALA B 39 38.31 11.39 8.52
C ALA B 39 39.34 11.20 9.62
N LYS B 40 39.02 11.73 10.81
CA LYS B 40 39.86 11.51 12.00
C LYS B 40 39.25 10.35 12.79
N PHE B 41 40.10 9.52 13.37
CA PHE B 41 39.59 8.43 14.21
C PHE B 41 39.08 8.96 15.57
N THR B 42 37.84 8.61 15.91
CA THR B 42 37.17 9.22 17.08
C THR B 42 37.26 8.37 18.34
N LYS B 43 37.53 7.07 18.25
CA LYS B 43 37.61 6.28 19.48
C LYS B 43 38.70 5.24 19.34
N GLY B 44 39.90 5.77 19.20
CA GLY B 44 41.07 5.00 19.26
C GLY B 44 41.47 4.48 17.90
N PRO B 45 42.60 3.75 17.87
CA PRO B 45 43.17 3.29 16.60
C PRO B 45 42.25 2.30 15.87
N LEU B 46 42.33 2.23 14.52
CA LEU B 46 41.47 1.31 13.72
C LEU B 46 41.99 -0.10 13.93
N LYS B 47 41.06 -1.03 14.12
CA LYS B 47 41.35 -2.39 14.49
C LYS B 47 41.51 -3.31 13.27
N PHE B 48 41.56 -2.73 12.07
CA PHE B 48 41.68 -3.47 10.81
C PHE B 48 42.27 -2.50 9.76
N SER B 49 42.71 -3.03 8.63
CA SER B 49 43.29 -2.21 7.56
C SER B 49 42.31 -1.11 7.14
N PRO B 50 42.74 0.16 7.13
CA PRO B 50 41.87 1.20 6.60
C PRO B 50 41.52 1.02 5.13
N TYR B 51 42.36 0.26 4.38
CA TYR B 51 42.09 0.04 2.97
C TYR B 51 40.78 -0.72 2.76
N ILE B 52 40.34 -1.50 3.75
CA ILE B 52 39.08 -2.23 3.63
C ILE B 52 37.89 -1.27 3.51
N LEU B 53 38.09 -0.01 3.91
CA LEU B 53 36.98 0.96 3.87
C LEU B 53 36.81 1.63 2.52
N VAL B 54 37.76 1.44 1.59
CA VAL B 54 37.79 2.22 0.34
C VAL B 54 36.44 2.35 -0.35
N PRO B 55 35.73 1.24 -0.67
CA PRO B 55 34.48 1.38 -1.42
C PRO B 55 33.39 2.14 -0.66
N HIS B 56 33.50 2.10 0.66
CA HIS B 56 32.55 2.77 1.55
C HIS B 56 32.88 4.26 1.75
N LEU B 57 34.13 4.65 1.52
CA LEU B 57 34.49 6.05 1.60
C LEU B 57 34.08 6.79 0.33
N1 CR2 B 58 34.00 6.10 -0.81
CA1 CR2 B 58 33.61 6.70 -2.11
C1 CR2 B 58 32.92 5.63 -2.88
N2 CR2 B 58 33.58 4.80 -3.69
N3 CR2 B 58 31.61 5.32 -2.78
C2 CR2 B 58 31.38 4.20 -3.52
O2 CR2 B 58 30.27 3.61 -3.63
CA2 CR2 B 58 32.65 3.89 -4.12
CA3 CR2 B 58 30.61 5.88 -1.89
C3 CR2 B 58 29.81 7.05 -2.34
O3 CR2 B 58 28.79 7.29 -1.70
CB2 CR2 B 58 32.81 2.76 -4.97
CG2 CR2 B 58 34.00 2.15 -5.54
CD1 CR2 B 58 35.30 2.52 -5.19
CD2 CR2 B 58 33.85 1.05 -6.39
CE1 CR2 B 58 36.38 1.85 -5.73
CE2 CR2 B 58 34.94 0.38 -6.93
CZ CR2 B 58 36.22 0.76 -6.60
OH CR2 B 58 37.26 0.18 -7.12
N TYR B 59 30.26 7.81 -3.34
CA TYR B 59 29.60 9.06 -3.66
C TYR B 59 29.50 9.20 -5.18
N TYR B 60 28.58 8.45 -5.76
CA TYR B 60 28.41 8.45 -7.23
C TYR B 60 27.77 9.75 -7.74
N GLN B 61 27.30 10.57 -6.80
CA GLN B 61 26.80 11.89 -7.23
C GLN B 61 27.90 12.77 -7.84
N TYR B 62 29.17 12.43 -7.60
CA TYR B 62 30.28 13.15 -8.26
C TYR B 62 30.57 12.59 -9.65
N LEU B 63 29.93 11.50 -10.06
CA LEU B 63 30.20 10.86 -11.36
C LEU B 63 29.30 11.44 -12.44
N PRO B 64 29.83 12.16 -13.45
CA PRO B 64 29.03 12.51 -14.61
C PRO B 64 28.97 11.33 -15.58
N PHE B 65 27.98 11.31 -16.48
CA PHE B 65 27.99 10.35 -17.57
C PHE B 65 28.64 10.96 -18.80
N PRO B 66 28.85 10.15 -19.86
CA PRO B 66 29.59 10.65 -21.00
C PRO B 66 28.90 11.82 -21.70
N ASP B 67 27.56 11.77 -21.79
N ASP B 67 27.57 11.84 -21.78
CA ASP B 67 26.76 12.67 -22.60
CA ASP B 67 26.91 12.90 -22.55
C ASP B 67 25.92 13.64 -21.73
C ASP B 67 25.93 13.71 -21.71
N GLY B 68 26.01 13.58 -20.38
CA GLY B 68 25.13 14.31 -19.51
C GLY B 68 25.28 13.83 -18.09
N MET B 69 24.39 14.29 -17.22
N MET B 69 24.39 14.26 -17.21
CA MET B 69 24.35 13.90 -15.82
CA MET B 69 24.57 13.89 -15.83
C MET B 69 24.22 12.38 -15.71
C MET B 69 24.23 12.40 -15.67
N SER B 70 24.89 11.79 -14.71
CA SER B 70 24.62 10.38 -14.39
C SER B 70 23.25 10.25 -13.76
N PRO B 71 22.67 9.03 -13.68
CA PRO B 71 21.40 8.89 -12.98
C PRO B 71 21.53 9.28 -11.51
N PHE B 72 22.71 9.06 -10.94
CA PHE B 72 22.95 9.42 -9.53
C PHE B 72 22.79 10.95 -9.36
N GLN B 73 23.43 11.69 -10.26
CA GLN B 73 23.34 13.14 -10.25
C GLN B 73 21.91 13.61 -10.51
N ALA B 74 21.21 12.99 -11.45
CA ALA B 74 19.83 13.38 -11.73
C ALA B 74 18.95 13.22 -10.49
N ALA B 75 19.13 12.11 -9.77
CA ALA B 75 18.30 11.77 -8.61
C ALA B 75 18.64 12.66 -7.40
N MET B 76 19.87 13.12 -7.28
CA MET B 76 20.19 14.13 -6.29
C MET B 76 19.54 15.44 -6.67
N HIS B 77 19.68 15.80 -7.96
CA HIS B 77 19.25 17.14 -8.40
C HIS B 77 17.73 17.30 -8.32
N ASP B 78 16.93 16.28 -8.54
CA ASP B 78 15.49 16.42 -8.43
C ASP B 78 14.97 16.02 -7.05
N GLY B 79 15.88 15.63 -6.16
CA GLY B 79 15.58 15.27 -4.77
C GLY B 79 15.00 13.87 -4.58
N SER B 80 14.72 13.15 -5.65
CA SER B 80 14.04 11.84 -5.53
C SER B 80 14.97 10.79 -4.93
N GLY B 81 16.25 10.82 -5.30
CA GLY B 81 17.25 10.03 -4.60
C GLY B 81 17.33 8.56 -5.01
N TYR B 82 18.38 7.93 -4.49
CA TYR B 82 18.62 6.50 -4.66
C TYR B 82 19.28 5.98 -3.39
N GLN B 83 19.25 4.65 -3.24
CA GLN B 83 19.86 3.93 -2.14
C GLN B 83 20.79 2.87 -2.74
N VAL B 84 21.87 2.56 -2.02
CA VAL B 84 22.82 1.54 -2.48
C VAL B 84 22.80 0.35 -1.52
N HIS B 85 22.71 -0.85 -2.09
CA HIS B 85 22.73 -2.11 -1.33
C HIS B 85 23.82 -2.99 -1.92
N ARG B 86 24.89 -3.18 -1.15
CA ARG B 86 26.13 -3.75 -1.68
C ARG B 86 26.58 -4.96 -0.87
N THR B 87 27.08 -5.97 -1.59
N THR B 87 27.08 -5.98 -1.58
CA THR B 87 27.76 -7.10 -0.97
CA THR B 87 27.74 -7.15 -0.96
C THR B 87 29.17 -7.21 -1.53
C THR B 87 29.16 -7.23 -1.52
N ILE B 88 30.11 -7.55 -0.65
CA ILE B 88 31.48 -7.82 -1.06
C ILE B 88 31.88 -9.16 -0.45
N GLN B 89 32.27 -10.10 -1.32
CA GLN B 89 32.74 -11.42 -0.88
C GLN B 89 34.23 -11.53 -1.14
N TYR B 90 34.99 -11.75 -0.09
CA TYR B 90 36.45 -11.78 -0.18
C TYR B 90 36.95 -13.22 -0.33
N GLU B 91 38.12 -13.37 -0.97
CA GLU B 91 38.59 -14.71 -1.32
C GLU B 91 38.91 -15.61 -0.13
N ASP B 92 39.18 -15.03 1.05
CA ASP B 92 39.49 -15.80 2.24
C ASP B 92 38.23 -16.06 3.09
N GLY B 93 37.04 -15.85 2.52
CA GLY B 93 35.83 -16.17 3.21
C GLY B 93 35.18 -15.05 4.00
N ALA B 94 35.78 -13.88 4.04
CA ALA B 94 35.17 -12.73 4.71
C ALA B 94 34.06 -12.16 3.84
N SER B 95 33.13 -11.44 4.49
N SER B 95 33.14 -11.44 4.49
CA SER B 95 32.05 -10.82 3.76
CA SER B 95 31.96 -10.88 3.85
C SER B 95 31.73 -9.47 4.38
C SER B 95 31.72 -9.48 4.40
N VAL B 96 31.37 -8.54 3.51
CA VAL B 96 30.90 -7.22 3.91
C VAL B 96 29.57 -6.98 3.23
N THR B 97 28.61 -6.47 4.00
CA THR B 97 27.38 -5.99 3.44
C THR B 97 27.25 -4.52 3.82
N ALA B 98 26.61 -3.75 2.96
CA ALA B 98 26.56 -2.31 3.16
C ALA B 98 25.26 -1.74 2.60
N HIS B 99 24.77 -0.69 3.28
CA HIS B 99 23.59 0.02 2.80
C HIS B 99 23.86 1.51 2.96
N TYR B 100 23.73 2.23 1.86
CA TYR B 100 24.03 3.65 1.84
C TYR B 100 22.75 4.45 1.59
N ARG B 101 22.50 5.41 2.48
CA ARG B 101 21.39 6.36 2.36
C ARG B 101 21.99 7.76 2.39
N TYR B 102 21.32 8.65 1.66
CA TYR B 102 21.80 10.03 1.52
C TYR B 102 20.67 11.02 1.79
N THR B 103 21.07 12.19 2.33
CA THR B 103 20.22 13.37 2.31
C THR B 103 21.03 14.50 1.71
N TYR B 104 20.32 15.51 1.20
CA TYR B 104 20.93 16.58 0.45
C TYR B 104 20.49 17.92 1.04
N GLU B 105 21.46 18.82 1.13
CA GLU B 105 21.27 20.21 1.55
C GLU B 105 21.94 21.10 0.51
N GLY B 106 21.17 21.53 -0.48
CA GLY B 106 21.78 22.25 -1.59
C GLY B 106 22.81 21.36 -2.26
N SER B 107 24.05 21.85 -2.39
CA SER B 107 25.13 21.12 -3.03
C SER B 107 25.92 20.25 -2.03
N HIS B 108 25.40 20.08 -0.81
CA HIS B 108 26.04 19.27 0.20
C HIS B 108 25.33 17.92 0.37
N ILE B 109 26.13 16.86 0.33
CA ILE B 109 25.61 15.50 0.53
C ILE B 109 25.90 15.06 1.96
N LYS B 110 24.91 14.43 2.61
CA LYS B 110 25.14 13.74 3.89
C LYS B 110 24.91 12.24 3.69
N GLY B 111 25.95 11.45 3.89
CA GLY B 111 25.82 10.00 3.77
C GLY B 111 25.73 9.32 5.11
N GLU B 112 24.83 8.33 5.21
CA GLU B 112 24.66 7.45 6.37
C GLU B 112 24.87 6.04 5.84
N PHE B 113 26.05 5.48 6.12
CA PHE B 113 26.45 4.20 5.54
C PHE B 113 26.59 3.15 6.64
N GLN B 114 25.76 2.11 6.56
CA GLN B 114 25.89 1.00 7.46
C GLN B 114 26.75 -0.06 6.77
N VAL B 115 27.82 -0.47 7.45
CA VAL B 115 28.80 -1.41 6.90
C VAL B 115 29.03 -2.50 7.95
N ILE B 116 28.80 -3.75 7.55
CA ILE B 116 28.98 -4.89 8.45
C ILE B 116 29.93 -5.87 7.78
N GLY B 117 31.04 -6.19 8.45
CA GLY B 117 31.98 -7.17 7.96
C GLY B 117 32.14 -8.29 8.93
N THR B 118 32.26 -9.50 8.41
CA THR B 118 32.49 -10.67 9.25
C THR B 118 33.40 -11.66 8.56
N GLY B 119 34.00 -12.56 9.36
CA GLY B 119 34.79 -13.65 8.85
C GLY B 119 36.16 -13.24 8.32
N PHE B 120 36.66 -12.06 8.72
CA PHE B 120 38.03 -11.71 8.37
C PHE B 120 38.96 -12.54 9.23
N PRO B 121 39.82 -13.39 8.66
CA PRO B 121 40.67 -14.24 9.49
C PRO B 121 41.53 -13.35 10.36
N PRO B 122 41.73 -13.71 11.64
CA PRO B 122 42.58 -12.89 12.50
C PRO B 122 44.02 -12.76 12.02
N ASP B 123 44.50 -13.74 11.22
CA ASP B 123 45.84 -13.73 10.64
C ASP B 123 45.82 -13.32 9.17
N GLY B 124 44.70 -12.80 8.66
CA GLY B 124 44.59 -12.43 7.26
C GLY B 124 45.05 -10.99 7.03
N PRO B 125 45.08 -10.57 5.76
CA PRO B 125 45.71 -9.31 5.41
C PRO B 125 44.93 -8.08 5.89
N VAL B 126 43.63 -8.24 6.13
CA VAL B 126 42.82 -7.13 6.64
C VAL B 126 43.12 -6.92 8.12
N MET B 127 43.04 -7.97 8.93
CA MET B 127 43.19 -7.77 10.39
C MET B 127 44.67 -7.57 10.76
N THR B 128 45.61 -7.90 9.86
CA THR B 128 47.04 -7.71 10.14
C THR B 128 47.67 -6.60 9.27
N ASN B 129 46.82 -5.78 8.64
CA ASN B 129 47.25 -4.55 8.01
C ASN B 129 48.33 -4.82 6.94
N LYS B 130 48.07 -5.76 6.05
CA LYS B 130 48.98 -6.06 4.97
C LYS B 130 48.52 -5.49 3.63
N LEU B 131 47.30 -4.92 3.55
CA LEU B 131 46.86 -4.28 2.29
C LEU B 131 47.70 -3.03 2.03
N THR B 132 48.11 -2.83 0.79
CA THR B 132 48.92 -1.66 0.46
C THR B 132 48.25 -0.65 -0.47
N ALA B 133 47.28 -1.08 -1.26
CA ALA B 133 46.59 -0.21 -2.20
C ALA B 133 45.44 -1.01 -2.80
N MET B 134 44.37 -0.31 -3.23
CA MET B 134 43.36 -0.93 -4.03
C MET B 134 43.72 -0.76 -5.52
N ASP B 135 43.66 -1.85 -6.27
CA ASP B 135 43.87 -1.77 -7.70
C ASP B 135 42.76 -0.98 -8.39
N TRP B 136 43.12 -0.28 -9.47
CA TRP B 136 42.18 0.33 -10.34
C TRP B 136 41.14 -0.68 -10.78
N SER B 137 39.90 -0.23 -10.97
CA SER B 137 38.82 -1.17 -11.22
C SER B 137 37.90 -0.72 -12.36
N VAL B 138 37.22 -1.72 -12.93
CA VAL B 138 36.11 -1.50 -13.88
C VAL B 138 34.85 -2.14 -13.30
N THR B 139 33.80 -1.32 -13.16
CA THR B 139 32.49 -1.78 -12.77
C THR B 139 31.59 -1.85 -14.00
N LYS B 140 30.82 -2.95 -14.16
CA LYS B 140 29.85 -3.09 -15.19
C LYS B 140 28.47 -2.80 -14.61
N MET B 141 27.72 -1.89 -15.27
CA MET B 141 26.38 -1.53 -14.86
C MET B 141 25.36 -1.94 -15.92
N LEU B 142 24.26 -2.56 -15.47
CA LEU B 142 23.11 -2.88 -16.28
C LEU B 142 21.89 -2.29 -15.58
N TYR B 143 20.81 -2.13 -16.35
CA TYR B 143 19.57 -1.56 -15.82
C TYR B 143 18.44 -2.55 -16.03
N PRO B 144 18.28 -3.54 -15.12
CA PRO B 144 17.25 -4.54 -15.32
C PRO B 144 15.83 -3.96 -15.38
N ASN B 145 15.60 -2.85 -14.68
CA ASN B 145 14.35 -2.12 -14.84
C ASN B 145 14.65 -0.64 -14.66
N ASP B 146 13.65 0.22 -14.87
CA ASP B 146 13.92 1.66 -14.98
C ASP B 146 14.22 2.30 -13.63
N LYS B 147 14.13 1.56 -12.52
CA LYS B 147 14.44 2.11 -11.19
C LYS B 147 15.63 1.38 -10.53
N THR B 148 16.28 0.46 -11.25
CA THR B 148 17.29 -0.40 -10.63
C THR B 148 18.54 -0.54 -11.51
N ILE B 149 19.69 -0.24 -10.91
CA ILE B 149 20.98 -0.55 -11.49
C ILE B 149 21.52 -1.79 -10.79
N LEU B 150 22.04 -2.73 -11.57
CA LEU B 150 22.84 -3.83 -11.04
C LEU B 150 24.27 -3.60 -11.47
N SER B 151 25.19 -3.53 -10.51
CA SER B 151 26.61 -3.27 -10.79
C SER B 151 27.48 -4.38 -10.24
N THR B 152 28.50 -4.78 -10.99
CA THR B 152 29.43 -5.81 -10.55
C THR B 152 30.85 -5.36 -10.85
N ALA B 153 31.77 -5.78 -9.99
CA ALA B 153 33.20 -5.56 -10.19
C ALA B 153 33.95 -6.70 -9.53
N ASP B 154 35.08 -7.05 -10.16
CA ASP B 154 36.10 -7.92 -9.59
C ASP B 154 37.19 -7.02 -9.05
N CYS B 155 37.35 -7.01 -7.73
CA CYS B 155 38.21 -6.07 -7.06
C CYS B 155 39.44 -6.77 -6.50
N SER B 156 40.51 -5.99 -6.31
CA SER B 156 41.71 -6.56 -5.75
C SER B 156 42.57 -5.49 -5.09
N TYR B 157 43.22 -5.88 -3.99
CA TYR B 157 44.21 -5.07 -3.34
C TYR B 157 45.58 -5.71 -3.55
N THR B 158 46.61 -4.87 -3.62
CA THR B 158 47.98 -5.33 -3.45
C THR B 158 48.25 -5.51 -1.97
N THR B 159 49.21 -6.38 -1.66
CA THR B 159 49.58 -6.62 -0.29
C THR B 159 51.10 -6.65 -0.13
N THR B 160 51.53 -6.58 1.13
CA THR B 160 52.95 -6.62 1.43
C THR B 160 53.56 -7.99 1.09
N ALA B 161 52.72 -9.02 0.98
CA ALA B 161 53.14 -10.37 0.66
C ALA B 161 53.37 -10.52 -0.86
N GLY B 162 53.03 -9.50 -1.66
CA GLY B 162 53.07 -9.61 -3.13
C GLY B 162 51.81 -10.24 -3.72
N LYS B 163 51.08 -11.05 -2.95
CA LYS B 163 49.91 -11.68 -3.52
C LYS B 163 48.74 -10.72 -3.38
N ARG B 164 47.91 -10.67 -4.41
CA ARG B 164 46.71 -9.84 -4.38
C ARG B 164 45.63 -10.46 -3.50
N TYR B 165 44.81 -9.59 -2.94
CA TYR B 165 43.67 -9.97 -2.10
C TYR B 165 42.41 -9.58 -2.86
N GLN B 166 41.70 -10.60 -3.37
CA GLN B 166 40.62 -10.39 -4.33
C GLN B 166 39.25 -10.46 -3.66
N SER B 167 38.28 -9.79 -4.30
CA SER B 167 36.90 -9.82 -3.85
C SER B 167 35.95 -9.65 -5.04
N LYS B 168 34.70 -10.02 -4.81
CA LYS B 168 33.64 -9.83 -5.76
C LYS B 168 32.67 -8.84 -5.16
N MET B 169 32.47 -7.71 -5.84
N MET B 169 32.47 -7.71 -5.85
CA MET B 169 31.55 -6.68 -5.38
CA MET B 169 31.56 -6.67 -5.39
C MET B 169 30.30 -6.70 -6.25
C MET B 169 30.31 -6.70 -6.26
N ARG B 170 29.15 -6.68 -5.62
N ARG B 170 29.15 -6.66 -5.62
CA ARG B 170 27.86 -6.67 -6.33
CA ARG B 170 27.88 -6.65 -6.34
C ARG B 170 26.94 -5.71 -5.60
C ARG B 170 26.94 -5.70 -5.60
N GLU B 171 26.13 -4.95 -6.35
CA GLU B 171 25.21 -4.07 -5.68
C GLU B 171 24.03 -3.74 -6.55
N ASN B 172 22.95 -3.35 -5.87
CA ASN B 172 21.87 -2.67 -6.55
C ASN B 172 21.88 -1.20 -6.16
N ASN B 173 21.50 -0.34 -7.09
CA ASN B 173 21.22 1.06 -6.80
C ASN B 173 19.74 1.24 -7.15
N THR B 174 18.91 1.53 -6.14
CA THR B 174 17.46 1.55 -6.28
C THR B 174 17.00 3.00 -6.23
N PHE B 175 16.29 3.42 -7.28
CA PHE B 175 15.86 4.81 -7.44
C PHE B 175 14.38 4.96 -7.09
N ALA B 176 14.03 6.08 -6.45
CA ALA B 176 12.64 6.36 -6.12
C ALA B 176 11.81 6.66 -7.37
N LYS B 177 12.42 7.29 -8.38
CA LYS B 177 11.79 7.69 -9.62
C LYS B 177 12.51 6.98 -10.74
N PRO B 178 11.84 6.69 -11.86
CA PRO B 178 12.55 6.09 -13.00
C PRO B 178 13.75 6.94 -13.40
N MET B 179 14.79 6.28 -13.90
CA MET B 179 15.91 6.93 -14.58
C MET B 179 15.42 7.44 -15.94
N ALA B 180 16.13 8.45 -16.45
CA ALA B 180 15.80 9.10 -17.73
C ALA B 180 15.89 8.09 -18.86
N ALA B 181 14.94 8.22 -19.78
CA ALA B 181 14.85 7.34 -20.93
C ALA B 181 16.15 7.41 -21.72
N ASP B 182 16.78 8.59 -21.81
CA ASP B 182 17.99 8.80 -22.62
C ASP B 182 19.22 8.06 -22.03
N ILE B 183 19.14 7.55 -20.78
CA ILE B 183 20.18 6.74 -19.98
C ILE B 183 19.95 5.26 -20.29
N LEU B 184 18.66 4.86 -20.35
CA LEU B 184 18.31 3.47 -20.19
C LEU B 184 18.70 2.61 -21.39
N GLN B 185 18.78 3.15 -22.61
CA GLN B 185 19.10 2.20 -23.70
C GLN B 185 20.61 2.02 -23.88
N LYS B 186 21.47 2.84 -23.23
CA LYS B 186 22.91 2.71 -23.41
C LYS B 186 23.46 1.80 -22.32
N GLN B 187 23.49 0.51 -22.64
CA GLN B 187 23.96 -0.53 -21.73
C GLN B 187 24.83 -1.50 -22.51
N PRO B 188 25.80 -2.14 -21.85
CA PRO B 188 26.26 -1.85 -20.51
C PRO B 188 26.94 -0.49 -20.44
N MET B 189 26.94 0.08 -19.24
CA MET B 189 27.74 1.25 -18.93
C MET B 189 28.83 0.80 -17.95
N PHE B 190 30.07 1.12 -18.29
CA PHE B 190 31.19 0.76 -17.44
C PHE B 190 31.69 1.99 -16.67
N VAL B 191 32.33 1.77 -15.51
CA VAL B 191 32.91 2.87 -14.77
C VAL B 191 34.29 2.47 -14.32
N PHE B 192 35.29 3.26 -14.70
CA PHE B 192 36.69 3.07 -14.28
C PHE B 192 36.93 3.85 -13.01
N ARG B 193 37.53 3.24 -11.96
CA ARG B 193 37.78 3.97 -10.74
C ARG B 193 39.23 3.77 -10.27
N LYS B 194 39.81 4.89 -9.82
CA LYS B 194 41.10 4.92 -9.18
C LYS B 194 40.87 5.46 -7.76
N SER B 195 41.51 4.83 -6.79
N SER B 195 41.48 4.81 -6.79
CA SER B 195 41.42 5.25 -5.39
CA SER B 195 41.34 5.21 -5.37
C SER B 195 42.82 5.47 -4.83
C SER B 195 42.75 5.39 -4.78
N GLU B 196 42.92 6.41 -3.90
N GLU B 196 42.87 6.37 -3.88
CA GLU B 196 44.15 6.66 -3.15
CA GLU B 196 44.13 6.59 -3.15
C GLU B 196 43.76 6.78 -1.68
C GLU B 196 43.77 6.78 -1.69
N LEU B 197 44.53 6.15 -0.81
CA LEU B 197 44.32 6.31 0.62
C LEU B 197 45.65 6.54 1.31
N GLN B 198 45.70 7.63 2.09
CA GLN B 198 46.79 7.92 3.00
C GLN B 198 46.22 7.73 4.42
N HIS B 199 47.00 7.19 5.34
CA HIS B 199 46.52 7.06 6.69
C HIS B 199 47.69 7.13 7.67
N SER B 200 47.35 7.54 8.89
CA SER B 200 48.25 7.61 10.02
C SER B 200 47.55 6.92 11.18
N LYS B 201 48.12 6.96 12.38
CA LYS B 201 47.49 6.33 13.55
C LYS B 201 46.20 7.05 13.94
N THR B 202 46.05 8.31 13.52
CA THR B 202 44.96 9.14 13.97
C THR B 202 43.97 9.57 12.89
N GLU B 203 44.27 9.43 11.58
CA GLU B 203 43.33 9.90 10.55
C GLU B 203 43.64 9.26 9.18
N LEU B 204 42.72 9.45 8.23
CA LEU B 204 42.95 9.05 6.84
C LEU B 204 42.47 10.14 5.91
N THR B 205 43.06 10.14 4.70
CA THR B 205 42.65 11.00 3.62
C THR B 205 42.48 10.12 2.39
N PHE B 206 41.31 10.24 1.78
CA PHE B 206 40.89 9.38 0.70
C PHE B 206 40.65 10.25 -0.55
N LYS B 207 41.03 9.73 -1.71
CA LYS B 207 40.70 10.36 -2.97
C LYS B 207 40.21 9.30 -3.97
N GLU B 208 39.23 9.67 -4.80
CA GLU B 208 38.74 8.78 -5.83
C GLU B 208 38.52 9.59 -7.09
N TRP B 209 38.84 8.94 -8.22
CA TRP B 209 38.53 9.41 -9.56
C TRP B 209 37.69 8.36 -10.26
N GLN B 210 36.58 8.78 -10.89
CA GLN B 210 35.66 7.88 -11.51
C GLN B 210 35.36 8.38 -12.92
N LYS B 211 35.31 7.48 -13.90
N LYS B 211 35.28 7.47 -13.89
CA LYS B 211 34.99 7.84 -15.29
CA LYS B 211 35.01 7.83 -15.31
C LYS B 211 34.12 6.77 -15.94
C LYS B 211 34.12 6.77 -15.95
N ALA B 212 32.93 7.18 -16.39
CA ALA B 212 32.00 6.34 -17.08
C ALA B 212 32.39 6.19 -18.54
N PHE B 213 32.22 4.99 -19.09
CA PHE B 213 32.53 4.78 -20.49
C PHE B 213 31.70 3.63 -21.05
N THR B 214 31.26 3.73 -22.30
CA THR B 214 30.59 2.63 -23.01
C THR B 214 31.53 1.93 -23.97
N ASP B 215 32.70 2.50 -24.23
CA ASP B 215 33.61 2.02 -25.26
C ASP B 215 35.00 2.57 -24.95
N VAL B 216 36.02 1.90 -25.49
CA VAL B 216 37.40 2.39 -25.44
C VAL B 216 38.02 2.45 -26.84
N MET B 217 37.33 1.96 -27.88
CA MET B 217 37.91 1.86 -29.23
C MET B 217 37.71 3.16 -30.01
N PRO C 2 21.96 -55.05 -15.43
CA PRO C 2 22.22 -55.50 -14.07
C PRO C 2 22.81 -54.39 -13.21
N LEU C 3 22.76 -54.57 -11.89
CA LEU C 3 23.50 -53.73 -10.98
C LEU C 3 24.98 -54.04 -11.13
N PRO C 4 25.85 -53.08 -10.82
CA PRO C 4 27.27 -53.33 -10.99
C PRO C 4 27.86 -54.21 -9.92
N LYS C 5 28.94 -54.91 -10.30
N LYS C 5 28.93 -54.91 -10.29
CA LYS C 5 29.77 -55.66 -9.37
CA LYS C 5 29.76 -55.67 -9.37
C LYS C 5 31.21 -55.16 -9.39
C LYS C 5 31.21 -55.17 -9.39
N THR C 6 31.68 -54.75 -10.57
CA THR C 6 33.11 -54.42 -10.78
C THR C 6 33.20 -53.18 -11.67
N HIS C 7 34.34 -52.52 -11.63
CA HIS C 7 34.54 -51.33 -12.43
C HIS C 7 36.01 -51.11 -12.75
N GLU C 8 36.23 -50.41 -13.85
CA GLU C 8 37.54 -49.94 -14.16
C GLU C 8 37.47 -48.44 -14.46
N LEU C 9 38.61 -47.80 -14.30
N LEU C 9 38.62 -47.80 -14.31
CA LEU C 9 38.77 -46.38 -14.45
CA LEU C 9 38.79 -46.38 -14.41
C LEU C 9 39.94 -46.07 -15.37
C LEU C 9 39.94 -46.06 -15.36
N HIS C 10 39.68 -45.12 -16.27
CA HIS C 10 40.72 -44.45 -17.02
C HIS C 10 40.50 -42.95 -16.83
N ILE C 11 41.44 -42.31 -16.16
N ILE C 11 41.40 -42.29 -16.07
CA ILE C 11 41.37 -40.91 -15.85
CA ILE C 11 41.38 -40.83 -15.90
C ILE C 11 42.53 -40.23 -16.58
C ILE C 11 42.53 -40.27 -16.70
N PHE C 12 42.23 -39.15 -17.33
CA PHE C 12 43.24 -38.51 -18.15
C PHE C 12 42.89 -37.03 -18.20
N GLY C 13 43.88 -36.24 -18.51
CA GLY C 13 43.73 -34.80 -18.61
C GLY C 13 45.01 -34.14 -18.22
N SER C 14 44.94 -33.03 -17.49
CA SER C 14 46.13 -32.28 -17.15
C SER C 14 45.88 -31.47 -15.90
N PHE C 15 46.93 -31.18 -15.13
CA PHE C 15 46.89 -30.25 -14.02
C PHE C 15 47.96 -29.21 -14.26
N ASN C 16 47.57 -27.93 -14.26
CA ASN C 16 48.49 -26.83 -14.50
C ASN C 16 49.25 -27.06 -15.81
N GLY C 17 48.54 -27.55 -16.85
CA GLY C 17 49.13 -27.70 -18.15
C GLY C 17 49.93 -28.97 -18.37
N VAL C 18 50.11 -29.79 -17.34
CA VAL C 18 50.95 -30.97 -17.47
C VAL C 18 50.04 -32.22 -17.50
N GLU C 19 50.19 -33.00 -18.56
CA GLU C 19 49.32 -34.15 -18.82
C GLU C 19 49.54 -35.21 -17.74
N PHE C 20 48.45 -35.91 -17.44
CA PHE C 20 48.54 -37.13 -16.60
C PHE C 20 47.55 -38.15 -17.18
N ASP C 21 47.78 -39.40 -16.80
CA ASP C 21 46.97 -40.51 -17.23
C ASP C 21 47.09 -41.59 -16.17
N MET C 22 45.96 -42.13 -15.74
N MET C 22 45.96 -42.13 -15.72
CA MET C 22 45.99 -43.22 -14.80
CA MET C 22 45.94 -43.16 -14.68
C MET C 22 44.88 -44.21 -15.09
C MET C 22 44.85 -44.19 -15.03
N VAL C 23 45.14 -45.47 -14.74
CA VAL C 23 44.14 -46.52 -14.86
C VAL C 23 44.02 -47.22 -13.50
N GLY C 24 42.81 -47.71 -13.20
CA GLY C 24 42.58 -48.42 -11.97
C GLY C 24 41.42 -49.37 -12.15
N ARG C 25 41.20 -50.19 -11.12
CA ARG C 25 40.19 -51.22 -11.14
C ARG C 25 39.66 -51.43 -9.73
N GLY C 26 38.37 -51.75 -9.62
CA GLY C 26 37.81 -51.99 -8.29
C GLY C 26 36.51 -52.76 -8.33
N ILE C 27 35.83 -52.75 -7.19
CA ILE C 27 34.61 -53.47 -6.97
C ILE C 27 33.71 -52.62 -6.10
N GLY C 28 32.45 -53.00 -6.00
CA GLY C 28 31.60 -52.31 -5.03
C GLY C 28 30.33 -53.10 -4.76
N ASN C 29 29.48 -52.54 -3.90
CA ASN C 29 28.28 -53.18 -3.45
C ASN C 29 27.14 -52.22 -3.73
N PRO C 30 26.36 -52.44 -4.80
CA PRO C 30 25.32 -51.49 -5.17
C PRO C 30 24.08 -51.51 -4.28
N ASN C 31 24.01 -52.48 -3.34
CA ASN C 31 22.98 -52.53 -2.35
C ASN C 31 23.32 -51.67 -1.14
N GLU C 32 24.60 -51.34 -0.98
CA GLU C 32 25.06 -50.65 0.23
C GLU C 32 25.72 -49.30 -0.10
N GLY C 33 25.91 -48.95 -1.37
CA GLY C 33 26.56 -47.70 -1.65
C GLY C 33 28.05 -47.69 -1.33
N SER C 34 28.76 -48.80 -1.47
CA SER C 34 30.18 -48.82 -1.19
C SER C 34 30.99 -49.21 -2.43
N GLU C 35 32.23 -48.74 -2.49
CA GLU C 35 33.12 -49.10 -3.61
C GLU C 35 34.56 -49.00 -3.13
N GLU C 36 35.44 -49.68 -3.85
CA GLU C 36 36.88 -49.60 -3.58
C GLU C 36 37.61 -49.71 -4.92
N LEU C 37 38.78 -49.07 -4.99
CA LEU C 37 39.52 -49.00 -6.25
C LEU C 37 41.01 -48.94 -5.91
N ASN C 38 41.80 -49.64 -6.73
N ASN C 38 41.79 -49.66 -6.72
CA ASN C 38 43.28 -49.55 -6.66
CA ASN C 38 43.26 -49.57 -6.66
C ASN C 38 43.75 -49.01 -8.00
C ASN C 38 43.74 -49.01 -8.00
N ALA C 39 44.76 -48.15 -7.95
CA ALA C 39 45.37 -47.61 -9.15
C ALA C 39 46.89 -47.53 -8.92
N LYS C 40 47.64 -48.16 -9.83
CA LYS C 40 49.09 -48.14 -9.85
C LYS C 40 49.50 -47.06 -10.83
N PHE C 41 50.41 -46.19 -10.40
CA PHE C 41 50.90 -45.11 -11.28
C PHE C 41 51.67 -45.71 -12.46
N THR C 42 51.42 -45.15 -13.65
CA THR C 42 52.04 -45.63 -14.89
C THR C 42 53.54 -45.29 -14.92
N LYS C 43 53.90 -44.10 -14.44
CA LYS C 43 55.29 -43.62 -14.50
C LYS C 43 55.55 -42.61 -13.38
N GLY C 44 55.66 -43.14 -12.16
CA GLY C 44 56.00 -42.40 -10.98
C GLY C 44 54.81 -41.64 -10.41
N PRO C 45 55.01 -41.04 -9.20
CA PRO C 45 53.97 -40.33 -8.47
C PRO C 45 53.37 -39.21 -9.31
N LEU C 46 52.14 -38.86 -8.96
CA LEU C 46 51.52 -37.72 -9.58
C LEU C 46 52.27 -36.48 -9.10
N LYS C 47 52.18 -35.43 -9.92
N LYS C 47 52.16 -35.42 -9.90
CA LYS C 47 52.83 -34.14 -9.71
CA LYS C 47 52.83 -34.15 -9.69
C LYS C 47 51.99 -33.24 -8.79
C LYS C 47 51.99 -33.23 -8.79
N PHE C 48 50.92 -33.78 -8.22
CA PHE C 48 49.96 -33.03 -7.38
C PHE C 48 49.42 -33.97 -6.32
N SER C 49 48.75 -33.43 -5.32
CA SER C 49 48.17 -34.25 -4.27
C SER C 49 47.22 -35.28 -4.82
N PRO C 50 47.39 -36.58 -4.53
CA PRO C 50 46.40 -37.57 -4.97
C PRO C 50 44.99 -37.29 -4.44
N TYR C 51 44.89 -36.61 -3.31
CA TYR C 51 43.62 -36.29 -2.71
C TYR C 51 42.77 -35.42 -3.64
N ILE C 52 43.36 -34.67 -4.55
CA ILE C 52 42.60 -33.83 -5.46
C ILE C 52 41.79 -34.70 -6.42
N LEU C 53 42.14 -35.99 -6.53
CA LEU C 53 41.43 -36.89 -7.42
C LEU C 53 40.16 -37.52 -6.82
N VAL C 54 39.94 -37.36 -5.51
CA VAL C 54 38.91 -38.11 -4.80
C VAL C 54 37.57 -38.10 -5.55
N PRO C 55 36.96 -36.95 -5.93
CA PRO C 55 35.65 -37.00 -6.57
C PRO C 55 35.65 -37.68 -7.95
N HIS C 56 36.81 -37.71 -8.57
CA HIS C 56 36.99 -38.34 -9.87
C HIS C 56 37.23 -39.85 -9.75
N LEU C 57 37.69 -40.32 -8.59
CA LEU C 57 37.87 -41.77 -8.40
C LEU C 57 36.54 -42.43 -8.09
N1 CR2 C 58 35.62 -41.69 -7.49
CA1 CR2 C 58 34.27 -42.21 -7.13
C1 CR2 C 58 33.30 -41.07 -7.25
N2 CR2 C 58 33.03 -40.24 -6.25
N3 CR2 C 58 32.68 -40.67 -8.41
C2 CR2 C 58 32.01 -39.54 -8.17
O2 CR2 C 58 31.38 -38.86 -9.02
CA2 CR2 C 58 32.22 -39.25 -6.78
CA3 CR2 C 58 32.86 -41.22 -9.75
C3 CR2 C 58 32.01 -42.35 -10.19
O3 CR2 C 58 31.98 -42.57 -11.40
CB2 CR2 C 58 31.70 -38.11 -6.14
CG2 CR2 C 58 31.90 -37.54 -4.85
CD1 CR2 C 58 32.85 -38.03 -3.94
CD2 CR2 C 58 31.18 -36.40 -4.50
CE1 CR2 C 58 33.03 -37.40 -2.70
CE2 CR2 C 58 31.36 -35.77 -3.27
CZ CR2 C 58 32.27 -36.28 -2.35
OH CR2 C 58 32.49 -35.70 -1.18
N TYR C 59 31.37 -43.09 -9.30
CA TYR C 59 30.65 -44.30 -9.70
C TYR C 59 29.33 -44.40 -8.95
N TYR C 60 28.40 -43.54 -9.37
N TYR C 60 28.40 -43.55 -9.38
CA TYR C 60 27.07 -43.47 -8.72
CA TYR C 60 27.05 -43.45 -8.76
C TYR C 60 26.24 -44.74 -9.01
C TYR C 60 26.23 -44.72 -9.03
N GLN C 61 26.67 -45.58 -9.96
CA GLN C 61 25.96 -46.85 -10.19
C GLN C 61 25.99 -47.73 -8.94
N TYR C 62 26.90 -47.48 -8.00
CA TYR C 62 26.92 -48.20 -6.74
C TYR C 62 25.94 -47.65 -5.71
N LEU C 63 25.33 -46.50 -6.01
CA LEU C 63 24.43 -45.83 -5.05
C LEU C 63 23.00 -46.30 -5.24
N PRO C 64 22.39 -47.02 -4.28
CA PRO C 64 20.97 -47.31 -4.34
C PRO C 64 20.18 -46.09 -3.85
N PHE C 65 18.88 -46.04 -4.15
CA PHE C 65 18.02 -45.03 -3.56
C PHE C 65 17.20 -45.65 -2.45
N PRO C 66 16.51 -44.83 -1.65
CA PRO C 66 15.82 -45.35 -0.46
C PRO C 66 14.76 -46.41 -0.76
N ASP C 67 14.08 -46.31 -1.90
CA ASP C 67 13.00 -47.31 -2.16
C ASP C 67 13.12 -47.91 -3.55
N GLY C 68 14.34 -47.97 -4.05
CA GLY C 68 14.63 -48.72 -5.28
C GLY C 68 15.90 -48.22 -5.91
N MET C 69 16.07 -48.56 -7.19
CA MET C 69 17.27 -48.17 -7.89
C MET C 69 17.38 -46.65 -7.94
N SER C 70 18.61 -46.17 -7.81
CA SER C 70 18.88 -44.77 -8.14
C SER C 70 18.68 -44.57 -9.63
N PRO C 71 18.54 -43.33 -10.13
CA PRO C 71 18.47 -43.12 -11.57
C PRO C 71 19.72 -43.63 -12.28
N PHE C 72 20.87 -43.57 -11.58
CA PHE C 72 22.15 -44.02 -12.11
C PHE C 72 22.07 -45.53 -12.38
N GLN C 73 21.59 -46.26 -11.38
CA GLN C 73 21.43 -47.70 -11.51
C GLN C 73 20.45 -48.05 -12.63
N ALA C 74 19.33 -47.34 -12.70
CA ALA C 74 18.32 -47.64 -13.72
C ALA C 74 18.91 -47.45 -15.11
N ALA C 75 19.68 -46.37 -15.30
CA ALA C 75 20.25 -46.04 -16.60
C ALA C 75 21.37 -47.02 -16.99
N MET C 76 22.09 -47.58 -16.02
CA MET C 76 23.02 -48.67 -16.29
C MET C 76 22.24 -49.93 -16.67
N HIS C 77 21.21 -50.26 -15.88
CA HIS C 77 20.45 -51.50 -16.05
C HIS C 77 19.85 -51.61 -17.46
N ASP C 78 19.29 -50.51 -17.99
CA ASP C 78 18.68 -50.54 -19.32
C ASP C 78 19.66 -50.12 -20.42
N GLY C 79 20.88 -49.79 -20.06
CA GLY C 79 21.92 -49.42 -21.02
C GLY C 79 21.80 -48.02 -21.55
N SER C 80 20.72 -47.30 -21.26
CA SER C 80 20.55 -45.95 -21.84
C SER C 80 21.63 -44.97 -21.39
N GLY C 81 22.01 -45.04 -20.12
CA GLY C 81 23.17 -44.33 -19.63
C GLY C 81 22.92 -42.87 -19.27
N TYR C 82 23.96 -42.31 -18.66
CA TYR C 82 24.06 -40.90 -18.31
C TYR C 82 25.51 -40.51 -18.43
N GLN C 83 25.71 -39.19 -18.51
CA GLN C 83 27.03 -38.56 -18.52
C GLN C 83 27.11 -37.53 -17.42
N VAL C 84 28.31 -37.30 -16.88
CA VAL C 84 28.50 -36.34 -15.81
C VAL C 84 29.36 -35.19 -16.34
N HIS C 85 28.94 -33.95 -16.05
CA HIS C 85 29.68 -32.75 -16.40
C HIS C 85 29.85 -31.92 -15.13
N ARG C 86 31.08 -31.79 -14.63
CA ARG C 86 31.32 -31.28 -13.28
C ARG C 86 32.33 -30.14 -13.31
N THR C 87 32.06 -29.14 -12.47
N THR C 87 32.06 -29.13 -12.48
CA THR C 87 32.99 -28.04 -12.21
CA THR C 87 32.98 -28.03 -12.23
C THR C 87 33.31 -28.00 -10.72
C THR C 87 33.32 -27.99 -10.73
N ILE C 88 34.58 -27.74 -10.43
CA ILE C 88 34.99 -27.55 -9.03
C ILE C 88 35.80 -26.25 -8.99
N GLN C 89 35.37 -25.31 -8.15
N GLN C 89 35.37 -25.31 -8.15
CA GLN C 89 36.06 -24.05 -7.98
CA GLN C 89 36.06 -24.03 -7.98
C GLN C 89 36.66 -24.02 -6.57
C GLN C 89 36.66 -24.02 -6.57
N TYR C 90 37.98 -23.90 -6.48
CA TYR C 90 38.70 -23.94 -5.22
C TYR C 90 38.91 -22.54 -4.68
N GLU C 91 39.06 -22.45 -3.36
CA GLU C 91 39.08 -21.13 -2.72
C GLU C 91 40.32 -20.31 -3.05
N ASP C 92 41.40 -20.94 -3.51
CA ASP C 92 42.62 -20.23 -3.89
C ASP C 92 42.67 -19.94 -5.37
N GLY C 93 41.55 -20.08 -6.07
CA GLY C 93 41.43 -19.64 -7.45
C GLY C 93 41.65 -20.72 -8.49
N ALA C 94 41.98 -21.94 -8.04
CA ALA C 94 42.12 -23.06 -8.97
C ALA C 94 40.76 -23.55 -9.43
N SER C 95 40.73 -24.21 -10.59
N SER C 95 40.74 -24.21 -10.59
CA SER C 95 39.50 -24.77 -11.09
CA SER C 95 39.54 -24.70 -11.25
C SER C 95 39.78 -26.11 -11.76
C SER C 95 39.78 -26.11 -11.79
N VAL C 96 38.82 -27.01 -11.59
CA VAL C 96 38.81 -28.29 -12.27
C VAL C 96 37.51 -28.42 -13.02
N THR C 97 37.61 -28.92 -14.25
CA THR C 97 36.43 -29.31 -14.99
C THR C 97 36.58 -30.77 -15.37
N ALA C 98 35.47 -31.49 -15.43
CA ALA C 98 35.53 -32.92 -15.63
C ALA C 98 34.32 -33.42 -16.40
N HIS C 99 34.55 -34.45 -17.20
CA HIS C 99 33.48 -35.08 -17.98
C HIS C 99 33.67 -36.58 -17.87
N TYR C 100 32.63 -37.26 -17.41
CA TYR C 100 32.64 -38.74 -17.22
C TYR C 100 31.67 -39.40 -18.20
N ARG C 101 32.23 -40.38 -18.92
CA ARG C 101 31.46 -41.24 -19.80
C ARG C 101 31.68 -42.68 -19.35
N TYR C 102 30.64 -43.48 -19.56
CA TYR C 102 30.68 -44.88 -19.11
C TYR C 102 30.23 -45.80 -20.21
N THR C 103 30.78 -47.03 -20.20
CA THR C 103 30.20 -48.12 -20.93
C THR C 103 30.01 -49.30 -19.98
N TYR C 104 29.10 -50.20 -20.32
CA TYR C 104 28.77 -51.33 -19.46
C TYR C 104 28.90 -52.64 -20.22
N GLU C 105 29.39 -53.63 -19.50
CA GLU C 105 29.49 -55.01 -20.00
C GLU C 105 28.90 -55.89 -18.90
N GLY C 106 27.60 -56.14 -18.98
CA GLY C 106 26.91 -56.84 -17.89
C GLY C 106 27.04 -56.04 -16.61
N SER C 107 27.61 -56.66 -15.59
CA SER C 107 27.77 -56.02 -14.31
C SER C 107 29.11 -55.25 -14.18
N HIS C 108 29.86 -55.09 -15.27
CA HIS C 108 31.14 -54.40 -15.24
C HIS C 108 30.97 -53.01 -15.84
N ILE C 109 31.51 -52.01 -15.13
CA ILE C 109 31.51 -50.62 -15.58
C ILE C 109 32.90 -50.25 -16.11
N LYS C 110 32.94 -49.55 -17.25
CA LYS C 110 34.16 -48.92 -17.69
C LYS C 110 33.96 -47.41 -17.75
N GLY C 111 34.78 -46.67 -16.96
CA GLY C 111 34.73 -45.23 -16.96
C GLY C 111 35.88 -44.61 -17.72
N GLU C 112 35.55 -43.56 -18.47
CA GLU C 112 36.50 -42.74 -19.22
C GLU C 112 36.27 -41.32 -18.73
N PHE C 113 37.20 -40.83 -17.90
CA PHE C 113 37.02 -39.58 -17.17
C PHE C 113 38.10 -38.58 -17.57
N GLN C 114 37.67 -37.47 -18.17
CA GLN C 114 38.59 -36.41 -18.51
C GLN C 114 38.55 -35.37 -17.39
N VAL C 115 39.71 -35.02 -16.86
CA VAL C 115 39.82 -34.12 -15.72
C VAL C 115 40.90 -33.08 -16.05
N ILE C 116 40.51 -31.80 -16.05
CA ILE C 116 41.41 -30.72 -16.37
C ILE C 116 41.43 -29.76 -15.20
N GLY C 117 42.60 -29.53 -14.62
CA GLY C 117 42.75 -28.55 -13.56
C GLY C 117 43.77 -27.49 -13.91
N THR C 118 43.47 -26.24 -13.53
CA THR C 118 44.38 -25.14 -13.76
C THR C 118 44.37 -24.19 -12.57
N GLY C 119 45.39 -23.35 -12.50
CA GLY C 119 45.42 -22.29 -11.53
C GLY C 119 45.75 -22.77 -10.13
N PHE C 120 46.28 -23.98 -9.96
CA PHE C 120 46.69 -24.39 -8.62
C PHE C 120 47.98 -23.67 -8.28
N PRO C 121 48.04 -22.86 -7.21
CA PRO C 121 49.27 -22.14 -6.93
C PRO C 121 50.42 -23.13 -6.73
N PRO C 122 51.61 -22.83 -7.24
CA PRO C 122 52.74 -23.73 -7.06
C PRO C 122 53.12 -23.97 -5.60
N ASP C 123 52.78 -23.02 -4.71
CA ASP C 123 53.04 -23.13 -3.30
C ASP C 123 51.79 -23.52 -2.47
N GLY C 124 50.71 -23.88 -3.15
CA GLY C 124 49.49 -24.20 -2.50
C GLY C 124 49.42 -25.64 -2.05
N PRO C 125 48.35 -26.00 -1.34
CA PRO C 125 48.30 -27.32 -0.70
C PRO C 125 48.15 -28.50 -1.67
N VAL C 126 47.63 -28.22 -2.86
CA VAL C 126 47.54 -29.28 -3.89
C VAL C 126 48.92 -29.59 -4.47
N MET C 127 49.62 -28.57 -4.97
CA MET C 127 50.88 -28.83 -5.66
C MET C 127 51.99 -29.20 -4.66
N THR C 128 51.83 -28.90 -3.38
CA THR C 128 52.84 -29.26 -2.40
C THR C 128 52.36 -30.37 -1.46
N ASN C 129 51.29 -31.07 -1.84
CA ASN C 129 50.89 -32.33 -1.16
C ASN C 129 50.66 -32.10 0.35
N LYS C 130 49.88 -31.07 0.72
CA LYS C 130 49.50 -30.79 2.08
C LYS C 130 48.06 -31.21 2.42
N LEU C 131 47.28 -31.69 1.45
CA LEU C 131 45.98 -32.24 1.77
C LEU C 131 46.12 -33.54 2.55
N THR C 132 45.29 -33.73 3.57
CA THR C 132 45.41 -34.94 4.41
C THR C 132 44.22 -35.88 4.27
N ALA C 133 43.03 -35.36 3.96
CA ALA C 133 41.82 -36.15 3.82
C ALA C 133 40.74 -35.24 3.28
N MET C 134 39.71 -35.84 2.66
N MET C 134 39.71 -35.85 2.70
CA MET C 134 38.52 -35.11 2.26
CA MET C 134 38.56 -35.10 2.31
C MET C 134 37.46 -35.25 3.35
C MET C 134 37.46 -35.25 3.36
N ASP C 135 36.86 -34.12 3.76
CA ASP C 135 35.79 -34.15 4.70
C ASP C 135 34.56 -34.86 4.12
N TRP C 136 33.80 -35.53 5.00
CA TRP C 136 32.48 -36.07 4.63
C TRP C 136 31.61 -34.97 4.05
N SER C 137 30.71 -35.33 3.14
CA SER C 137 29.97 -34.34 2.38
C SER C 137 28.49 -34.67 2.28
N VAL C 138 27.71 -33.63 2.05
CA VAL C 138 26.32 -33.75 1.62
C VAL C 138 26.15 -33.06 0.27
N THR C 139 25.64 -33.80 -0.72
CA THR C 139 25.30 -33.28 -2.00
C THR C 139 23.78 -33.09 -2.06
N LYS C 140 23.34 -31.95 -2.60
CA LYS C 140 21.92 -31.71 -2.89
C LYS C 140 21.64 -31.98 -4.36
N MET C 141 20.63 -32.78 -4.65
N MET C 141 20.63 -32.79 -4.65
CA MET C 141 20.22 -33.06 -6.02
CA MET C 141 20.22 -33.07 -6.02
C MET C 141 18.81 -32.54 -6.26
C MET C 141 18.81 -32.53 -6.26
N LEU C 142 18.65 -31.90 -7.42
CA LEU C 142 17.35 -31.46 -7.96
C LEU C 142 17.26 -31.95 -9.40
N TYR C 143 16.03 -32.05 -9.90
CA TYR C 143 15.78 -32.57 -11.24
C TYR C 143 15.04 -31.50 -12.03
N PRO C 144 15.73 -30.50 -12.59
CA PRO C 144 15.05 -29.43 -13.29
C PRO C 144 14.21 -29.90 -14.47
N ASN C 145 14.61 -30.99 -15.10
CA ASN C 145 13.76 -31.63 -16.10
C ASN C 145 13.99 -33.13 -15.98
N ASP C 146 13.24 -33.90 -16.76
CA ASP C 146 13.20 -35.35 -16.54
C ASP C 146 14.46 -36.08 -17.00
N LYS C 147 15.39 -35.38 -17.67
CA LYS C 147 16.63 -36.00 -18.13
C LYS C 147 17.85 -35.40 -17.47
N THR C 148 17.67 -34.49 -16.50
CA THR C 148 18.79 -33.72 -16.00
C THR C 148 18.75 -33.63 -14.47
N ILE C 149 19.87 -34.00 -13.84
CA ILE C 149 20.09 -33.75 -12.41
C ILE C 149 21.06 -32.57 -12.29
N LEU C 150 20.76 -31.66 -11.40
CA LEU C 150 21.71 -30.63 -10.97
C LEU C 150 22.09 -30.98 -9.54
N SER C 151 23.39 -31.14 -9.30
CA SER C 151 23.88 -31.52 -7.99
C SER C 151 24.92 -30.51 -7.52
N THR C 152 24.84 -30.11 -6.24
CA THR C 152 25.76 -29.15 -5.69
C THR C 152 26.28 -29.66 -4.35
N ALA C 153 27.52 -29.31 -4.05
CA ALA C 153 28.10 -29.59 -2.73
C ALA C 153 29.17 -28.56 -2.40
N ASP C 154 29.28 -28.22 -1.12
CA ASP C 154 30.38 -27.46 -0.58
C ASP C 154 31.36 -28.45 0.01
N CYS C 155 32.55 -28.53 -0.58
CA CYS C 155 33.51 -29.55 -0.24
C CYS C 155 34.70 -28.96 0.52
N SER C 156 35.39 -29.79 1.27
CA SER C 156 36.55 -29.34 2.00
C SER C 156 37.50 -30.48 2.31
N TYR C 157 38.79 -30.15 2.30
CA TYR C 157 39.84 -31.06 2.73
C TYR C 157 40.49 -30.51 3.98
N THR C 158 40.93 -31.42 4.86
CA THR C 158 41.86 -31.05 5.92
C THR C 158 43.26 -30.97 5.32
N THR C 159 44.12 -30.19 5.97
CA THR C 159 45.49 -30.00 5.50
C THR C 159 46.44 -30.14 6.68
N THR C 160 47.73 -30.28 6.34
CA THR C 160 48.77 -30.39 7.38
C THR C 160 48.87 -29.10 8.21
N ALA C 161 48.51 -27.96 7.63
CA ALA C 161 48.55 -26.66 8.32
C ALA C 161 47.37 -26.49 9.30
N GLY C 162 46.39 -27.39 9.28
CA GLY C 162 45.19 -27.28 10.12
C GLY C 162 44.05 -26.50 9.48
N LYS C 163 44.31 -25.66 8.47
CA LYS C 163 43.21 -24.95 7.86
C LYS C 163 42.64 -25.77 6.73
N ARG C 164 41.34 -25.69 6.57
CA ARG C 164 40.69 -26.44 5.56
C ARG C 164 40.84 -25.78 4.19
N TYR C 165 40.77 -26.63 3.16
CA TYR C 165 40.89 -26.21 1.78
C TYR C 165 39.54 -26.48 1.13
N GLN C 166 38.81 -25.41 0.83
CA GLN C 166 37.40 -25.48 0.47
C GLN C 166 37.21 -25.34 -1.05
N SER C 167 36.10 -25.94 -1.52
CA SER C 167 35.74 -25.81 -2.92
C SER C 167 34.22 -25.87 -3.07
N LYS C 168 33.74 -25.40 -4.22
N LYS C 168 33.74 -25.39 -4.22
CA LYS C 168 32.35 -25.49 -4.60
CA LYS C 168 32.35 -25.47 -4.61
C LYS C 168 32.27 -26.45 -5.78
C LYS C 168 32.27 -26.45 -5.78
N MET C 169 31.47 -27.51 -5.64
N MET C 169 31.47 -27.51 -5.64
CA MET C 169 31.33 -28.52 -6.68
CA MET C 169 31.33 -28.53 -6.67
C MET C 169 29.90 -28.40 -7.23
C MET C 169 29.92 -28.40 -7.23
N ARG C 170 29.82 -28.37 -8.55
N ARG C 170 29.84 -28.40 -8.55
CA ARG C 170 28.52 -28.30 -9.23
CA ARG C 170 28.53 -28.30 -9.23
C ARG C 170 28.58 -29.26 -10.41
C ARG C 170 28.58 -29.25 -10.43
N GLU C 171 27.49 -29.94 -10.71
CA GLU C 171 27.49 -30.81 -11.85
C GLU C 171 26.09 -31.00 -12.41
N ASN C 172 26.05 -31.36 -13.68
CA ASN C 172 24.85 -31.96 -14.23
C ASN C 172 25.11 -33.44 -14.49
N ASN C 173 24.05 -34.22 -14.36
CA ASN C 173 24.03 -35.61 -14.80
C ASN C 173 22.95 -35.67 -15.85
N THR C 174 23.33 -35.97 -17.09
CA THR C 174 22.41 -35.88 -18.24
C THR C 174 22.12 -37.29 -18.72
N PHE C 175 20.84 -37.61 -18.75
CA PHE C 175 20.35 -38.96 -19.07
C PHE C 175 19.82 -39.04 -20.50
N ALA C 176 20.09 -40.15 -21.18
CA ALA C 176 19.55 -40.33 -22.53
C ALA C 176 18.04 -40.56 -22.52
N LYS C 177 17.53 -41.19 -21.46
CA LYS C 177 16.11 -41.48 -21.33
C LYS C 177 15.60 -40.81 -20.07
N PRO C 178 14.31 -40.44 -19.99
CA PRO C 178 13.82 -39.81 -18.77
C PRO C 178 14.02 -40.71 -17.55
N MET C 179 14.24 -40.05 -16.42
CA MET C 179 14.24 -40.74 -15.16
C MET C 179 12.80 -41.11 -14.78
N ALA C 180 12.65 -42.17 -13.99
CA ALA C 180 11.33 -42.65 -13.61
C ALA C 180 10.61 -41.70 -12.65
N ALA C 181 9.28 -41.79 -12.63
CA ALA C 181 8.45 -40.99 -11.72
C ALA C 181 8.83 -41.17 -10.25
N ASP C 182 9.24 -42.35 -9.82
CA ASP C 182 9.60 -42.60 -8.40
C ASP C 182 10.84 -41.80 -8.02
N ILE C 183 11.61 -41.39 -9.01
CA ILE C 183 12.76 -40.52 -8.78
C ILE C 183 12.29 -39.06 -8.74
N LEU C 184 11.60 -38.65 -9.80
CA LEU C 184 11.27 -37.23 -9.99
C LEU C 184 10.34 -36.69 -8.90
N GLN C 185 9.55 -37.57 -8.27
CA GLN C 185 8.54 -37.14 -7.29
C GLN C 185 9.12 -36.77 -5.94
N LYS C 186 10.40 -37.07 -5.69
CA LYS C 186 10.99 -36.82 -4.37
C LYS C 186 12.21 -35.93 -4.49
N GLN C 187 12.01 -34.66 -4.20
CA GLN C 187 13.07 -33.66 -4.29
C GLN C 187 12.98 -32.75 -3.07
N PRO C 188 14.10 -32.18 -2.62
CA PRO C 188 15.44 -32.55 -3.04
C PRO C 188 15.80 -33.94 -2.54
N MET C 189 16.77 -34.57 -3.23
CA MET C 189 17.38 -35.79 -2.75
C MET C 189 18.81 -35.45 -2.33
N PHE C 190 19.19 -35.84 -1.12
CA PHE C 190 20.55 -35.56 -0.62
C PHE C 190 21.36 -36.84 -0.67
N VAL C 191 22.69 -36.72 -0.76
CA VAL C 191 23.55 -37.87 -0.70
C VAL C 191 24.72 -37.56 0.22
N PHE C 192 24.87 -38.40 1.24
CA PHE C 192 25.98 -38.30 2.19
C PHE C 192 27.13 -39.15 1.65
N ARG C 193 28.34 -38.60 1.61
CA ARG C 193 29.48 -39.37 1.12
C ARG C 193 30.68 -39.29 2.05
N LYS C 194 31.29 -40.45 2.25
CA LYS C 194 32.54 -40.62 2.96
C LYS C 194 33.58 -41.17 2.00
N SER C 195 34.80 -40.63 2.03
N SER C 195 34.79 -40.62 2.03
CA SER C 195 35.88 -41.11 1.18
CA SER C 195 35.85 -41.05 1.14
C SER C 195 37.08 -41.46 2.07
C SER C 195 37.09 -41.38 1.99
N GLU C 196 37.88 -42.41 1.59
N GLU C 196 37.87 -42.33 1.51
CA GLU C 196 39.17 -42.72 2.20
CA GLU C 196 39.13 -42.68 2.16
C GLU C 196 40.16 -42.93 1.06
C GLU C 196 40.15 -42.93 1.05
N LEU C 197 41.33 -42.33 1.19
N LEU C 197 41.32 -42.31 1.17
CA LEU C 197 42.38 -42.53 0.20
CA LEU C 197 42.37 -42.53 0.19
C LEU C 197 43.69 -42.73 0.94
C LEU C 197 43.68 -42.74 0.94
N GLN C 198 44.44 -43.74 0.50
CA GLN C 198 45.81 -43.95 0.95
C GLN C 198 46.66 -44.02 -0.30
N HIS C 199 47.90 -43.57 -0.21
CA HIS C 199 48.76 -43.67 -1.33
C HIS C 199 50.23 -43.82 -0.89
N SER C 200 50.99 -44.34 -1.82
CA SER C 200 52.41 -44.49 -1.70
C SER C 200 53.05 -43.75 -2.89
N LYS C 201 54.33 -43.97 -3.11
CA LYS C 201 54.98 -43.34 -4.25
C LYS C 201 54.55 -44.02 -5.55
N THR C 202 53.92 -45.21 -5.46
CA THR C 202 53.68 -45.99 -6.66
C THR C 202 52.20 -46.33 -6.89
N GLU C 203 51.33 -46.17 -5.90
CA GLU C 203 49.93 -46.54 -6.13
C GLU C 203 49.03 -45.85 -5.10
N LEU C 204 47.72 -45.94 -5.35
CA LEU C 204 46.75 -45.47 -4.37
C LEU C 204 45.63 -46.50 -4.23
N THR C 205 44.97 -46.45 -3.07
N THR C 205 44.96 -46.44 -3.08
CA THR C 205 43.77 -47.20 -2.79
CA THR C 205 43.77 -47.19 -2.78
C THR C 205 42.70 -46.20 -2.34
C THR C 205 42.69 -46.19 -2.34
N PHE C 206 41.50 -46.36 -2.91
CA PHE C 206 40.43 -45.46 -2.67
C PHE C 206 39.18 -46.23 -2.25
N LYS C 207 38.42 -45.66 -1.33
CA LYS C 207 37.12 -46.21 -0.93
C LYS C 207 36.10 -45.09 -0.77
N GLU C 208 34.87 -45.39 -1.11
CA GLU C 208 33.80 -44.43 -0.92
C GLU C 208 32.57 -45.17 -0.42
N TRP C 209 31.83 -44.50 0.48
CA TRP C 209 30.53 -44.90 0.98
C TRP C 209 29.54 -43.78 0.66
N GLN C 210 28.41 -44.13 0.10
CA GLN C 210 27.41 -43.15 -0.32
C GLN C 210 26.05 -43.57 0.21
N LYS C 211 25.25 -42.60 0.68
N LYS C 211 25.26 -42.61 0.70
CA LYS C 211 23.90 -42.91 1.20
CA LYS C 211 23.90 -42.91 1.19
C LYS C 211 22.94 -41.78 0.81
C LYS C 211 22.95 -41.77 0.80
N ALA C 212 21.92 -42.12 0.03
CA ALA C 212 20.89 -41.19 -0.38
C ALA C 212 19.85 -41.03 0.74
N PHE C 213 19.37 -39.82 0.94
CA PHE C 213 18.36 -39.54 1.96
C PHE C 213 17.52 -38.33 1.56
N THR C 214 16.21 -38.41 1.84
CA THR C 214 15.34 -37.26 1.74
C THR C 214 15.13 -36.57 3.09
N ASP C 215 15.47 -37.25 4.18
CA ASP C 215 15.14 -36.80 5.53
C ASP C 215 16.15 -37.44 6.49
N VAL C 216 16.29 -36.81 7.68
CA VAL C 216 17.02 -37.39 8.82
C VAL C 216 16.14 -37.43 10.08
N MET C 217 14.90 -36.94 10.05
CA MET C 217 14.08 -36.75 11.27
C MET C 217 13.12 -37.90 11.52
N PRO D 2 55.92 -15.74 -36.26
CA PRO D 2 55.47 -14.37 -36.56
C PRO D 2 54.13 -14.06 -35.89
N LEU D 3 53.64 -12.82 -36.07
CA LEU D 3 52.27 -12.51 -35.70
C LEU D 3 51.32 -13.25 -36.63
N PRO D 4 50.12 -13.60 -36.13
CA PRO D 4 49.20 -14.37 -36.97
C PRO D 4 48.49 -13.50 -38.02
N LYS D 5 48.12 -14.15 -39.12
CA LYS D 5 47.32 -13.50 -40.16
C LYS D 5 46.09 -14.33 -40.51
N THR D 6 46.15 -15.64 -40.36
CA THR D 6 45.03 -16.52 -40.70
C THR D 6 44.87 -17.57 -39.60
N HIS D 7 43.68 -18.13 -39.52
CA HIS D 7 43.39 -19.13 -38.50
C HIS D 7 42.27 -20.06 -38.95
N GLU D 8 42.24 -21.21 -38.30
CA GLU D 8 41.14 -22.14 -38.46
C GLU D 8 40.79 -22.67 -37.06
N LEU D 9 39.59 -23.23 -36.97
CA LEU D 9 38.98 -23.67 -35.74
C LEU D 9 38.31 -25.02 -35.96
N HIS D 10 38.61 -25.97 -35.10
CA HIS D 10 37.86 -27.17 -34.97
C HIS D 10 37.28 -27.14 -33.56
N ILE D 11 35.96 -26.96 -33.48
CA ILE D 11 35.25 -26.88 -32.22
C ILE D 11 34.36 -28.12 -32.13
N PHE D 12 34.43 -28.78 -30.98
CA PHE D 12 33.71 -30.00 -30.78
C PHE D 12 33.37 -30.16 -29.32
N GLY D 13 32.43 -31.06 -29.06
CA GLY D 13 31.98 -31.32 -27.69
C GLY D 13 30.50 -31.66 -27.72
N SER D 14 29.76 -31.14 -26.75
CA SER D 14 28.37 -31.47 -26.66
C SER D 14 27.61 -30.40 -25.90
N PHE D 15 26.31 -30.27 -26.21
CA PHE D 15 25.40 -29.39 -25.47
C PHE D 15 24.21 -30.25 -25.03
N ASN D 16 23.94 -30.25 -23.73
CA ASN D 16 22.87 -31.07 -23.15
C ASN D 16 22.99 -32.53 -23.61
N GLY D 17 24.20 -33.05 -23.64
CA GLY D 17 24.45 -34.45 -23.94
C GLY D 17 24.47 -34.79 -25.42
N VAL D 18 24.26 -33.82 -26.31
CA VAL D 18 24.18 -34.07 -27.74
C VAL D 18 25.46 -33.54 -28.38
N GLU D 19 26.19 -34.43 -29.07
CA GLU D 19 27.47 -34.09 -29.67
C GLU D 19 27.29 -33.05 -30.79
N PHE D 20 28.29 -32.19 -30.92
CA PHE D 20 28.39 -31.31 -32.08
C PHE D 20 29.86 -31.20 -32.49
N ASP D 21 30.04 -30.79 -33.73
CA ASP D 21 31.37 -30.67 -34.32
C ASP D 21 31.26 -29.65 -35.43
N MET D 22 32.17 -28.66 -35.44
N MET D 22 32.16 -28.65 -35.44
CA MET D 22 32.16 -27.63 -36.47
CA MET D 22 32.16 -27.63 -36.47
C MET D 22 33.60 -27.26 -36.83
C MET D 22 33.60 -27.25 -36.83
N VAL D 23 33.81 -26.83 -38.08
N VAL D 23 33.79 -26.80 -38.07
CA VAL D 23 35.07 -26.26 -38.50
CA VAL D 23 35.05 -26.27 -38.51
C VAL D 23 34.80 -24.87 -39.07
C VAL D 23 34.80 -24.87 -39.07
N GLY D 24 35.69 -23.96 -38.74
CA GLY D 24 35.62 -22.60 -39.27
C GLY D 24 36.98 -22.11 -39.68
N ARG D 25 36.99 -21.04 -40.47
N ARG D 25 36.99 -21.03 -40.46
CA ARG D 25 38.24 -20.46 -40.95
CA ARG D 25 38.26 -20.47 -40.92
C ARG D 25 38.13 -18.95 -41.03
C ARG D 25 38.13 -18.96 -41.03
N GLY D 26 39.26 -18.27 -40.89
CA GLY D 26 39.24 -16.84 -41.05
C GLY D 26 40.61 -16.22 -41.02
N ILE D 27 40.58 -14.92 -40.73
CA ILE D 27 41.69 -14.04 -40.80
C ILE D 27 41.64 -13.08 -39.63
N GLY D 28 42.74 -12.35 -39.40
CA GLY D 28 42.70 -11.29 -38.43
C GLY D 28 43.88 -10.37 -38.55
N ASN D 29 43.81 -9.26 -37.83
CA ASN D 29 44.84 -8.21 -37.88
C ASN D 29 45.43 -8.09 -36.49
N PRO D 30 46.65 -8.64 -36.27
CA PRO D 30 47.23 -8.75 -34.94
C PRO D 30 47.76 -7.42 -34.42
N ASN D 31 47.79 -6.40 -35.31
CA ASN D 31 48.16 -5.06 -34.83
C ASN D 31 46.94 -4.25 -34.41
N GLU D 32 45.73 -4.75 -34.71
N GLU D 32 45.73 -4.74 -34.73
CA GLU D 32 44.49 -4.03 -34.42
CA GLU D 32 44.48 -4.01 -34.44
C GLU D 32 43.53 -4.81 -33.53
C GLU D 32 43.52 -4.81 -33.55
N GLY D 33 43.82 -6.08 -33.23
CA GLY D 33 42.89 -6.84 -32.42
C GLY D 33 41.57 -7.14 -33.11
N SER D 34 41.61 -7.38 -34.40
CA SER D 34 40.40 -7.75 -35.11
C SER D 34 40.54 -9.14 -35.70
N GLU D 35 39.42 -9.85 -35.83
CA GLU D 35 39.41 -11.18 -36.45
C GLU D 35 38.03 -11.42 -37.03
N GLU D 36 37.98 -12.37 -37.96
CA GLU D 36 36.74 -12.82 -38.55
C GLU D 36 36.82 -14.32 -38.79
N LEU D 37 35.66 -14.98 -38.70
CA LEU D 37 35.57 -16.42 -38.89
C LEU D 37 34.26 -16.75 -39.60
N ASN D 38 34.28 -17.72 -40.51
CA ASN D 38 33.05 -18.23 -41.11
C ASN D 38 33.06 -19.74 -40.89
N ALA D 39 31.86 -20.29 -40.72
CA ALA D 39 31.69 -21.74 -40.53
C ALA D 39 30.36 -22.21 -41.12
N LYS D 40 30.37 -23.32 -41.85
CA LYS D 40 29.16 -24.02 -42.31
C LYS D 40 28.82 -25.09 -41.30
N PHE D 41 27.53 -25.25 -41.02
CA PHE D 41 27.06 -26.35 -40.19
C PHE D 41 27.19 -27.65 -41.00
N THR D 42 27.96 -28.60 -40.48
CA THR D 42 28.37 -29.85 -41.15
C THR D 42 27.16 -30.73 -41.50
N LYS D 43 26.32 -30.94 -40.49
CA LYS D 43 25.32 -31.99 -40.47
C LYS D 43 24.05 -31.41 -39.85
N GLY D 44 23.49 -30.43 -40.56
CA GLY D 44 22.23 -29.82 -40.20
C GLY D 44 22.44 -28.70 -39.17
N PRO D 45 21.36 -27.95 -38.83
CA PRO D 45 21.49 -26.79 -37.96
C PRO D 45 21.92 -27.23 -36.56
N LEU D 46 22.49 -26.28 -35.84
CA LEU D 46 22.86 -26.53 -34.47
C LEU D 46 21.58 -26.66 -33.67
N LYS D 47 21.64 -27.47 -32.63
CA LYS D 47 20.49 -27.70 -31.77
C LYS D 47 20.33 -26.64 -30.69
N PHE D 48 21.20 -25.62 -30.69
CA PHE D 48 21.23 -24.56 -29.67
C PHE D 48 21.60 -23.24 -30.36
N SER D 49 21.33 -22.11 -29.70
CA SER D 49 21.62 -20.80 -30.25
C SER D 49 23.09 -20.68 -30.67
N PRO D 50 23.43 -20.33 -31.93
CA PRO D 50 24.82 -20.11 -32.28
C PRO D 50 25.49 -19.00 -31.46
N TYR D 51 24.68 -18.10 -30.90
CA TYR D 51 25.23 -17.04 -30.07
C TYR D 51 25.97 -17.60 -28.84
N ILE D 52 25.63 -18.81 -28.37
CA ILE D 52 26.28 -19.36 -27.21
C ILE D 52 27.74 -19.69 -27.52
N LEU D 53 28.11 -19.75 -28.81
CA LEU D 53 29.48 -20.08 -29.21
C LEU D 53 30.40 -18.88 -29.23
N VAL D 54 29.88 -17.65 -29.10
CA VAL D 54 30.71 -16.45 -29.34
C VAL D 54 32.08 -16.50 -28.67
N PRO D 55 32.22 -16.73 -27.34
CA PRO D 55 33.55 -16.66 -26.75
C PRO D 55 34.47 -17.77 -27.27
N HIS D 56 33.89 -18.88 -27.72
CA HIS D 56 34.64 -20.02 -28.24
C HIS D 56 35.09 -19.81 -29.69
N LEU D 57 34.41 -18.92 -30.41
CA LEU D 57 34.80 -18.61 -31.78
C LEU D 57 35.98 -17.63 -31.81
N1 CR2 D 58 36.11 -16.78 -30.77
CA1 CR2 D 58 37.17 -15.77 -30.66
C1 CR2 D 58 37.47 -15.63 -29.21
N2 CR2 D 58 36.84 -14.74 -28.43
N3 CR2 D 58 38.28 -16.42 -28.48
C2 CR2 D 58 38.18 -16.03 -27.21
O2 CR2 D 58 38.76 -16.63 -26.23
CA2 CR2 D 58 37.26 -14.96 -27.14
CA3 CR2 D 58 39.03 -17.60 -28.92
C3 CR2 D 58 40.40 -17.48 -29.46
O3 CR2 D 58 41.07 -18.50 -29.51
CB2 CR2 D 58 36.87 -14.34 -25.91
CG2 CR2 D 58 35.85 -13.37 -25.67
CD1 CR2 D 58 34.89 -12.95 -26.57
CD2 CR2 D 58 35.71 -12.95 -24.32
CE1 CR2 D 58 33.91 -12.04 -26.22
CE2 CR2 D 58 34.69 -12.05 -23.98
CZ CR2 D 58 33.78 -11.56 -24.91
OH CR2 D 58 32.85 -10.72 -24.59
N TYR D 59 40.82 -16.27 -29.89
CA TYR D 59 42.08 -16.15 -30.61
C TYR D 59 42.81 -14.89 -30.12
N TYR D 60 43.39 -14.97 -28.92
N TYR D 60 43.39 -14.98 -28.92
CA TYR D 60 44.05 -13.81 -28.35
CA TYR D 60 44.08 -13.84 -28.30
C TYR D 60 45.40 -13.53 -29.00
C TYR D 60 45.41 -13.54 -28.99
N GLN D 61 45.84 -14.41 -29.90
CA GLN D 61 47.07 -14.12 -30.66
C GLN D 61 46.88 -12.89 -31.57
N TYR D 62 45.61 -12.53 -31.83
CA TYR D 62 45.36 -11.32 -32.61
C TYR D 62 45.35 -10.05 -31.75
N LEU D 63 45.44 -10.20 -30.43
CA LEU D 63 45.37 -9.10 -29.50
C LEU D 63 46.76 -8.54 -29.19
N PRO D 64 47.07 -7.29 -29.60
CA PRO D 64 48.28 -6.65 -29.14
C PRO D 64 48.01 -6.07 -27.74
N PHE D 65 49.07 -5.78 -27.00
CA PHE D 65 48.97 -5.09 -25.72
C PHE D 65 49.25 -3.61 -25.94
N PRO D 66 49.00 -2.74 -24.93
CA PRO D 66 49.10 -1.30 -25.17
C PRO D 66 50.49 -0.84 -25.59
N ASP D 67 51.54 -1.50 -25.08
CA ASP D 67 52.90 -1.03 -25.30
C ASP D 67 53.70 -1.97 -26.19
N GLY D 68 53.06 -2.98 -26.77
CA GLY D 68 53.75 -3.98 -27.56
C GLY D 68 53.01 -5.30 -27.58
N MET D 69 53.74 -6.37 -27.87
CA MET D 69 53.15 -7.70 -28.03
C MET D 69 52.42 -8.11 -26.74
N SER D 70 51.28 -8.78 -26.89
CA SER D 70 50.66 -9.42 -25.77
C SER D 70 51.44 -10.68 -25.39
N PRO D 71 51.24 -11.23 -24.19
CA PRO D 71 51.87 -12.50 -23.84
C PRO D 71 51.45 -13.62 -24.81
N PHE D 72 50.23 -13.52 -25.34
CA PHE D 72 49.71 -14.52 -26.29
C PHE D 72 50.55 -14.48 -27.56
N GLN D 73 50.80 -13.28 -28.05
CA GLN D 73 51.63 -13.13 -29.26
C GLN D 73 53.07 -13.58 -29.01
N ALA D 74 53.62 -13.30 -27.82
CA ALA D 74 54.98 -13.71 -27.51
C ALA D 74 55.09 -15.25 -27.47
N ALA D 75 54.08 -15.91 -26.90
CA ALA D 75 54.07 -17.34 -26.77
C ALA D 75 53.90 -18.03 -28.13
N MET D 76 53.22 -17.36 -29.06
CA MET D 76 53.16 -17.86 -30.43
C MET D 76 54.51 -17.64 -31.11
N HIS D 77 55.11 -16.45 -30.96
CA HIS D 77 56.40 -16.12 -31.58
C HIS D 77 57.47 -17.19 -31.29
N ASP D 78 57.61 -17.58 -30.01
CA ASP D 78 58.69 -18.49 -29.68
C ASP D 78 58.23 -19.95 -29.72
N GLY D 79 56.94 -20.20 -30.04
CA GLY D 79 56.43 -21.52 -30.20
C GLY D 79 56.04 -22.20 -28.89
N SER D 80 56.39 -21.61 -27.75
CA SER D 80 56.18 -22.27 -26.43
C SER D 80 54.69 -22.42 -26.12
N GLY D 81 53.90 -21.43 -26.53
CA GLY D 81 52.45 -21.53 -26.49
C GLY D 81 51.80 -21.35 -25.13
N TYR D 82 50.47 -21.40 -25.16
CA TYR D 82 49.61 -21.38 -23.99
C TYR D 82 48.38 -22.19 -24.30
N GLN D 83 47.68 -22.56 -23.22
CA GLN D 83 46.40 -23.27 -23.27
C GLN D 83 45.39 -22.46 -22.49
N VAL D 84 44.12 -22.58 -22.89
CA VAL D 84 43.04 -21.85 -22.21
C VAL D 84 42.10 -22.86 -21.56
N HIS D 85 41.72 -22.63 -20.32
CA HIS D 85 40.79 -23.47 -19.57
C HIS D 85 39.72 -22.57 -18.99
N ARG D 86 38.50 -22.67 -19.50
CA ARG D 86 37.47 -21.67 -19.26
C ARG D 86 36.20 -22.33 -18.73
N THR D 87 35.55 -21.63 -17.78
N THR D 87 35.54 -21.63 -17.79
CA THR D 87 34.23 -21.99 -17.27
CA THR D 87 34.24 -22.01 -17.26
C THR D 87 33.28 -20.82 -17.47
C THR D 87 33.28 -20.83 -17.47
N ILE D 88 32.04 -21.15 -17.83
CA ILE D 88 31.00 -20.13 -17.94
C ILE D 88 29.79 -20.67 -17.19
N GLN D 89 29.30 -19.87 -16.23
N GLN D 89 29.30 -19.87 -16.24
CA GLN D 89 28.14 -20.21 -15.43
CA GLN D 89 28.13 -20.21 -15.44
C GLN D 89 27.02 -19.25 -15.80
C GLN D 89 27.02 -19.25 -15.80
N TYR D 90 25.90 -19.80 -16.27
CA TYR D 90 24.76 -18.98 -16.75
C TYR D 90 23.73 -18.80 -15.63
N GLU D 91 22.94 -17.73 -15.74
CA GLU D 91 22.01 -17.35 -14.67
C GLU D 91 20.89 -18.38 -14.48
N ASP D 92 20.54 -19.16 -15.51
CA ASP D 92 19.47 -20.16 -15.39
C ASP D 92 20.03 -21.55 -15.07
N GLY D 93 21.29 -21.61 -14.60
CA GLY D 93 21.85 -22.80 -14.05
C GLY D 93 22.66 -23.65 -15.00
N ALA D 94 22.71 -23.29 -16.27
CA ALA D 94 23.53 -23.99 -17.23
C ALA D 94 25.01 -23.70 -16.99
N SER D 95 25.85 -24.59 -17.48
N SER D 95 25.85 -24.61 -17.47
CA SER D 95 27.29 -24.45 -17.35
CA SER D 95 27.30 -24.55 -17.30
C SER D 95 27.98 -24.92 -18.63
C SER D 95 27.98 -24.92 -18.62
N VAL D 96 29.02 -24.17 -18.99
CA VAL D 96 29.90 -24.57 -20.10
C VAL D 96 31.33 -24.65 -19.57
N THR D 97 32.04 -25.68 -19.97
CA THR D 97 33.47 -25.77 -19.73
C THR D 97 34.17 -25.91 -21.08
N ALA D 98 35.40 -25.39 -21.16
CA ALA D 98 36.08 -25.36 -22.43
C ALA D 98 37.57 -25.45 -22.24
N HIS D 99 38.23 -26.06 -23.23
CA HIS D 99 39.67 -26.16 -23.22
C HIS D 99 40.18 -25.91 -24.62
N TYR D 100 41.06 -24.94 -24.79
CA TYR D 100 41.59 -24.57 -26.12
C TYR D 100 43.07 -24.90 -26.20
N ARG D 101 43.42 -25.60 -27.28
CA ARG D 101 44.78 -25.91 -27.61
C ARG D 101 45.05 -25.40 -29.03
N TYR D 102 46.29 -24.97 -29.25
CA TYR D 102 46.66 -24.38 -30.52
C TYR D 102 47.93 -25.01 -31.05
N THR D 103 48.03 -25.05 -32.38
CA THR D 103 49.30 -25.24 -33.07
C THR D 103 49.48 -24.10 -34.07
N TYR D 104 50.74 -23.90 -34.49
CA TYR D 104 51.10 -22.79 -35.35
C TYR D 104 51.90 -23.31 -36.54
N GLU D 105 51.59 -22.72 -37.70
CA GLU D 105 52.32 -23.02 -38.95
C GLU D 105 52.62 -21.64 -39.55
N GLY D 106 53.81 -21.09 -39.26
CA GLY D 106 54.08 -19.71 -39.64
C GLY D 106 53.09 -18.75 -39.06
N SER D 107 52.44 -17.95 -39.91
CA SER D 107 51.42 -16.97 -39.47
C SER D 107 50.01 -17.56 -39.40
N HIS D 108 49.86 -18.90 -39.49
CA HIS D 108 48.56 -19.56 -39.43
C HIS D 108 48.40 -20.26 -38.11
N ILE D 109 47.22 -20.05 -37.49
CA ILE D 109 46.86 -20.69 -36.23
C ILE D 109 45.83 -21.80 -36.48
N LYS D 110 46.06 -22.96 -35.84
CA LYS D 110 45.05 -24.01 -35.80
C LYS D 110 44.57 -24.16 -34.35
N GLY D 111 43.27 -23.99 -34.15
CA GLY D 111 42.67 -24.21 -32.82
C GLY D 111 41.91 -25.52 -32.76
N GLU D 112 42.06 -26.24 -31.66
CA GLU D 112 41.30 -27.44 -31.31
C GLU D 112 40.62 -27.13 -29.98
N PHE D 113 39.32 -26.84 -30.03
CA PHE D 113 38.61 -26.33 -28.86
C PHE D 113 37.52 -27.31 -28.46
N GLN D 114 37.62 -27.83 -27.24
CA GLN D 114 36.59 -28.71 -26.73
C GLN D 114 35.65 -27.89 -25.84
N VAL D 115 34.35 -27.96 -26.14
CA VAL D 115 33.34 -27.13 -25.47
C VAL D 115 32.17 -28.03 -25.04
N ILE D 116 31.90 -28.09 -23.73
CA ILE D 116 30.89 -28.95 -23.19
C ILE D 116 29.92 -28.09 -22.40
N GLY D 117 28.64 -28.14 -22.78
CA GLY D 117 27.59 -27.40 -22.10
C GLY D 117 26.53 -28.34 -21.59
N THR D 118 26.03 -28.08 -20.39
CA THR D 118 24.94 -28.89 -19.81
C THR D 118 24.00 -27.97 -19.01
N GLY D 119 22.78 -28.47 -18.78
CA GLY D 119 21.84 -27.80 -17.91
C GLY D 119 21.16 -26.63 -18.58
N PHE D 120 21.19 -26.51 -19.91
CA PHE D 120 20.43 -25.45 -20.55
C PHE D 120 18.98 -25.87 -20.52
N PRO D 121 18.06 -25.09 -19.94
CA PRO D 121 16.67 -25.53 -19.92
C PRO D 121 16.14 -25.69 -21.34
N PRO D 122 15.35 -26.74 -21.63
CA PRO D 122 14.79 -26.90 -22.97
C PRO D 122 13.94 -25.69 -23.42
N ASP D 123 13.34 -24.97 -22.46
CA ASP D 123 12.48 -23.82 -22.78
C ASP D 123 13.21 -22.50 -22.57
N GLY D 124 14.53 -22.55 -22.33
CA GLY D 124 15.30 -21.36 -22.08
C GLY D 124 15.78 -20.70 -23.36
N PRO D 125 16.45 -19.54 -23.24
CA PRO D 125 16.79 -18.76 -24.43
C PRO D 125 17.86 -19.35 -25.34
N VAL D 126 18.71 -20.23 -24.80
CA VAL D 126 19.70 -20.91 -25.61
C VAL D 126 19.09 -21.99 -26.48
N MET D 127 18.28 -22.87 -25.88
CA MET D 127 17.73 -24.00 -26.64
C MET D 127 16.57 -23.57 -27.55
N THR D 128 16.01 -22.39 -27.33
CA THR D 128 14.92 -21.88 -28.16
C THR D 128 15.35 -20.67 -28.99
N ASN D 129 16.67 -20.41 -29.09
CA ASN D 129 17.20 -19.44 -30.06
C ASN D 129 16.58 -18.05 -29.87
N LYS D 130 16.60 -17.59 -28.61
CA LYS D 130 16.11 -16.24 -28.28
C LYS D 130 17.26 -15.25 -28.05
N LEU D 131 18.53 -15.68 -28.06
CA LEU D 131 19.62 -14.71 -27.94
C LEU D 131 19.71 -13.91 -29.23
N THR D 132 19.92 -12.60 -29.08
CA THR D 132 19.98 -11.74 -30.26
C THR D 132 21.33 -11.08 -30.51
N ALA D 133 22.17 -10.94 -29.48
CA ALA D 133 23.50 -10.38 -29.62
C ALA D 133 24.20 -10.52 -28.28
N MET D 134 25.53 -10.47 -28.30
N MET D 134 25.53 -10.50 -28.31
CA MET D 134 26.37 -10.45 -27.11
CA MET D 134 26.26 -10.41 -27.07
C MET D 134 26.74 -9.00 -26.76
C MET D 134 26.66 -8.97 -26.77
N ASP D 135 26.49 -8.54 -25.53
CA ASP D 135 26.88 -7.18 -25.12
C ASP D 135 28.40 -7.07 -25.16
N TRP D 136 28.86 -5.85 -25.47
CA TRP D 136 30.26 -5.52 -25.31
C TRP D 136 30.71 -5.82 -23.89
N SER D 137 31.98 -6.19 -23.74
CA SER D 137 32.47 -6.68 -22.47
C SER D 137 33.82 -6.08 -22.07
N VAL D 138 34.06 -6.11 -20.76
CA VAL D 138 35.37 -5.86 -20.21
C VAL D 138 35.81 -7.08 -19.41
N THR D 139 36.98 -7.61 -19.75
CA THR D 139 37.61 -8.67 -19.00
C THR D 139 38.75 -8.10 -18.16
N LYS D 140 38.84 -8.57 -16.90
CA LYS D 140 39.95 -8.22 -16.03
C LYS D 140 40.94 -9.37 -16.00
N MET D 141 42.20 -9.05 -16.18
CA MET D 141 43.31 -10.03 -16.15
C MET D 141 44.28 -9.70 -15.01
N LEU D 142 44.64 -10.74 -14.30
CA LEU D 142 45.70 -10.73 -13.28
C LEU D 142 46.65 -11.88 -13.56
N TYR D 143 47.88 -11.76 -13.04
CA TYR D 143 48.91 -12.78 -13.25
C TYR D 143 49.33 -13.34 -11.89
N PRO D 144 48.60 -14.32 -11.36
CA PRO D 144 48.93 -14.81 -10.01
C PRO D 144 50.34 -15.42 -9.93
N ASN D 145 50.86 -15.92 -11.05
CA ASN D 145 52.26 -16.33 -11.13
C ASN D 145 52.71 -16.11 -12.59
N ASP D 146 54.00 -16.28 -12.84
CA ASP D 146 54.57 -15.84 -14.10
C ASP D 146 54.17 -16.70 -15.30
N LYS D 147 53.47 -17.81 -15.09
CA LYS D 147 53.02 -18.68 -16.18
C LYS D 147 51.50 -18.74 -16.27
N THR D 148 50.77 -17.94 -15.47
CA THR D 148 49.35 -18.10 -15.38
C THR D 148 48.63 -16.76 -15.40
N ILE D 149 47.66 -16.60 -16.31
CA ILE D 149 46.72 -15.50 -16.29
C ILE D 149 45.38 -16.02 -15.75
N LEU D 150 44.80 -15.26 -14.84
CA LEU D 150 43.41 -15.44 -14.40
C LEU D 150 42.61 -14.31 -15.00
N SER D 151 41.57 -14.63 -15.78
CA SER D 151 40.75 -13.64 -16.46
C SER D 151 39.29 -13.86 -16.07
N THR D 152 38.59 -12.76 -15.75
CA THR D 152 37.18 -12.82 -15.35
C THR D 152 36.38 -11.78 -16.12
N ALA D 153 35.13 -12.14 -16.43
CA ALA D 153 34.22 -11.19 -17.04
C ALA D 153 32.79 -11.54 -16.64
N ASP D 154 31.97 -10.50 -16.49
CA ASP D 154 30.52 -10.65 -16.36
C ASP D 154 29.94 -10.37 -17.74
N CYS D 155 29.32 -11.40 -18.35
CA CYS D 155 28.89 -11.34 -19.72
C CYS D 155 27.35 -11.29 -19.79
N SER D 156 26.85 -10.78 -20.89
CA SER D 156 25.41 -10.72 -21.05
C SER D 156 25.04 -10.71 -22.54
N TYR D 157 23.93 -11.36 -22.86
CA TYR D 157 23.32 -11.31 -24.17
C TYR D 157 21.99 -10.58 -24.08
N THR D 158 21.63 -9.85 -25.13
CA THR D 158 20.27 -9.42 -25.31
C THR D 158 19.43 -10.59 -25.85
N THR D 159 18.12 -10.51 -25.66
CA THR D 159 17.25 -11.55 -26.14
C THR D 159 16.00 -10.95 -26.78
N THR D 160 15.24 -11.82 -27.44
CA THR D 160 14.01 -11.44 -28.13
C THR D 160 12.92 -11.00 -27.16
N ALA D 161 13.09 -11.30 -25.87
CA ALA D 161 12.14 -10.91 -24.85
C ALA D 161 12.46 -9.53 -24.25
N GLY D 162 13.57 -8.92 -24.71
CA GLY D 162 14.09 -7.65 -24.17
C GLY D 162 14.52 -7.75 -22.72
N LYS D 163 15.05 -8.90 -22.34
CA LYS D 163 15.73 -9.05 -21.09
C LYS D 163 17.05 -9.73 -21.34
N ARG D 164 18.03 -9.35 -20.55
CA ARG D 164 19.38 -9.90 -20.75
C ARG D 164 19.55 -11.26 -20.10
N TYR D 165 20.45 -12.02 -20.71
CA TYR D 165 20.79 -13.37 -20.27
C TYR D 165 22.26 -13.33 -19.83
N GLN D 166 22.48 -13.45 -18.54
CA GLN D 166 23.79 -13.14 -17.94
C GLN D 166 24.58 -14.42 -17.63
N SER D 167 25.90 -14.25 -17.65
CA SER D 167 26.79 -15.32 -17.29
C SER D 167 28.04 -14.75 -16.61
N LYS D 168 28.76 -15.65 -15.92
CA LYS D 168 30.06 -15.35 -15.30
C LYS D 168 31.07 -16.21 -16.01
N MET D 169 32.08 -15.56 -16.59
N MET D 169 32.08 -15.56 -16.59
CA MET D 169 33.12 -16.25 -17.34
CA MET D 169 33.12 -16.24 -17.34
C MET D 169 34.43 -16.13 -16.57
C MET D 169 34.43 -16.13 -16.57
N ARG D 170 35.11 -17.26 -16.45
N ARG D 170 35.11 -17.26 -16.45
CA ARG D 170 36.38 -17.33 -15.71
CA ARG D 170 36.38 -17.32 -15.72
C ARG D 170 37.32 -18.26 -16.45
C ARG D 170 37.33 -18.26 -16.46
N GLU D 171 38.60 -17.91 -16.50
CA GLU D 171 39.53 -18.79 -17.18
C GLU D 171 40.92 -18.62 -16.61
N ASN D 172 41.70 -19.68 -16.80
CA ASN D 172 43.13 -19.59 -16.73
C ASN D 172 43.73 -19.68 -18.14
N ASN D 173 44.80 -18.97 -18.36
CA ASN D 173 45.63 -19.12 -19.53
C ASN D 173 46.99 -19.57 -19.01
N THR D 174 47.39 -20.79 -19.36
CA THR D 174 48.59 -21.42 -18.80
C THR D 174 49.68 -21.46 -19.86
N PHE D 175 50.82 -20.85 -19.54
CA PHE D 175 51.94 -20.69 -20.46
C PHE D 175 53.03 -21.71 -20.14
N ALA D 176 53.64 -22.24 -21.20
CA ALA D 176 54.72 -23.21 -21.03
C ALA D 176 55.99 -22.55 -20.51
N LYS D 177 56.18 -21.29 -20.88
N LYS D 177 56.19 -21.29 -20.89
CA LYS D 177 57.33 -20.51 -20.45
CA LYS D 177 57.35 -20.49 -20.48
C LYS D 177 56.85 -19.26 -19.73
C LYS D 177 56.85 -19.26 -19.73
N PRO D 178 57.64 -18.69 -18.80
CA PRO D 178 57.20 -17.47 -18.11
C PRO D 178 56.89 -16.35 -19.09
N MET D 179 55.91 -15.54 -18.73
CA MET D 179 55.65 -14.30 -19.42
C MET D 179 56.77 -13.30 -19.12
N ALA D 180 56.99 -12.36 -20.05
CA ALA D 180 58.06 -11.38 -19.90
C ALA D 180 57.82 -10.43 -18.73
N ALA D 181 58.93 -9.98 -18.13
CA ALA D 181 58.86 -9.08 -16.96
C ALA D 181 58.05 -7.81 -17.29
N ASP D 182 58.22 -7.25 -18.50
CA ASP D 182 57.49 -6.00 -18.81
C ASP D 182 55.97 -6.24 -18.85
N ILE D 183 55.50 -7.44 -19.20
CA ILE D 183 54.06 -7.77 -19.18
C ILE D 183 53.61 -7.87 -17.71
N LEU D 184 54.42 -8.56 -16.89
CA LEU D 184 53.99 -8.90 -15.52
C LEU D 184 53.84 -7.65 -14.66
N GLN D 185 54.56 -6.58 -15.01
CA GLN D 185 54.64 -5.35 -14.26
C GLN D 185 53.36 -4.52 -14.32
N LYS D 186 52.47 -4.81 -15.26
CA LYS D 186 51.31 -3.94 -15.52
C LYS D 186 50.02 -4.70 -15.25
N GLN D 187 49.53 -4.58 -14.03
CA GLN D 187 48.30 -5.25 -13.59
C GLN D 187 47.44 -4.26 -12.81
N PRO D 188 46.12 -4.43 -12.82
CA PRO D 188 45.38 -5.29 -13.73
C PRO D 188 45.47 -4.84 -15.20
N MET D 189 45.32 -5.78 -16.13
CA MET D 189 45.16 -5.49 -17.53
C MET D 189 43.71 -5.77 -17.90
N PHE D 190 43.03 -4.83 -18.54
CA PHE D 190 41.66 -5.01 -18.97
C PHE D 190 41.64 -5.23 -20.49
N VAL D 191 40.57 -5.91 -20.96
CA VAL D 191 40.39 -6.03 -22.41
C VAL D 191 38.92 -5.80 -22.73
N PHE D 192 38.69 -4.84 -23.61
CA PHE D 192 37.36 -4.52 -24.13
C PHE D 192 37.12 -5.36 -25.37
N ARG D 193 35.94 -5.99 -25.48
CA ARG D 193 35.65 -6.79 -26.65
C ARG D 193 34.25 -6.50 -27.19
N LYS D 194 34.20 -6.42 -28.51
CA LYS D 194 32.98 -6.34 -29.27
C LYS D 194 32.89 -7.56 -30.18
N SER D 195 31.71 -8.17 -30.24
N SER D 195 31.71 -8.18 -30.23
CA SER D 195 31.47 -9.32 -31.07
CA SER D 195 31.49 -9.34 -31.04
C SER D 195 30.28 -9.04 -31.99
C SER D 195 30.26 -9.12 -31.92
N GLU D 196 30.33 -9.63 -33.17
N GLU D 196 30.31 -9.68 -33.13
CA GLU D 196 29.20 -9.64 -34.06
CA GLU D 196 29.20 -9.64 -34.05
C GLU D 196 29.03 -11.05 -34.61
C GLU D 196 29.02 -11.05 -34.62
N LEU D 197 27.79 -11.55 -34.59
CA LEU D 197 27.50 -12.85 -35.17
C LEU D 197 26.24 -12.75 -36.00
N GLN D 198 26.29 -13.34 -37.20
CA GLN D 198 25.12 -13.57 -38.04
C GLN D 198 25.06 -15.06 -38.33
N HIS D 199 23.85 -15.61 -38.40
CA HIS D 199 23.77 -16.99 -38.82
C HIS D 199 22.45 -17.27 -39.53
N SER D 200 22.51 -18.28 -40.38
CA SER D 200 21.33 -18.84 -41.05
C SER D 200 21.10 -20.24 -40.51
N LYS D 201 20.28 -21.02 -41.20
CA LYS D 201 20.12 -22.42 -40.83
C LYS D 201 21.39 -23.20 -41.19
N THR D 202 22.26 -22.66 -42.06
CA THR D 202 23.35 -23.47 -42.60
C THR D 202 24.75 -22.92 -42.32
N GLU D 203 24.91 -21.68 -41.89
CA GLU D 203 26.26 -21.21 -41.61
C GLU D 203 26.23 -20.05 -40.62
N LEU D 204 27.42 -19.67 -40.15
CA LEU D 204 27.57 -18.48 -39.32
C LEU D 204 28.78 -17.67 -39.79
N THR D 205 28.71 -16.37 -39.48
N THR D 205 28.70 -16.37 -39.49
CA THR D 205 29.78 -15.44 -39.72
CA THR D 205 29.78 -15.41 -39.72
C THR D 205 30.01 -14.67 -38.43
C THR D 205 30.00 -14.66 -38.42
N PHE D 206 31.26 -14.61 -37.99
CA PHE D 206 31.62 -14.04 -36.73
C PHE D 206 32.72 -13.00 -36.93
N LYS D 207 32.65 -11.92 -36.15
CA LYS D 207 33.71 -10.91 -36.10
C LYS D 207 33.92 -10.50 -34.65
N GLU D 208 35.17 -10.21 -34.29
CA GLU D 208 35.50 -9.73 -32.95
C GLU D 208 36.52 -8.62 -33.07
N TRP D 209 36.38 -7.63 -32.21
CA TRP D 209 37.37 -6.57 -31.99
C TRP D 209 37.75 -6.58 -30.53
N GLN D 210 39.05 -6.52 -30.21
CA GLN D 210 39.53 -6.58 -28.86
C GLN D 210 40.57 -5.49 -28.64
N LYS D 211 40.53 -4.83 -27.48
N LYS D 211 40.53 -4.84 -27.48
CA LYS D 211 41.47 -3.77 -27.18
CA LYS D 211 41.47 -3.77 -27.18
C LYS D 211 41.86 -3.84 -25.70
C LYS D 211 41.86 -3.84 -25.71
N ALA D 212 43.16 -4.03 -25.44
CA ALA D 212 43.71 -4.06 -24.10
C ALA D 212 43.86 -2.63 -23.59
N PHE D 213 43.65 -2.43 -22.30
CA PHE D 213 43.81 -1.12 -21.71
C PHE D 213 44.09 -1.27 -20.21
N THR D 214 44.92 -0.37 -19.68
CA THR D 214 45.15 -0.29 -18.25
C THR D 214 44.43 0.90 -17.62
N ASP D 215 43.92 1.80 -18.44
CA ASP D 215 43.34 3.07 -17.98
C ASP D 215 42.44 3.61 -19.09
N VAL D 216 41.52 4.50 -18.72
CA VAL D 216 40.67 5.21 -19.66
C VAL D 216 40.76 6.73 -19.44
N MET D 217 41.45 7.19 -18.40
CA MET D 217 41.43 8.61 -18.01
C MET D 217 42.54 9.41 -18.71
N PRO E 2 -30.27 56.98 10.62
CA PRO E 2 -31.08 57.10 9.42
C PRO E 2 -31.13 55.78 8.67
N LEU E 3 -32.03 55.70 7.69
CA LEU E 3 -32.06 54.60 6.77
C LEU E 3 -30.84 54.70 5.86
N PRO E 4 -30.36 53.57 5.29
CA PRO E 4 -29.19 53.63 4.44
C PRO E 4 -29.49 54.11 3.02
N LYS E 5 -28.48 54.73 2.43
CA LYS E 5 -28.48 55.13 1.04
C LYS E 5 -27.28 54.58 0.27
N THR E 6 -26.14 54.39 0.97
CA THR E 6 -24.93 53.91 0.33
C THR E 6 -24.28 52.88 1.24
N HIS E 7 -23.40 52.07 0.65
CA HIS E 7 -22.70 51.04 1.42
C HIS E 7 -21.37 50.71 0.78
N GLU E 8 -20.50 50.11 1.59
CA GLU E 8 -19.27 49.54 1.09
C GLU E 8 -19.14 48.16 1.67
N LEU E 9 -18.36 47.36 0.95
CA LEU E 9 -18.15 45.96 1.28
C LEU E 9 -16.65 45.67 1.27
N HIS E 10 -16.18 44.98 2.30
CA HIS E 10 -14.92 44.28 2.32
C HIS E 10 -15.28 42.82 2.57
N ILE E 11 -15.06 41.97 1.56
CA ILE E 11 -15.36 40.56 1.61
C ILE E 11 -14.04 39.80 1.47
N PHE E 12 -13.84 38.84 2.36
CA PHE E 12 -12.57 38.14 2.40
C PHE E 12 -12.82 36.75 3.00
N GLY E 13 -11.83 35.88 2.82
CA GLY E 13 -11.92 34.53 3.30
C GLY E 13 -11.18 33.64 2.35
N SER E 14 -11.71 32.44 2.13
CA SER E 14 -11.04 31.48 1.25
C SER E 14 -12.06 30.52 0.66
N PHE E 15 -11.74 29.99 -0.52
CA PHE E 15 -12.49 28.91 -1.16
C PHE E 15 -11.54 27.77 -1.45
N ASN E 16 -11.86 26.59 -0.93
CA ASN E 16 -11.01 25.41 -1.08
C ASN E 16 -9.56 25.72 -0.65
N GLY E 17 -9.42 26.45 0.46
CA GLY E 17 -8.10 26.73 1.04
C GLY E 17 -7.37 27.92 0.42
N VAL E 18 -7.92 28.54 -0.62
CA VAL E 18 -7.23 29.61 -1.36
C VAL E 18 -7.89 30.94 -0.98
N GLU E 19 -7.08 31.85 -0.44
CA GLU E 19 -7.57 33.14 0.05
C GLU E 19 -8.05 34.03 -1.10
N PHE E 20 -9.04 34.86 -0.79
CA PHE E 20 -9.49 35.91 -1.66
C PHE E 20 -9.82 37.15 -0.81
N ASP E 21 -9.83 38.32 -1.45
CA ASP E 21 -10.14 39.55 -0.79
C ASP E 21 -10.63 40.52 -1.86
N MET E 22 -11.79 41.14 -1.64
CA MET E 22 -12.37 42.06 -2.61
C MET E 22 -13.08 43.18 -1.87
N VAL E 23 -13.11 44.36 -2.50
CA VAL E 23 -13.83 45.51 -1.96
C VAL E 23 -14.81 45.97 -3.02
N GLY E 24 -15.93 46.49 -2.55
CA GLY E 24 -16.95 47.01 -3.45
C GLY E 24 -17.67 48.17 -2.83
N ARG E 25 -18.46 48.88 -3.65
CA ARG E 25 -19.20 50.03 -3.18
C ARG E 25 -20.55 49.99 -3.87
N GLY E 26 -21.55 50.51 -3.17
CA GLY E 26 -22.89 50.49 -3.73
C GLY E 26 -23.82 51.54 -3.14
N ILE E 27 -25.06 51.40 -3.60
CA ILE E 27 -26.16 52.28 -3.31
C ILE E 27 -27.39 51.41 -3.08
N GLY E 28 -28.44 52.00 -2.52
CA GLY E 28 -29.68 51.27 -2.41
C GLY E 28 -30.82 52.17 -2.04
N ASN E 29 -32.02 51.61 -2.07
CA ASN E 29 -33.25 52.33 -1.79
C ASN E 29 -33.95 51.58 -0.68
N PRO E 30 -33.93 52.10 0.56
CA PRO E 30 -34.46 51.38 1.71
C PRO E 30 -35.99 51.45 1.81
N ASN E 31 -36.61 52.21 0.93
CA ASN E 31 -38.08 52.22 0.82
C ASN E 31 -38.56 51.16 -0.16
N GLU E 32 -37.73 50.77 -1.13
CA GLU E 32 -38.11 49.82 -2.17
C GLU E 32 -37.47 48.45 -1.96
N GLY E 33 -36.47 48.35 -1.09
CA GLY E 33 -35.73 47.11 -0.91
C GLY E 33 -34.83 46.78 -2.09
N SER E 34 -34.19 47.77 -2.69
CA SER E 34 -33.28 47.53 -3.81
C SER E 34 -31.88 48.00 -3.42
N GLU E 35 -30.89 47.35 -4.04
CA GLU E 35 -29.49 47.69 -3.84
C GLU E 35 -28.70 47.35 -5.10
N GLU E 36 -27.56 48.02 -5.26
N GLU E 36 -27.54 47.99 -5.24
CA GLU E 36 -26.64 47.75 -6.35
CA GLU E 36 -26.64 47.75 -6.35
C GLU E 36 -25.22 47.91 -5.81
C GLU E 36 -25.23 47.92 -5.82
N LEU E 37 -24.33 47.02 -6.25
CA LEU E 37 -22.93 47.04 -5.80
C LEU E 37 -22.04 46.81 -7.01
N ASN E 38 -20.93 47.55 -7.09
CA ASN E 38 -19.90 47.31 -8.09
C ASN E 38 -18.63 46.95 -7.31
N ALA E 39 -17.90 45.96 -7.83
CA ALA E 39 -16.63 45.57 -7.25
C ALA E 39 -15.65 45.29 -8.37
N LYS E 40 -14.50 45.97 -8.32
CA LYS E 40 -13.38 45.70 -9.19
C LYS E 40 -12.53 44.63 -8.52
N PHE E 41 -12.06 43.67 -9.29
CA PHE E 41 -11.18 42.67 -8.71
C PHE E 41 -9.82 43.33 -8.39
N THR E 42 -9.28 42.99 -7.23
CA THR E 42 -8.00 43.56 -6.81
C THR E 42 -6.82 42.99 -7.61
N LYS E 43 -6.84 41.69 -7.88
CA LYS E 43 -5.67 40.98 -8.36
C LYS E 43 -6.09 39.77 -9.20
N GLY E 44 -6.74 40.07 -10.32
CA GLY E 44 -7.22 39.07 -11.27
C GLY E 44 -8.61 38.54 -10.92
N PRO E 45 -9.20 37.78 -11.86
CA PRO E 45 -10.53 37.22 -11.63
C PRO E 45 -10.47 36.21 -10.47
N LEU E 46 -11.62 35.98 -9.86
CA LEU E 46 -11.76 34.96 -8.83
C LEU E 46 -11.52 33.56 -9.42
N LYS E 47 -11.03 32.66 -8.57
CA LYS E 47 -10.74 31.27 -8.92
C LYS E 47 -12.00 30.39 -8.92
N PHE E 48 -13.14 30.98 -8.59
CA PHE E 48 -14.41 30.29 -8.47
C PHE E 48 -15.49 31.14 -9.14
N SER E 49 -16.65 30.55 -9.38
CA SER E 49 -17.77 31.27 -9.99
C SER E 49 -18.13 32.48 -9.14
N PRO E 50 -18.15 33.72 -9.70
CA PRO E 50 -18.61 34.85 -8.91
C PRO E 50 -20.06 34.70 -8.43
N TYR E 51 -20.85 33.86 -9.12
CA TYR E 51 -22.23 33.64 -8.68
C TYR E 51 -22.30 33.05 -7.28
N ILE E 52 -21.26 32.35 -6.83
CA ILE E 52 -21.27 31.76 -5.49
C ILE E 52 -21.26 32.86 -4.42
N LEU E 53 -20.88 34.10 -4.79
CA LEU E 53 -20.86 35.20 -3.86
C LEU E 53 -22.21 35.89 -3.67
N VAL E 54 -23.21 35.56 -4.49
CA VAL E 54 -24.48 36.34 -4.50
C VAL E 54 -25.01 36.64 -3.10
N PRO E 55 -25.28 35.66 -2.22
CA PRO E 55 -25.89 36.01 -0.92
C PRO E 55 -24.96 36.86 -0.04
N HIS E 56 -23.66 36.78 -0.28
CA HIS E 56 -22.70 37.55 0.47
C HIS E 56 -22.58 38.97 -0.04
N LEU E 57 -22.95 39.23 -1.29
CA LEU E 57 -22.88 40.59 -1.81
C LEU E 57 -24.09 41.41 -1.36
N1 CR2 E 58 -25.22 40.74 -1.09
CA1 CR2 E 58 -26.48 41.35 -0.61
C1 CR2 E 58 -27.15 40.37 0.28
N2 CR2 E 58 -28.02 39.45 -0.16
N3 CR2 E 58 -26.90 40.24 1.61
C2 CR2 E 58 -27.57 39.19 2.02
O2 CR2 E 58 -27.54 38.70 3.20
CA2 CR2 E 58 -28.34 38.71 0.95
CA3 CR2 E 58 -25.90 40.93 2.43
C3 CR2 E 58 -26.17 42.21 3.13
O3 CR2 E 58 -25.43 42.57 4.00
CB2 CR2 E 58 -29.16 37.55 1.03
CG2 CR2 E 58 -29.85 36.80 -0.02
CD1 CR2 E 58 -29.65 37.02 -1.39
CD2 CR2 E 58 -30.66 35.73 0.37
CE1 CR2 E 58 -30.30 36.22 -2.32
CE2 CR2 E 58 -31.30 34.94 -0.56
CZ CR2 E 58 -31.14 35.18 -1.92
OH CR2 E 58 -31.76 34.43 -2.79
N TYR E 59 -27.26 42.92 2.71
CA TYR E 59 -27.50 44.25 3.24
C TYR E 59 -28.99 44.40 3.51
N TYR E 60 -29.45 43.76 4.58
N TYR E 60 -29.45 43.76 4.59
CA TYR E 60 -30.89 43.78 4.92
CA TYR E 60 -30.88 43.76 4.98
C TYR E 60 -31.33 45.17 5.44
C TYR E 60 -31.32 45.14 5.48
N GLN E 61 -30.38 46.06 5.71
CA GLN E 61 -30.75 47.40 6.11
C GLN E 61 -31.54 48.11 5.00
N TYR E 62 -31.44 47.65 3.75
CA TYR E 62 -32.23 48.19 2.65
C TYR E 62 -33.64 47.60 2.59
N LEU E 63 -33.94 46.61 3.43
CA LEU E 63 -35.26 45.94 3.41
C LEU E 63 -36.21 46.62 4.39
N PRO E 64 -37.30 47.26 3.94
CA PRO E 64 -38.35 47.69 4.84
C PRO E 64 -39.27 46.51 5.15
N PHE E 65 -40.05 46.63 6.23
CA PHE E 65 -41.08 45.67 6.51
C PHE E 65 -42.41 46.21 6.04
N PRO E 66 -43.47 45.38 5.99
CA PRO E 66 -44.74 45.87 5.46
C PRO E 66 -45.31 47.08 6.22
N ASP E 67 -45.18 47.09 7.55
CA ASP E 67 -45.88 48.07 8.36
C ASP E 67 -44.90 49.08 8.98
N GLY E 68 -43.62 48.98 8.66
CA GLY E 68 -42.63 49.87 9.26
C GLY E 68 -41.22 49.39 9.01
N MET E 69 -40.27 49.90 9.80
CA MET E 69 -38.89 49.52 9.66
C MET E 69 -38.78 48.00 9.88
N SER E 70 -37.90 47.35 9.10
CA SER E 70 -37.48 46.02 9.46
C SER E 70 -36.65 46.07 10.74
N PRO E 71 -36.44 44.95 11.46
CA PRO E 71 -35.56 44.94 12.62
C PRO E 71 -34.13 45.37 12.23
N PHE E 72 -33.72 45.07 10.98
CA PHE E 72 -32.41 45.43 10.47
C PHE E 72 -32.27 46.96 10.43
N GLN E 73 -33.29 47.62 9.86
CA GLN E 73 -33.31 49.06 9.80
C GLN E 73 -33.34 49.67 11.22
N ALA E 74 -34.15 49.11 12.12
CA ALA E 74 -34.25 49.68 13.48
C ALA E 74 -32.89 49.59 14.20
N ALA E 75 -32.20 48.47 14.02
CA ALA E 75 -30.91 48.24 14.68
C ALA E 75 -29.82 49.15 14.10
N MET E 76 -29.91 49.51 12.82
CA MET E 76 -29.04 50.50 12.27
C MET E 76 -29.39 51.90 12.82
N HIS E 77 -30.70 52.20 12.87
CA HIS E 77 -31.17 53.48 13.31
C HIS E 77 -30.67 53.87 14.70
N ASP E 78 -30.73 52.95 15.67
CA ASP E 78 -30.31 53.27 17.03
C ASP E 78 -28.85 52.85 17.30
N GLY E 79 -28.17 52.28 16.28
CA GLY E 79 -26.80 51.87 16.37
C GLY E 79 -26.56 50.59 17.12
N SER E 80 -27.60 49.98 17.70
CA SER E 80 -27.41 48.80 18.53
C SER E 80 -26.89 47.64 17.67
N GLY E 81 -27.37 47.54 16.43
CA GLY E 81 -26.80 46.64 15.44
C GLY E 81 -27.24 45.20 15.55
N TYR E 82 -26.81 44.45 14.53
CA TYR E 82 -26.97 43.01 14.49
C TYR E 82 -25.78 42.42 13.74
N GLN E 83 -25.56 41.14 13.96
CA GLN E 83 -24.55 40.36 13.27
C GLN E 83 -25.24 39.20 12.55
N VAL E 84 -24.68 38.78 11.41
CA VAL E 84 -25.23 37.67 10.66
C VAL E 84 -24.24 36.49 10.70
N HIS E 85 -24.77 35.30 10.99
CA HIS E 85 -23.99 34.07 11.03
C HIS E 85 -24.70 33.04 10.17
N ARG E 86 -24.11 32.72 9.01
CA ARG E 86 -24.79 32.00 7.97
C ARG E 86 -24.04 30.73 7.56
N THR E 87 -24.79 29.66 7.29
CA THR E 87 -24.27 28.42 6.74
C THR E 87 -24.98 28.14 5.43
N ILE E 88 -24.25 27.63 4.45
CA ILE E 88 -24.83 27.18 3.22
C ILE E 88 -24.24 25.80 2.93
N GLN E 89 -25.14 24.83 2.75
N GLN E 89 -25.14 24.82 2.76
CA GLN E 89 -24.74 23.47 2.41
CA GLN E 89 -24.75 23.45 2.42
C GLN E 89 -25.19 23.17 0.98
C GLN E 89 -25.19 23.17 0.98
N TYR E 90 -24.24 22.82 0.12
CA TYR E 90 -24.51 22.59 -1.29
C TYR E 90 -24.71 21.12 -1.55
N GLU E 91 -25.48 20.82 -2.60
CA GLU E 91 -25.89 19.44 -2.87
C GLU E 91 -24.73 18.51 -3.21
N ASP E 92 -23.62 19.06 -3.74
CA ASP E 92 -22.45 18.25 -4.07
C ASP E 92 -21.44 18.16 -2.92
N GLY E 93 -21.84 18.54 -1.69
CA GLY E 93 -21.00 18.31 -0.53
C GLY E 93 -20.19 19.52 -0.10
N ALA E 94 -20.22 20.61 -0.87
CA ALA E 94 -19.51 21.82 -0.52
C ALA E 94 -20.24 22.53 0.61
N SER E 95 -19.50 23.32 1.38
N SER E 95 -19.50 23.33 1.38
CA SER E 95 -20.11 24.11 2.44
CA SER E 95 -20.01 24.07 2.52
C SER E 95 -19.45 25.48 2.50
C SER E 95 -19.44 25.48 2.53
N VAL E 96 -20.28 26.48 2.85
CA VAL E 96 -19.82 27.84 3.06
C VAL E 96 -20.31 28.26 4.45
N THR E 97 -19.43 28.93 5.17
CA THR E 97 -19.83 29.59 6.42
C THR E 97 -19.46 31.05 6.29
N ALA E 98 -20.23 31.93 6.93
CA ALA E 98 -20.04 33.36 6.74
C ALA E 98 -20.45 34.12 8.00
N HIS E 99 -19.76 35.24 8.22
CA HIS E 99 -20.07 36.09 9.34
C HIS E 99 -19.99 37.53 8.87
N TYR E 100 -21.07 38.29 9.07
CA TYR E 100 -21.11 39.68 8.62
C TYR E 100 -21.21 40.60 9.83
N ARG E 101 -20.36 41.61 9.82
CA ARG E 101 -20.37 42.70 10.82
C ARG E 101 -20.49 44.01 10.06
N TYR E 102 -21.15 44.97 10.69
CA TYR E 102 -21.40 46.26 10.09
C TYR E 102 -21.02 47.38 11.05
N THR E 103 -20.61 48.50 10.46
CA THR E 103 -20.58 49.78 11.17
C THR E 103 -21.35 50.80 10.34
N TYR E 104 -21.83 51.86 11.01
CA TYR E 104 -22.68 52.84 10.38
C TYR E 104 -22.16 54.25 10.62
N GLU E 105 -22.28 55.07 9.58
N GLU E 105 -22.26 55.06 9.58
CA GLU E 105 -21.93 56.50 9.64
CA GLU E 105 -22.00 56.51 9.72
C GLU E 105 -23.01 57.25 8.87
C GLU E 105 -23.04 57.23 8.88
N GLY E 106 -23.95 57.89 9.57
CA GLY E 106 -25.07 58.46 8.90
C GLY E 106 -25.81 57.42 8.09
N SER E 107 -26.07 57.73 6.80
CA SER E 107 -26.78 56.82 5.91
C SER E 107 -25.83 55.86 5.18
N HIS E 108 -24.58 55.73 5.65
CA HIS E 108 -23.62 54.87 4.98
C HIS E 108 -23.32 53.63 5.83
N ILE E 109 -23.35 52.47 5.20
CA ILE E 109 -23.03 51.19 5.84
C ILE E 109 -21.65 50.74 5.39
N LYS E 110 -20.85 50.27 6.35
CA LYS E 110 -19.61 49.54 6.06
C LYS E 110 -19.77 48.09 6.50
N GLY E 111 -19.60 47.17 5.56
CA GLY E 111 -19.69 45.73 5.82
C GLY E 111 -18.32 45.09 5.81
N GLU E 112 -18.09 44.21 6.77
CA GLU E 112 -16.88 43.39 6.86
C GLU E 112 -17.37 41.95 6.90
N PHE E 113 -17.24 41.24 5.78
CA PHE E 113 -17.85 39.93 5.61
C PHE E 113 -16.77 38.89 5.41
N GLN E 114 -16.73 37.91 6.31
CA GLN E 114 -15.82 36.78 6.20
C GLN E 114 -16.59 35.58 5.64
N VAL E 115 -16.07 35.00 4.55
CA VAL E 115 -16.74 33.91 3.83
C VAL E 115 -15.69 32.81 3.61
N ILE E 116 -16.01 31.61 4.10
CA ILE E 116 -15.13 30.47 3.99
C ILE E 116 -15.89 29.34 3.31
N GLY E 117 -15.37 28.86 2.17
CA GLY E 117 -15.98 27.76 1.46
C GLY E 117 -15.00 26.62 1.30
N THR E 118 -15.49 25.40 1.43
CA THR E 118 -14.65 24.22 1.26
C THR E 118 -15.44 23.10 0.59
N GLY E 119 -14.72 22.13 0.03
CA GLY E 119 -15.36 20.96 -0.51
C GLY E 119 -16.03 21.18 -1.86
N PHE E 120 -15.71 22.27 -2.56
CA PHE E 120 -16.23 22.46 -3.90
C PHE E 120 -15.47 21.53 -4.83
N PRO E 121 -16.14 20.57 -5.48
CA PRO E 121 -15.39 19.63 -6.32
C PRO E 121 -14.67 20.39 -7.41
N PRO E 122 -13.41 20.04 -7.75
CA PRO E 122 -12.69 20.74 -8.81
C PRO E 122 -13.37 20.69 -10.19
N ASP E 123 -14.18 19.65 -10.43
CA ASP E 123 -14.94 19.51 -11.65
C ASP E 123 -16.39 19.94 -11.53
N GLY E 124 -16.75 20.54 -10.39
CA GLY E 124 -18.10 20.97 -10.12
C GLY E 124 -18.42 22.33 -10.72
N PRO E 125 -19.69 22.75 -10.67
CA PRO E 125 -20.10 23.96 -11.39
C PRO E 125 -19.56 25.27 -10.81
N VAL E 126 -19.19 25.25 -9.54
CA VAL E 126 -18.58 26.43 -8.95
C VAL E 126 -17.15 26.62 -9.46
N MET E 127 -16.30 25.58 -9.33
CA MET E 127 -14.90 25.72 -9.70
C MET E 127 -14.71 25.77 -11.22
N THR E 128 -15.71 25.36 -12.02
CA THR E 128 -15.60 25.39 -13.47
C THR E 128 -16.52 26.44 -14.10
N ASN E 129 -17.09 27.30 -13.26
CA ASN E 129 -17.77 28.48 -13.77
C ASN E 129 -18.95 28.11 -14.66
N LYS E 130 -19.79 27.19 -14.19
CA LYS E 130 -21.01 26.78 -14.94
C LYS E 130 -22.30 27.37 -14.38
N LEU E 131 -22.21 28.08 -13.26
CA LEU E 131 -23.41 28.75 -12.74
C LEU E 131 -23.80 29.90 -13.66
N THR E 132 -25.10 30.03 -13.97
CA THR E 132 -25.53 31.08 -14.90
C THR E 132 -26.40 32.15 -14.25
N ALA E 133 -27.11 31.85 -13.18
CA ALA E 133 -27.96 32.82 -12.47
C ALA E 133 -28.43 32.16 -11.18
N MET E 134 -28.82 32.99 -10.23
N MET E 134 -28.77 32.98 -10.20
CA MET E 134 -29.40 32.58 -8.97
CA MET E 134 -29.42 32.47 -9.02
C MET E 134 -30.94 32.63 -9.12
C MET E 134 -30.95 32.60 -9.18
N ASP E 135 -31.65 31.51 -8.87
CA ASP E 135 -33.10 31.55 -8.90
C ASP E 135 -33.65 32.53 -7.86
N TRP E 136 -34.79 33.13 -8.17
CA TRP E 136 -35.55 33.91 -7.20
C TRP E 136 -35.86 33.03 -5.98
N SER E 137 -35.92 33.63 -4.79
CA SER E 137 -36.00 32.86 -3.56
C SER E 137 -37.05 33.42 -2.62
N VAL E 138 -37.51 32.54 -1.72
CA VAL E 138 -38.28 32.91 -0.56
C VAL E 138 -37.53 32.44 0.68
N THR E 139 -37.29 33.39 1.58
CA THR E 139 -36.71 33.08 2.91
C THR E 139 -37.84 33.14 3.97
N LYS E 140 -37.85 32.17 4.88
CA LYS E 140 -38.73 32.16 6.03
C LYS E 140 -37.97 32.67 7.26
N MET E 141 -38.59 33.60 7.97
CA MET E 141 -38.00 34.12 9.21
C MET E 141 -38.91 33.85 10.40
N LEU E 142 -38.28 33.36 11.45
CA LEU E 142 -38.90 33.19 12.77
C LEU E 142 -38.01 33.85 13.81
N TYR E 143 -38.62 34.18 14.96
CA TYR E 143 -37.91 34.86 16.04
C TYR E 143 -37.94 33.97 17.28
N PRO E 144 -36.99 33.03 17.44
CA PRO E 144 -37.05 32.09 18.57
C PRO E 144 -36.94 32.83 19.91
N ASN E 145 -36.31 34.00 19.90
CA ASN E 145 -36.30 34.83 21.09
C ASN E 145 -36.22 36.28 20.63
N ASP E 146 -36.30 37.23 21.56
CA ASP E 146 -36.47 38.61 21.14
C ASP E 146 -35.20 39.26 20.54
N LYS E 147 -34.07 38.57 20.57
CA LYS E 147 -32.83 39.12 20.06
C LYS E 147 -32.30 38.30 18.89
N THR E 148 -33.05 37.31 18.40
CA THR E 148 -32.54 36.34 17.45
C THR E 148 -33.56 36.05 16.36
N ILE E 149 -33.12 36.18 15.10
CA ILE E 149 -33.88 35.74 13.98
C ILE E 149 -33.23 34.45 13.45
N LEU E 150 -34.03 33.43 13.15
CA LEU E 150 -33.62 32.29 12.39
C LEU E 150 -34.26 32.38 11.02
N SER E 151 -33.44 32.40 9.97
CA SER E 151 -33.87 32.52 8.60
C SER E 151 -33.41 31.29 7.82
N THR E 152 -34.32 30.73 7.01
CA THR E 152 -34.03 29.56 6.20
C THR E 152 -34.50 29.78 4.77
N ALA E 153 -33.74 29.24 3.81
CA ALA E 153 -34.14 29.23 2.42
C ALA E 153 -33.55 28.01 1.74
N ASP E 154 -34.30 27.49 0.76
CA ASP E 154 -33.84 26.52 -0.20
C ASP E 154 -33.47 27.27 -1.48
N CYS E 155 -32.19 27.29 -1.81
CA CYS E 155 -31.67 28.10 -2.87
C CYS E 155 -31.28 27.24 -4.07
N SER E 156 -31.24 27.87 -5.24
CA SER E 156 -30.82 27.13 -6.43
C SER E 156 -30.26 28.08 -7.47
N TYR E 157 -29.25 27.60 -8.20
CA TYR E 157 -28.72 28.26 -9.38
C TYR E 157 -29.09 27.48 -10.62
N THR E 158 -29.27 28.18 -11.73
CA THR E 158 -29.25 27.55 -13.03
C THR E 158 -27.82 27.36 -13.47
N THR E 159 -27.59 26.37 -14.34
CA THR E 159 -26.25 26.08 -14.83
C THR E 159 -26.29 25.90 -16.34
N THR E 160 -25.07 25.89 -16.92
CA THR E 160 -24.94 25.73 -18.38
C THR E 160 -25.41 24.33 -18.82
N ALA E 161 -25.38 23.36 -17.90
CA ALA E 161 -25.81 21.98 -18.20
C ALA E 161 -27.34 21.86 -18.14
N GLY E 162 -28.04 22.92 -17.70
CA GLY E 162 -29.50 22.88 -17.59
C GLY E 162 -29.97 22.22 -16.29
N LYS E 163 -29.06 21.75 -15.45
CA LYS E 163 -29.50 21.20 -14.18
C LYS E 163 -29.18 22.17 -13.05
N ARG E 164 -30.14 22.30 -12.16
CA ARG E 164 -30.03 23.24 -11.09
C ARG E 164 -29.02 22.75 -10.06
N TYR E 165 -28.38 23.74 -9.41
CA TYR E 165 -27.40 23.50 -8.35
C TYR E 165 -28.00 24.06 -7.07
N GLN E 166 -28.38 23.16 -6.17
CA GLN E 166 -29.22 23.48 -5.00
C GLN E 166 -28.36 23.58 -3.73
N SER E 167 -28.87 24.39 -2.80
CA SER E 167 -28.26 24.54 -1.50
C SER E 167 -29.32 24.84 -0.45
N LYS E 168 -28.95 24.60 0.79
CA LYS E 168 -29.76 24.93 1.95
C LYS E 168 -29.04 26.05 2.70
N MET E 169 -29.71 27.20 2.84
N MET E 169 -29.71 27.20 2.83
CA MET E 169 -29.13 28.33 3.52
CA MET E 169 -29.14 28.35 3.51
C MET E 169 -29.85 28.52 4.86
C MET E 169 -29.85 28.52 4.85
N ARG E 170 -29.06 28.73 5.90
CA ARG E 170 -29.59 28.92 7.23
C ARG E 170 -28.76 30.00 7.92
N GLU E 171 -29.40 30.85 8.72
CA GLU E 171 -28.62 31.84 9.44
C GLU E 171 -29.33 32.26 10.71
N ASN E 172 -28.53 32.75 11.64
CA ASN E 172 -29.05 33.55 12.73
C ASN E 172 -28.65 35.01 12.48
N ASN E 173 -29.56 35.92 12.83
CA ASN E 173 -29.29 37.32 12.92
C ASN E 173 -29.42 37.67 14.40
N THR E 174 -28.33 38.10 15.01
CA THR E 174 -28.24 38.27 16.45
C THR E 174 -28.19 39.77 16.73
N PHE E 175 -29.16 40.25 17.52
CA PHE E 175 -29.37 41.66 17.80
C PHE E 175 -28.90 41.97 19.22
N ALA E 176 -28.24 43.11 19.40
CA ALA E 176 -27.80 43.49 20.73
C ALA E 176 -28.97 43.88 21.62
N LYS E 177 -30.00 44.48 21.01
CA LYS E 177 -31.15 45.01 21.71
C LYS E 177 -32.38 44.23 21.25
N PRO E 178 -33.38 43.95 22.10
CA PRO E 178 -34.58 43.27 21.65
C PRO E 178 -35.23 44.00 20.46
N MET E 179 -35.75 43.20 19.53
CA MET E 179 -36.57 43.71 18.46
C MET E 179 -37.91 44.21 19.03
N ALA E 180 -38.51 45.17 18.35
CA ALA E 180 -39.74 45.77 18.82
C ALA E 180 -40.89 44.77 18.78
N ALA E 181 -41.86 45.02 19.68
CA ALA E 181 -43.06 44.20 19.82
C ALA E 181 -43.83 44.04 18.51
N ASP E 182 -43.90 45.10 17.69
CA ASP E 182 -44.69 45.00 16.45
C ASP E 182 -43.99 44.10 15.41
N ILE E 183 -42.67 43.94 15.52
N ILE E 183 -42.67 43.92 15.53
CA ILE E 183 -41.93 42.97 14.70
CA ILE E 183 -41.96 42.98 14.68
C ILE E 183 -42.26 41.56 15.21
C ILE E 183 -42.24 41.55 15.20
N LEU E 184 -42.08 41.35 16.51
CA LEU E 184 -42.22 40.02 17.10
C LEU E 184 -43.60 39.44 16.91
N GLN E 185 -44.63 40.29 16.80
CA GLN E 185 -46.01 39.86 16.76
C GLN E 185 -46.41 39.31 15.39
N LYS E 186 -45.58 39.44 14.36
CA LYS E 186 -45.94 39.00 13.01
C LYS E 186 -44.98 37.93 12.52
N GLN E 187 -45.34 36.67 12.74
CA GLN E 187 -44.53 35.53 12.33
C GLN E 187 -45.42 34.49 11.66
N PRO E 188 -44.88 33.72 10.71
CA PRO E 188 -43.60 33.91 10.09
C PRO E 188 -43.59 35.16 9.20
N MET E 189 -42.40 35.71 8.97
CA MET E 189 -42.21 36.77 7.99
C MET E 189 -41.41 36.15 6.84
N PHE E 190 -41.88 36.32 5.62
CA PHE E 190 -41.20 35.81 4.44
C PHE E 190 -40.55 36.97 3.70
N VAL E 191 -39.48 36.65 2.95
CA VAL E 191 -38.82 37.67 2.11
C VAL E 191 -38.57 37.06 0.74
N PHE E 192 -39.09 37.73 -0.28
CA PHE E 192 -38.86 37.36 -1.66
C PHE E 192 -37.63 38.11 -2.16
N ARG E 193 -36.69 37.43 -2.81
CA ARG E 193 -35.48 38.08 -3.33
C ARG E 193 -35.21 37.69 -4.76
N LYS E 194 -34.83 38.71 -5.55
CA LYS E 194 -34.35 38.58 -6.90
C LYS E 194 -32.93 39.15 -6.95
N SER E 195 -32.04 38.42 -7.63
N SER E 195 -32.03 38.41 -7.62
CA SER E 195 -30.67 38.85 -7.72
CA SER E 195 -30.65 38.82 -7.69
C SER E 195 -30.25 38.89 -9.18
C SER E 195 -30.21 38.83 -9.14
N GLU E 196 -29.36 39.82 -9.50
N GLU E 196 -29.34 39.78 -9.47
CA GLU E 196 -28.76 39.86 -10.81
CA GLU E 196 -28.74 39.82 -10.79
C GLU E 196 -27.26 40.06 -10.64
C GLU E 196 -27.25 40.05 -10.63
N LEU E 197 -26.46 39.33 -11.41
CA LEU E 197 -25.02 39.50 -11.38
C LEU E 197 -24.49 39.50 -12.80
N GLN E 198 -23.70 40.54 -13.10
N GLN E 198 -23.66 40.50 -13.11
CA GLN E 198 -22.93 40.68 -14.34
CA GLN E 198 -22.94 40.49 -14.35
C GLN E 198 -21.45 40.62 -13.95
C GLN E 198 -21.46 40.62 -13.97
N HIS E 199 -20.61 39.94 -14.71
CA HIS E 199 -19.18 39.98 -14.42
C HIS E 199 -18.35 39.84 -15.69
N SER E 200 -17.17 40.41 -15.60
CA SER E 200 -16.14 40.30 -16.62
C SER E 200 -14.90 39.69 -15.95
N LYS E 201 -13.76 39.71 -16.64
CA LYS E 201 -12.53 39.26 -15.99
C LYS E 201 -11.99 40.33 -15.03
N THR E 202 -12.59 41.52 -15.00
CA THR E 202 -12.02 42.62 -14.19
C THR E 202 -12.97 43.12 -13.09
N GLU E 203 -14.29 42.88 -13.17
CA GLU E 203 -15.21 43.45 -12.18
C GLU E 203 -16.53 42.69 -12.24
N LEU E 204 -17.36 42.96 -11.22
CA LEU E 204 -18.72 42.51 -11.22
C LEU E 204 -19.65 43.66 -10.80
N THR E 205 -20.90 43.55 -11.23
CA THR E 205 -21.99 44.40 -10.81
C THR E 205 -23.15 43.53 -10.35
N PHE E 206 -23.59 43.79 -9.13
CA PHE E 206 -24.60 43.02 -8.46
C PHE E 206 -25.81 43.91 -8.18
N LYS E 207 -27.01 43.35 -8.36
CA LYS E 207 -28.25 44.02 -7.97
C LYS E 207 -29.13 43.02 -7.23
N GLU E 208 -29.86 43.54 -6.25
CA GLU E 208 -30.81 42.72 -5.50
C GLU E 208 -32.08 43.53 -5.27
N TRP E 209 -33.22 42.84 -5.32
CA TRP E 209 -34.53 43.37 -4.94
C TRP E 209 -35.11 42.45 -3.87
N GLN E 210 -35.57 43.01 -2.76
CA GLN E 210 -36.06 42.23 -1.66
C GLN E 210 -37.44 42.78 -1.24
N LYS E 211 -38.37 41.90 -0.91
N LYS E 211 -38.38 41.89 -0.92
CA LYS E 211 -39.73 42.29 -0.50
CA LYS E 211 -39.71 42.29 -0.48
C LYS E 211 -40.22 41.35 0.63
C LYS E 211 -40.21 41.35 0.62
N ALA E 212 -40.47 41.93 1.79
CA ALA E 212 -41.02 41.23 2.92
C ALA E 212 -42.54 41.06 2.77
N PHE E 213 -43.04 39.90 3.15
CA PHE E 213 -44.46 39.64 3.08
C PHE E 213 -44.86 38.60 4.13
N THR E 214 -46.07 38.78 4.67
CA THR E 214 -46.67 37.80 5.56
C THR E 214 -47.75 36.98 4.85
N ASP E 215 -48.16 37.42 3.66
CA ASP E 215 -49.29 36.86 2.93
C ASP E 215 -49.20 37.24 1.45
N VAL E 216 -49.80 36.42 0.58
CA VAL E 216 -49.96 36.72 -0.84
C VAL E 216 -51.44 36.73 -1.26
N MET E 217 -52.33 36.33 -0.37
CA MET E 217 -53.77 36.15 -0.70
C MET E 217 -54.56 37.43 -0.40
N PRO F 2 8.50 16.45 11.87
CA PRO F 2 8.38 15.50 12.96
C PRO F 2 6.92 15.31 13.39
N LEU F 3 6.67 14.26 14.15
CA LEU F 3 5.39 14.06 14.83
C LEU F 3 5.31 15.03 16.00
N PRO F 4 4.09 15.39 16.43
CA PRO F 4 3.95 16.34 17.53
C PRO F 4 4.11 15.75 18.91
N LYS F 5 4.61 16.59 19.83
CA LYS F 5 4.68 16.24 21.26
C LYS F 5 4.03 17.31 22.13
N THR F 6 3.97 18.54 21.65
CA THR F 6 3.47 19.64 22.45
C THR F 6 2.62 20.53 21.55
N HIS F 7 1.73 21.29 22.17
CA HIS F 7 0.90 22.18 21.37
C HIS F 7 0.45 23.37 22.19
N GLU F 8 0.02 24.41 21.48
CA GLU F 8 -0.64 25.52 22.08
C GLU F 8 -1.90 25.83 21.27
N LEU F 9 -2.85 26.47 21.95
CA LEU F 9 -4.13 26.81 21.38
C LEU F 9 -4.45 28.28 21.61
N HIS F 10 -4.92 28.92 20.55
CA HIS F 10 -5.60 30.19 20.62
C HIS F 10 -6.97 30.00 19.98
N ILE F 11 -8.02 30.07 20.79
CA ILE F 11 -9.40 29.97 20.34
C ILE F 11 -10.06 31.31 20.58
N PHE F 12 -10.74 31.81 19.55
CA PHE F 12 -11.35 33.11 19.61
C PHE F 12 -12.60 33.08 18.74
N GLY F 13 -13.49 34.02 18.99
CA GLY F 13 -14.71 34.09 18.26
C GLY F 13 -15.81 34.66 19.14
N SER F 14 -17.03 34.16 18.99
CA SER F 14 -18.15 34.68 19.75
C SER F 14 -19.20 33.58 19.93
N PHE F 15 -19.97 33.68 21.01
CA PHE F 15 -21.17 32.88 21.24
C PHE F 15 -22.32 33.82 21.49
N ASN F 16 -23.38 33.66 20.68
CA ASN F 16 -24.57 34.50 20.79
C ASN F 16 -24.15 35.98 20.73
N GLY F 17 -23.20 36.32 19.86
CA GLY F 17 -22.81 37.71 19.65
C GLY F 17 -21.78 38.27 20.62
N VAL F 18 -21.37 37.49 21.62
CA VAL F 18 -20.49 37.98 22.67
C VAL F 18 -19.11 37.35 22.46
N GLU F 19 -18.12 38.22 22.28
CA GLU F 19 -16.75 37.77 21.98
C GLU F 19 -16.17 36.94 23.14
N PHE F 20 -15.31 35.98 22.80
CA PHE F 20 -14.51 35.27 23.79
C PHE F 20 -13.15 34.98 23.18
N ASP F 21 -12.21 34.71 24.06
CA ASP F 21 -10.85 34.46 23.65
C ASP F 21 -10.20 33.62 24.73
N MET F 22 -9.51 32.56 24.34
CA MET F 22 -8.82 31.73 25.30
C MET F 22 -7.51 31.23 24.69
N VAL F 23 -6.53 31.00 25.56
CA VAL F 23 -5.28 30.37 25.18
C VAL F 23 -5.07 29.15 26.09
N GLY F 24 -4.41 28.14 25.55
CA GLY F 24 -4.09 26.95 26.31
C GLY F 24 -2.81 26.34 25.86
N ARG F 25 -2.34 25.36 26.63
N ARG F 25 -2.33 25.37 26.63
CA ARG F 25 -1.09 24.68 26.37
CA ARG F 25 -1.09 24.68 26.36
C ARG F 25 -1.31 23.19 26.61
C ARG F 25 -1.32 23.19 26.61
N GLY F 26 -0.71 22.33 25.77
CA GLY F 26 -0.95 20.92 25.88
C GLY F 26 0.21 20.05 25.45
N ILE F 27 0.02 18.74 25.63
CA ILE F 27 0.97 17.72 25.25
C ILE F 27 0.18 16.59 24.62
N GLY F 28 0.86 15.67 23.96
CA GLY F 28 0.17 14.52 23.47
C GLY F 28 1.13 13.44 23.03
N ASN F 29 0.56 12.30 22.66
CA ASN F 29 1.34 11.11 22.26
C ASN F 29 0.84 10.71 20.88
N PRO F 30 1.59 11.03 19.81
CA PRO F 30 1.13 10.81 18.45
C PRO F 30 1.18 9.33 18.04
N ASN F 31 1.75 8.48 18.91
CA ASN F 31 1.74 7.06 18.64
C ASN F 31 0.51 6.40 19.26
N GLU F 32 -0.14 7.08 20.22
CA GLU F 32 -1.25 6.51 20.93
C GLU F 32 -2.55 7.29 20.70
N GLY F 33 -2.50 8.44 20.01
CA GLY F 33 -3.74 9.21 19.80
C GLY F 33 -4.27 9.83 21.09
N SER F 34 -3.36 10.27 21.94
CA SER F 34 -3.78 10.93 23.17
C SER F 34 -3.25 12.37 23.24
N GLU F 35 -4.02 13.23 23.90
CA GLU F 35 -3.65 14.62 24.10
C GLU F 35 -4.27 15.13 25.40
N GLU F 36 -3.68 16.21 25.92
CA GLU F 36 -4.13 16.84 27.13
C GLU F 36 -3.86 18.33 26.96
N LEU F 37 -4.76 19.16 27.48
CA LEU F 37 -4.67 20.62 27.35
C LEU F 37 -5.18 21.26 28.63
N ASN F 38 -4.53 22.35 29.03
CA ASN F 38 -4.95 23.19 30.11
C ASN F 38 -5.15 24.59 29.56
N ALA F 39 -6.25 25.25 29.94
CA ALA F 39 -6.52 26.63 29.52
C ALA F 39 -7.09 27.43 30.71
N LYS F 40 -6.52 28.62 30.96
CA LYS F 40 -6.98 29.55 31.96
C LYS F 40 -8.00 30.49 31.33
N PHE F 41 -9.01 30.84 32.12
CA PHE F 41 -9.91 31.91 31.73
C PHE F 41 -9.16 33.27 31.88
N THR F 42 -9.06 34.00 30.76
CA THR F 42 -8.45 35.35 30.58
C THR F 42 -9.13 36.34 31.53
N LYS F 43 -10.46 36.41 31.40
CA LYS F 43 -11.25 37.40 32.13
C LYS F 43 -12.54 36.72 32.61
N GLY F 44 -12.37 35.78 33.54
CA GLY F 44 -13.47 35.16 34.26
C GLY F 44 -14.14 34.03 33.47
N PRO F 45 -15.09 33.30 34.12
CA PRO F 45 -15.73 32.14 33.49
C PRO F 45 -16.42 32.52 32.17
N LEU F 46 -16.49 31.53 31.29
CA LEU F 46 -17.16 31.71 30.03
C LEU F 46 -18.63 31.97 30.31
N LYS F 47 -19.29 32.62 29.35
CA LYS F 47 -20.71 32.93 29.48
C LYS F 47 -21.57 31.77 28.94
N PHE F 48 -20.98 30.60 28.71
CA PHE F 48 -21.61 29.42 28.10
C PHE F 48 -20.90 28.19 28.68
N SER F 49 -21.52 27.01 28.51
CA SER F 49 -20.93 25.78 28.98
C SER F 49 -19.58 25.53 28.36
N PRO F 50 -18.51 25.34 29.16
CA PRO F 50 -17.23 25.00 28.57
C PRO F 50 -17.29 23.70 27.74
N TYR F 51 -18.24 22.81 28.04
CA TYR F 51 -18.34 21.57 27.31
C TYR F 51 -18.62 21.81 25.82
N ILE F 52 -19.22 22.95 25.47
CA ILE F 52 -19.48 23.25 24.05
C ILE F 52 -18.18 23.40 23.28
N LEU F 53 -17.05 23.62 23.98
CA LEU F 53 -15.79 23.79 23.31
C LEU F 53 -15.08 22.46 22.98
N VAL F 54 -15.55 21.33 23.47
CA VAL F 54 -14.80 20.08 23.34
C VAL F 54 -14.22 19.82 21.95
N PRO F 55 -14.98 19.84 20.84
CA PRO F 55 -14.40 19.51 19.55
C PRO F 55 -13.37 20.54 19.09
N HIS F 56 -13.44 21.77 19.60
CA HIS F 56 -12.50 22.82 19.25
C HIS F 56 -11.23 22.76 20.11
N LEU F 57 -11.26 22.09 21.25
CA LEU F 57 -10.05 21.94 22.06
C LEU F 57 -9.18 20.80 21.53
N1 CR2 F 58 -9.82 19.82 20.86
CA1 CR2 F 58 -9.12 18.65 20.30
C1 CR2 F 58 -9.86 18.27 19.08
N2 CR2 F 58 -10.84 17.36 19.10
N3 CR2 F 58 -9.69 18.82 17.84
C2 CR2 F 58 -10.64 18.30 17.06
O2 CR2 F 58 -10.82 18.61 15.87
CA2 CR2 F 58 -11.36 17.37 17.81
CA3 CR2 F 58 -8.83 19.91 17.45
C3 CR2 F 58 -7.44 19.63 16.99
O3 CR2 F 58 -6.88 20.56 16.41
CB2 CR2 F 58 -12.49 16.66 17.26
CG2 CR2 F 58 -13.43 15.78 17.93
CD1 CR2 F 58 -13.55 15.68 19.35
CD2 CR2 F 58 -14.41 15.18 17.17
CE1 CR2 F 58 -14.53 14.88 19.91
CE2 CR2 F 58 -15.40 14.41 17.76
CZ CR2 F 58 -15.49 14.22 19.14
OH CR2 F 58 -16.42 13.49 19.66
N TYR F 59 -6.87 18.47 17.31
CA TYR F 59 -5.44 18.25 17.02
C TYR F 59 -5.26 16.84 16.48
N TYR F 60 -5.63 16.67 15.21
N TYR F 60 -5.62 16.68 15.20
CA TYR F 60 -5.57 15.33 14.57
CA TYR F 60 -5.58 15.36 14.52
C TYR F 60 -4.12 14.92 14.29
C TYR F 60 -4.13 14.94 14.26
N GLN F 61 -3.17 15.86 14.44
CA GLN F 61 -1.78 15.50 14.30
C GLN F 61 -1.35 14.45 15.34
N TYR F 62 -2.10 14.31 16.44
CA TYR F 62 -1.80 13.27 17.40
C TYR F 62 -2.41 11.93 17.02
N LEU F 63 -3.20 11.89 15.94
CA LEU F 63 -3.89 10.63 15.55
C LEU F 63 -3.03 9.83 14.57
N PRO F 64 -2.52 8.65 14.95
CA PRO F 64 -1.89 7.77 13.97
C PRO F 64 -2.97 7.01 13.20
N PHE F 65 -2.62 6.44 12.05
CA PHE F 65 -3.50 5.55 11.36
C PHE F 65 -3.07 4.12 11.64
N PRO F 66 -3.89 3.13 11.24
CA PRO F 66 -3.58 1.75 11.62
C PRO F 66 -2.24 1.24 11.09
N ASP F 67 -1.87 1.69 9.89
CA ASP F 67 -0.72 1.09 9.17
C ASP F 67 0.43 2.07 9.03
N GLY F 68 0.29 3.28 9.59
CA GLY F 68 1.30 4.31 9.52
C GLY F 68 0.72 5.67 9.84
N MET F 69 1.41 6.73 9.42
CA MET F 69 0.98 8.10 9.72
C MET F 69 -0.43 8.34 9.15
N SER F 70 -1.22 9.07 9.90
CA SER F 70 -2.46 9.62 9.38
C SER F 70 -2.12 10.68 8.32
N PRO F 71 -3.05 11.09 7.45
CA PRO F 71 -2.75 12.20 6.55
C PRO F 71 -2.42 13.51 7.30
N PHE F 72 -3.04 13.67 8.46
CA PHE F 72 -2.77 14.84 9.30
C PHE F 72 -1.28 14.87 9.73
N GLN F 73 -0.80 13.73 10.21
CA GLN F 73 0.61 13.57 10.60
C GLN F 73 1.53 13.81 9.40
N ALA F 74 1.21 13.21 8.25
CA ALA F 74 2.07 13.34 7.06
C ALA F 74 2.21 14.82 6.65
N ALA F 75 1.09 15.55 6.74
CA ALA F 75 1.03 16.93 6.30
C ALA F 75 1.73 17.87 7.28
N MET F 76 1.76 17.50 8.57
CA MET F 76 2.61 18.20 9.52
C MET F 76 4.09 17.88 9.25
N HIS F 77 4.39 16.59 9.05
CA HIS F 77 5.76 16.11 8.93
C HIS F 77 6.48 16.76 7.73
N ASP F 78 5.78 16.94 6.59
CA ASP F 78 6.42 17.58 5.43
C ASP F 78 6.18 19.08 5.37
N GLY F 79 5.41 19.61 6.31
CA GLY F 79 5.18 21.04 6.46
C GLY F 79 4.09 21.59 5.56
N SER F 80 3.54 20.76 4.66
CA SER F 80 2.57 21.22 3.67
C SER F 80 1.23 21.61 4.31
N GLY F 81 0.82 20.87 5.34
CA GLY F 81 -0.27 21.24 6.19
C GLY F 81 -1.68 21.01 5.63
N TYR F 82 -2.63 21.27 6.52
CA TYR F 82 -4.06 21.20 6.21
C TYR F 82 -4.78 22.24 7.05
N GLN F 83 -6.01 22.54 6.67
CA GLN F 83 -6.92 23.43 7.35
C GLN F 83 -8.22 22.67 7.61
N VAL F 84 -8.92 23.04 8.67
CA VAL F 84 -10.19 22.38 9.04
C VAL F 84 -11.29 23.43 8.93
N HIS F 85 -12.40 23.06 8.27
CA HIS F 85 -13.58 23.90 8.16
C HIS F 85 -14.79 23.09 8.61
N ARG F 86 -15.37 23.47 9.74
CA ARG F 86 -16.34 22.62 10.45
C ARG F 86 -17.64 23.37 10.70
N THR F 87 -18.75 22.66 10.57
CA THR F 87 -20.06 23.14 10.98
C THR F 87 -20.64 22.17 12.00
N ILE F 88 -21.33 22.72 13.00
CA ILE F 88 -22.08 21.89 13.96
C ILE F 88 -23.48 22.48 14.06
N GLN F 89 -24.49 21.64 13.82
CA GLN F 89 -25.88 22.02 13.91
C GLN F 89 -26.49 21.32 15.12
N TYR F 90 -26.99 22.08 16.08
CA TYR F 90 -27.51 21.52 17.32
C TYR F 90 -29.02 21.32 17.20
N GLU F 91 -29.57 20.39 17.98
CA GLU F 91 -30.99 20.03 17.79
C GLU F 91 -31.96 21.15 18.18
N ASP F 92 -31.53 22.10 19.03
CA ASP F 92 -32.39 23.22 19.45
C ASP F 92 -32.21 24.44 18.56
N GLY F 93 -31.54 24.27 17.40
CA GLY F 93 -31.48 25.33 16.40
C GLY F 93 -30.20 26.17 16.45
N ALA F 94 -29.31 25.92 17.42
CA ALA F 94 -28.04 26.64 17.50
C ALA F 94 -27.10 26.12 16.42
N SER F 95 -26.13 26.95 16.07
N SER F 95 -26.12 26.96 16.09
CA SER F 95 -25.14 26.56 15.09
CA SER F 95 -25.17 26.70 15.01
C SER F 95 -23.77 27.11 15.48
C SER F 95 -23.78 27.14 15.45
N VAL F 96 -22.77 26.30 15.20
CA VAL F 96 -21.38 26.69 15.35
C VAL F 96 -20.65 26.48 14.03
N THR F 97 -19.85 27.46 13.66
CA THR F 97 -18.96 27.28 12.52
C THR F 97 -17.52 27.53 13.03
N ALA F 98 -16.55 26.83 12.43
CA ALA F 98 -15.19 26.91 12.95
C ALA F 98 -14.19 26.71 11.82
N HIS F 99 -13.05 27.38 11.98
CA HIS F 99 -11.97 27.28 11.02
C HIS F 99 -10.66 27.17 11.79
N TYR F 100 -9.91 26.10 11.53
CA TYR F 100 -8.66 25.82 12.27
C TYR F 100 -7.48 25.92 11.31
N ARG F 101 -6.52 26.74 11.71
CA ARG F 101 -5.25 26.87 11.02
C ARG F 101 -4.13 26.53 12.00
N TYR F 102 -3.04 25.99 11.46
CA TYR F 102 -1.91 25.54 12.28
C TYR F 102 -0.60 26.07 11.72
N THR F 103 0.35 26.27 12.63
CA THR F 103 1.76 26.39 12.24
C THR F 103 2.55 25.41 13.09
N TYR F 104 3.73 25.00 12.59
CA TYR F 104 4.51 24.01 13.27
C TYR F 104 5.92 24.53 13.55
N GLU F 105 6.43 24.17 14.73
CA GLU F 105 7.81 24.47 15.09
C GLU F 105 8.40 23.18 15.62
N GLY F 106 9.05 22.41 14.74
CA GLY F 106 9.53 21.09 15.11
C GLY F 106 8.36 20.21 15.52
N SER F 107 8.39 19.72 16.75
CA SER F 107 7.36 18.84 17.26
C SER F 107 6.28 19.65 18.01
N HIS F 108 6.25 20.97 17.86
CA HIS F 108 5.26 21.82 18.51
C HIS F 108 4.24 22.35 17.50
N ILE F 109 2.97 22.25 17.87
CA ILE F 109 1.86 22.75 17.07
C ILE F 109 1.32 24.04 17.69
N LYS F 110 1.11 25.06 16.84
CA LYS F 110 0.39 26.25 17.25
C LYS F 110 -0.94 26.28 16.49
N GLY F 111 -2.04 26.25 17.23
CA GLY F 111 -3.37 26.33 16.61
C GLY F 111 -3.98 27.71 16.77
N GLU F 112 -4.61 28.18 15.70
CA GLU F 112 -5.38 29.42 15.68
C GLU F 112 -6.78 29.02 15.21
N PHE F 113 -7.71 28.97 16.14
CA PHE F 113 -9.06 28.44 15.87
C PHE F 113 -10.12 29.51 16.08
N GLN F 114 -10.83 29.81 15.01
CA GLN F 114 -11.94 30.73 15.07
C GLN F 114 -13.24 29.94 15.21
N VAL F 115 -14.01 30.25 16.24
CA VAL F 115 -15.23 29.52 16.59
C VAL F 115 -16.36 30.52 16.80
N ILE F 116 -17.44 30.38 16.01
CA ILE F 116 -18.54 31.31 16.05
C ILE F 116 -19.80 30.49 16.31
N GLY F 117 -20.49 30.78 17.42
CA GLY F 117 -21.74 30.09 17.73
C GLY F 117 -22.87 31.10 17.83
N THR F 118 -24.04 30.72 17.34
CA THR F 118 -25.24 31.55 17.47
C THR F 118 -26.49 30.69 17.70
N GLY F 119 -27.54 31.35 18.17
CA GLY F 119 -28.83 30.69 18.29
C GLY F 119 -28.93 29.76 19.48
N PHE F 120 -28.02 29.83 20.46
CA PHE F 120 -28.18 29.02 21.66
C PHE F 120 -29.30 29.62 22.51
N PRO F 121 -30.39 28.89 22.77
CA PRO F 121 -31.48 29.49 23.52
C PRO F 121 -30.97 29.95 24.88
N PRO F 122 -31.38 31.11 25.38
CA PRO F 122 -30.90 31.55 26.68
C PRO F 122 -31.26 30.61 27.85
N ASP F 123 -32.32 29.82 27.68
CA ASP F 123 -32.77 28.84 28.70
C ASP F 123 -32.32 27.42 28.38
N GLY F 124 -31.49 27.27 27.34
CA GLY F 124 -31.05 25.98 26.89
C GLY F 124 -29.84 25.46 27.64
N PRO F 125 -29.42 24.21 27.37
CA PRO F 125 -28.41 23.58 28.23
C PRO F 125 -27.03 24.19 28.07
N VAL F 126 -26.74 24.84 26.93
CA VAL F 126 -25.45 25.47 26.76
C VAL F 126 -25.36 26.75 27.59
N MET F 127 -26.32 27.65 27.43
CA MET F 127 -26.25 28.92 28.12
C MET F 127 -26.53 28.77 29.62
N THR F 128 -27.10 27.64 30.05
CA THR F 128 -27.36 27.44 31.48
C THR F 128 -26.49 26.35 32.10
N ASN F 129 -25.42 25.94 31.40
CA ASN F 129 -24.41 25.05 32.02
C ASN F 129 -25.06 23.73 32.50
N LYS F 130 -25.85 23.09 31.63
CA LYS F 130 -26.51 21.82 31.95
C LYS F 130 -25.83 20.65 31.24
N LEU F 131 -24.84 20.90 30.37
CA LEU F 131 -24.08 19.79 29.77
C LEU F 131 -23.19 19.16 30.84
N THR F 132 -23.17 17.83 30.91
CA THR F 132 -22.37 17.13 31.92
C THR F 132 -21.11 16.46 31.35
N ALA F 133 -21.17 16.01 30.09
CA ALA F 133 -20.07 15.31 29.45
C ALA F 133 -20.44 15.15 27.96
N MET F 134 -19.42 14.93 27.13
N MET F 134 -19.43 14.96 27.13
CA MET F 134 -19.55 14.63 25.72
CA MET F 134 -19.65 14.61 25.76
C MET F 134 -19.54 13.10 25.56
C MET F 134 -19.58 13.09 25.61
N ASP F 135 -20.56 12.53 24.91
CA ASP F 135 -20.56 11.11 24.65
C ASP F 135 -19.40 10.73 23.72
N TRP F 136 -18.90 9.51 23.89
CA TRP F 136 -17.96 8.92 22.97
C TRP F 136 -18.56 8.91 21.57
N SER F 137 -17.71 9.09 20.56
CA SER F 137 -18.18 9.30 19.23
C SER F 137 -17.44 8.44 18.21
N VAL F 138 -18.10 8.25 17.06
CA VAL F 138 -17.49 7.68 15.84
C VAL F 138 -17.64 8.68 14.72
N THR F 139 -16.53 9.05 14.10
CA THR F 139 -16.53 9.89 12.92
C THR F 139 -16.28 9.01 11.69
N LYS F 140 -17.00 9.27 10.61
CA LYS F 140 -16.74 8.62 9.32
C LYS F 140 -16.01 9.60 8.41
N MET F 141 -14.93 9.11 7.83
CA MET F 141 -14.14 9.91 6.86
C MET F 141 -14.15 9.27 5.46
N LEU F 142 -14.37 10.11 4.48
CA LEU F 142 -14.23 9.77 3.07
C LEU F 142 -13.34 10.81 2.41
N TYR F 143 -12.76 10.43 1.26
CA TYR F 143 -11.84 11.27 0.53
C TYR F 143 -12.41 11.57 -0.84
N PRO F 144 -13.26 12.62 -0.99
CA PRO F 144 -13.89 12.86 -2.30
C PRO F 144 -12.86 13.23 -3.37
N ASN F 145 -11.72 13.81 -2.96
CA ASN F 145 -10.63 13.99 -3.89
C ASN F 145 -9.33 13.88 -3.09
N ASP F 146 -8.18 13.93 -3.78
CA ASP F 146 -6.92 13.60 -3.15
C ASP F 146 -6.42 14.66 -2.19
N LYS F 147 -7.10 15.80 -2.10
CA LYS F 147 -6.70 16.89 -1.17
C LYS F 147 -7.78 17.23 -0.15
N THR F 148 -8.86 16.44 -0.11
CA THR F 148 -9.98 16.80 0.70
C THR F 148 -10.54 15.58 1.44
N ILE F 149 -10.68 15.73 2.78
CA ILE F 149 -11.44 14.77 3.61
C ILE F 149 -12.78 15.39 3.95
N LEU F 150 -13.84 14.59 3.79
CA LEU F 150 -15.15 14.92 4.36
C LEU F 150 -15.36 14.01 5.55
N SER F 151 -15.63 14.59 6.73
CA SER F 151 -15.82 13.86 7.95
C SER F 151 -17.17 14.22 8.54
N THR F 152 -17.92 13.22 9.01
CA THR F 152 -19.23 13.44 9.62
C THR F 152 -19.30 12.68 10.93
N ALA F 153 -20.06 13.24 11.87
CA ALA F 153 -20.36 12.54 13.12
C ALA F 153 -21.69 13.04 13.67
N ASP F 154 -22.42 12.12 14.31
CA ASP F 154 -23.59 12.43 15.08
C ASP F 154 -23.14 12.50 16.54
N CYS F 155 -23.18 13.70 17.13
CA CYS F 155 -22.61 13.94 18.43
C CYS F 155 -23.71 14.11 19.46
N SER F 156 -23.34 13.89 20.73
CA SER F 156 -24.31 14.11 21.80
C SER F 156 -23.60 14.37 23.11
N TYR F 157 -24.21 15.22 23.93
CA TYR F 157 -23.83 15.43 25.31
C TYR F 157 -24.90 14.86 26.25
N THR F 158 -24.45 14.36 27.39
CA THR F 158 -25.35 14.11 28.51
C THR F 158 -25.67 15.46 29.16
N THR F 159 -26.82 15.54 29.81
CA THR F 159 -27.22 16.76 30.49
C THR F 159 -27.78 16.45 31.88
N THR F 160 -27.89 17.49 32.70
N THR F 160 -27.89 17.49 32.70
CA THR F 160 -28.36 17.31 34.07
CA THR F 160 -28.35 17.34 34.10
C THR F 160 -29.75 16.67 34.09
C THR F 160 -29.75 16.71 34.11
N ALA F 161 -30.63 17.08 33.16
CA ALA F 161 -32.00 16.61 33.06
C ALA F 161 -32.10 15.16 32.55
N GLY F 162 -30.98 14.56 32.13
CA GLY F 162 -30.92 13.20 31.67
C GLY F 162 -31.47 13.00 30.26
N LYS F 163 -31.60 14.09 29.50
CA LYS F 163 -31.96 14.12 28.07
C LYS F 163 -30.67 14.49 27.31
N ARG F 164 -30.38 13.72 26.28
CA ARG F 164 -29.15 14.03 25.49
C ARG F 164 -29.36 15.27 24.63
N TYR F 165 -28.29 16.00 24.43
CA TYR F 165 -28.26 17.18 23.60
C TYR F 165 -27.44 16.88 22.36
N GLN F 166 -28.14 16.70 21.23
CA GLN F 166 -27.55 16.13 20.01
C GLN F 166 -27.17 17.19 19.00
N SER F 167 -26.18 16.86 18.16
CA SER F 167 -25.75 17.73 17.09
C SER F 167 -25.25 16.89 15.92
N LYS F 168 -25.19 17.54 14.77
CA LYS F 168 -24.61 16.98 13.55
C LYS F 168 -23.34 17.77 13.25
N MET F 169 -22.23 17.07 13.25
N MET F 169 -22.22 17.07 13.25
CA MET F 169 -20.93 17.70 12.95
CA MET F 169 -20.92 17.70 12.97
C MET F 169 -20.46 17.28 11.55
C MET F 169 -20.45 17.28 11.56
N ARG F 170 -20.06 18.25 10.74
N ARG F 170 -20.03 18.25 10.77
CA ARG F 170 -19.57 18.00 9.41
CA ARG F 170 -19.57 17.98 9.43
C ARG F 170 -18.34 18.87 9.19
C ARG F 170 -18.34 18.87 9.18
N GLU F 171 -17.34 18.37 8.48
CA GLU F 171 -16.19 19.21 8.18
C GLU F 171 -15.48 18.76 6.93
N ASN F 172 -14.79 19.74 6.33
CA ASN F 172 -13.79 19.40 5.37
C ASN F 172 -12.41 19.62 6.00
N ASN F 173 -11.48 18.76 5.64
CA ASN F 173 -10.05 18.94 5.94
C ASN F 173 -9.37 19.11 4.58
N THR F 174 -8.77 20.27 4.34
CA THR F 174 -8.26 20.63 3.03
C THR F 174 -6.74 20.66 3.09
N PHE F 175 -6.10 19.87 2.25
CA PHE F 175 -4.67 19.64 2.27
C PHE F 175 -4.01 20.41 1.13
N ALA F 176 -2.86 21.02 1.40
CA ALA F 176 -2.15 21.78 0.36
C ALA F 176 -1.55 20.82 -0.69
N LYS F 177 -1.16 19.61 -0.24
CA LYS F 177 -0.55 18.61 -1.10
C LYS F 177 -1.43 17.36 -1.08
N PRO F 178 -1.44 16.55 -2.15
CA PRO F 178 -2.26 15.36 -2.16
C PRO F 178 -1.89 14.42 -1.00
N MET F 179 -2.89 13.74 -0.47
CA MET F 179 -2.66 12.68 0.50
C MET F 179 -2.03 11.49 -0.25
N ALA F 180 -1.28 10.66 0.49
CA ALA F 180 -0.63 9.50 -0.09
C ALA F 180 -1.65 8.48 -0.62
N ALA F 181 -1.26 7.78 -1.70
CA ALA F 181 -2.10 6.81 -2.34
C ALA F 181 -2.58 5.75 -1.35
N ASP F 182 -1.72 5.32 -0.43
CA ASP F 182 -2.07 4.26 0.53
C ASP F 182 -3.23 4.74 1.43
N ILE F 183 -3.25 6.03 1.77
CA ILE F 183 -4.34 6.58 2.60
C ILE F 183 -5.64 6.53 1.80
N LEU F 184 -5.55 7.04 0.56
CA LEU F 184 -6.74 7.21 -0.29
C LEU F 184 -7.41 5.88 -0.63
N GLN F 185 -6.66 4.77 -0.58
CA GLN F 185 -7.09 3.43 -0.95
C GLN F 185 -7.97 2.80 0.13
N LYS F 186 -8.01 3.36 1.33
CA LYS F 186 -8.64 2.73 2.48
C LYS F 186 -9.80 3.60 2.96
N GLN F 187 -11.01 3.35 2.44
CA GLN F 187 -12.18 4.09 2.78
C GLN F 187 -13.34 3.12 2.99
N PRO F 188 -14.32 3.49 3.82
CA PRO F 188 -14.26 4.58 4.77
C PRO F 188 -13.21 4.35 5.87
N MET F 189 -12.72 5.43 6.48
CA MET F 189 -11.94 5.33 7.68
C MET F 189 -12.76 5.92 8.83
N PHE F 190 -12.87 5.19 9.92
CA PHE F 190 -13.62 5.66 11.10
C PHE F 190 -12.64 6.11 12.16
N VAL F 191 -13.09 6.99 13.06
CA VAL F 191 -12.26 7.38 14.21
C VAL F 191 -13.15 7.40 15.44
N PHE F 192 -12.76 6.64 16.46
CA PHE F 192 -13.43 6.63 17.73
C PHE F 192 -12.78 7.68 18.62
N ARG F 193 -13.59 8.50 19.31
CA ARG F 193 -13.00 9.50 20.19
C ARG F 193 -13.69 9.52 21.54
N LYS F 194 -12.85 9.62 22.57
CA LYS F 194 -13.28 9.82 23.96
C LYS F 194 -12.73 11.18 24.40
N SER F 195 -13.58 12.00 25.01
N SER F 195 -13.59 12.01 24.99
CA SER F 195 -13.18 13.30 25.47
CA SER F 195 -13.18 13.34 25.40
C SER F 195 -13.47 13.39 26.97
C SER F 195 -13.56 13.54 26.87
N GLU F 196 -12.63 14.15 27.69
N GLU F 196 -12.68 14.17 27.64
CA GLU F 196 -12.90 14.46 29.08
CA GLU F 196 -12.91 14.43 29.06
C GLU F 196 -12.65 15.95 29.26
C GLU F 196 -12.63 15.92 29.29
N LEU F 197 -13.53 16.60 30.02
CA LEU F 197 -13.31 18.01 30.31
C LEU F 197 -13.74 18.25 31.75
N GLN F 198 -12.91 18.99 32.48
CA GLN F 198 -13.29 19.48 33.78
C GLN F 198 -12.97 20.96 33.84
N HIS F 199 -13.72 21.69 34.63
CA HIS F 199 -13.49 23.12 34.68
C HIS F 199 -13.86 23.66 36.06
N SER F 200 -13.03 24.58 36.50
CA SER F 200 -13.29 25.32 37.69
C SER F 200 -13.77 26.71 37.27
N LYS F 201 -13.72 27.66 38.21
CA LYS F 201 -14.12 29.02 37.90
C LYS F 201 -13.00 29.73 37.13
N THR F 202 -11.78 29.18 37.13
CA THR F 202 -10.66 29.91 36.59
C THR F 202 -9.94 29.16 35.46
N GLU F 203 -10.27 27.90 35.20
CA GLU F 203 -9.58 27.19 34.12
C GLU F 203 -10.27 25.87 33.78
N LEU F 204 -9.81 25.26 32.70
CA LEU F 204 -10.29 23.97 32.27
C LEU F 204 -9.11 23.08 31.94
N THR F 205 -9.35 21.78 32.08
CA THR F 205 -8.45 20.77 31.62
C THR F 205 -9.21 19.82 30.70
N PHE F 206 -8.57 19.46 29.59
CA PHE F 206 -9.20 18.70 28.53
C PHE F 206 -8.30 17.54 28.18
N LYS F 207 -8.89 16.38 27.96
N LYS F 207 -8.89 16.38 27.95
CA LYS F 207 -8.15 15.20 27.48
CA LYS F 207 -8.16 15.21 27.47
C LYS F 207 -8.96 14.54 26.35
C LYS F 207 -8.96 14.54 26.35
N GLU F 208 -8.22 14.02 25.36
CA GLU F 208 -8.87 13.32 24.25
C GLU F 208 -8.05 12.11 23.89
N TRP F 209 -8.76 11.01 23.63
CA TRP F 209 -8.19 9.77 23.05
C TRP F 209 -8.87 9.50 21.71
N GLN F 210 -8.08 9.23 20.67
CA GLN F 210 -8.61 9.02 19.35
C GLN F 210 -8.00 7.75 18.78
N LYS F 211 -8.81 6.98 18.07
N LYS F 211 -8.83 6.95 18.10
CA LYS F 211 -8.38 5.71 17.50
CA LYS F 211 -8.36 5.71 17.49
C LYS F 211 -9.04 5.52 16.14
C LYS F 211 -9.03 5.52 16.13
N ALA F 212 -8.21 5.44 15.10
CA ALA F 212 -8.68 5.18 13.75
C ALA F 212 -8.92 3.69 13.57
N PHE F 213 -9.98 3.33 12.84
CA PHE F 213 -10.28 1.94 12.57
C PHE F 213 -11.05 1.82 11.26
N THR F 214 -10.79 0.73 10.54
CA THR F 214 -11.57 0.39 9.36
C THR F 214 -12.54 -0.75 9.64
N ASP F 215 -12.40 -1.42 10.79
CA ASP F 215 -13.14 -2.65 11.12
C ASP F 215 -13.11 -2.85 12.64
N VAL F 216 -14.10 -3.57 13.16
CA VAL F 216 -14.11 -3.99 14.56
C VAL F 216 -14.22 -5.53 14.64
N MET F 217 -14.40 -6.23 13.53
CA MET F 217 -14.73 -7.68 13.57
C MET F 217 -13.46 -8.56 13.51
N PRO G 2 -37.87 -17.38 21.54
CA PRO G 2 -36.62 -17.97 21.14
C PRO G 2 -35.79 -16.98 20.31
N LEU G 3 -34.49 -17.23 20.24
CA LEU G 3 -33.64 -16.54 19.29
C LEU G 3 -33.93 -17.09 17.90
N PRO G 4 -33.78 -16.27 16.85
CA PRO G 4 -34.10 -16.72 15.51
C PRO G 4 -33.04 -17.66 14.92
N LYS G 5 -33.49 -18.52 14.00
CA LYS G 5 -32.61 -19.35 13.21
C LYS G 5 -32.87 -19.19 11.72
N THR G 6 -34.12 -18.88 11.33
CA THR G 6 -34.51 -18.76 9.94
C THR G 6 -35.43 -17.55 9.80
N HIS G 7 -35.54 -17.02 8.59
CA HIS G 7 -36.39 -15.88 8.35
C HIS G 7 -36.86 -15.88 6.90
N GLU G 8 -37.96 -15.17 6.67
CA GLU G 8 -38.42 -14.90 5.32
C GLU G 8 -38.75 -13.41 5.22
N LEU G 9 -38.76 -12.91 4.00
CA LEU G 9 -38.99 -11.52 3.68
C LEU G 9 -40.02 -11.40 2.57
N HIS G 10 -41.02 -10.54 2.80
CA HIS G 10 -41.86 -10.04 1.76
C HIS G 10 -41.60 -8.54 1.70
N ILE G 11 -40.96 -8.10 0.63
CA ILE G 11 -40.60 -6.72 0.45
C ILE G 11 -41.38 -6.21 -0.75
N PHE G 12 -42.02 -5.05 -0.58
CA PHE G 12 -42.90 -4.54 -1.61
C PHE G 12 -42.95 -3.02 -1.49
N GLY G 13 -43.42 -2.37 -2.54
CA GLY G 13 -43.51 -0.91 -2.58
C GLY G 13 -43.33 -0.44 -4.00
N SER G 14 -42.61 0.66 -4.18
CA SER G 14 -42.40 1.19 -5.51
C SER G 14 -41.12 2.01 -5.52
N PHE G 15 -40.52 2.14 -6.71
CA PHE G 15 -39.42 3.07 -6.93
C PHE G 15 -39.81 3.92 -8.13
N ASN G 16 -39.76 5.24 -7.95
CA ASN G 16 -40.12 6.19 -8.99
C ASN G 16 -41.52 5.86 -9.53
N GLY G 17 -42.43 5.51 -8.61
CA GLY G 17 -43.83 5.26 -8.97
C GLY G 17 -44.13 3.90 -9.59
N VAL G 18 -43.12 3.03 -9.73
CA VAL G 18 -43.30 1.73 -10.35
C VAL G 18 -43.22 0.67 -9.26
N GLU G 19 -44.29 -0.12 -9.16
CA GLU G 19 -44.45 -1.14 -8.12
C GLU G 19 -43.37 -2.21 -8.28
N PHE G 20 -42.94 -2.78 -7.14
CA PHE G 20 -42.12 -4.01 -7.14
C PHE G 20 -42.55 -4.85 -5.92
N ASP G 21 -42.24 -6.14 -6.01
CA ASP G 21 -42.59 -7.08 -4.97
C ASP G 21 -41.62 -8.24 -5.06
N MET G 22 -41.10 -8.67 -3.93
CA MET G 22 -40.15 -9.75 -3.91
C MET G 22 -40.28 -10.51 -2.59
N VAL G 23 -39.99 -11.80 -2.64
CA VAL G 23 -39.93 -12.65 -1.50
C VAL G 23 -38.54 -13.25 -1.41
N GLY G 24 -38.01 -13.34 -0.20
CA GLY G 24 -36.76 -14.00 0.05
C GLY G 24 -36.83 -14.90 1.28
N ARG G 25 -35.86 -15.81 1.40
CA ARG G 25 -35.77 -16.67 2.55
C ARG G 25 -34.32 -16.82 2.95
N GLY G 26 -34.10 -17.00 4.24
CA GLY G 26 -32.72 -17.09 4.71
C GLY G 26 -32.59 -17.69 6.09
N ILE G 27 -31.35 -17.55 6.59
CA ILE G 27 -30.93 -18.10 7.86
C ILE G 27 -30.04 -17.07 8.53
N GLY G 28 -29.78 -17.27 9.82
CA GLY G 28 -28.78 -16.47 10.49
C GLY G 28 -28.40 -17.04 11.83
N ASN G 29 -27.34 -16.45 12.39
CA ASN G 29 -26.74 -16.91 13.61
C ASN G 29 -26.87 -15.79 14.63
N PRO G 30 -27.84 -15.88 15.54
CA PRO G 30 -28.12 -14.77 16.45
C PRO G 30 -27.09 -14.60 17.56
N ASN G 31 -26.16 -15.55 17.68
CA ASN G 31 -25.05 -15.40 18.61
C ASN G 31 -23.87 -14.68 17.97
N GLU G 32 -23.90 -14.50 16.66
CA GLU G 32 -22.75 -13.95 15.96
C GLU G 32 -23.11 -12.76 15.07
N GLY G 33 -24.38 -12.39 14.94
CA GLY G 33 -24.67 -11.22 14.11
C GLY G 33 -24.54 -11.48 12.62
N SER G 34 -24.75 -12.71 12.17
CA SER G 34 -24.64 -13.02 10.73
C SER G 34 -25.96 -13.52 10.18
N GLU G 35 -26.21 -13.19 8.91
CA GLU G 35 -27.43 -13.63 8.24
C GLU G 35 -27.15 -13.76 6.74
N GLU G 36 -27.99 -14.56 6.08
CA GLU G 36 -27.94 -14.74 4.63
C GLU G 36 -29.37 -14.87 4.11
N LEU G 37 -29.61 -14.32 2.93
CA LEU G 37 -30.95 -14.35 2.31
C LEU G 37 -30.77 -14.59 0.82
N ASN G 38 -31.67 -15.40 0.26
CA ASN G 38 -31.76 -15.61 -1.18
C ASN G 38 -33.16 -15.16 -1.61
N ALA G 39 -33.25 -14.45 -2.75
CA ALA G 39 -34.51 -14.03 -3.29
C ALA G 39 -34.51 -14.31 -4.79
N LYS G 40 -35.55 -15.01 -5.26
CA LYS G 40 -35.71 -15.28 -6.67
C LYS G 40 -36.55 -14.16 -7.27
N PHE G 41 -36.13 -13.64 -8.44
CA PHE G 41 -36.93 -12.67 -9.16
C PHE G 41 -38.07 -13.37 -9.91
N THR G 42 -39.21 -12.68 -10.00
CA THR G 42 -40.29 -13.25 -10.78
C THR G 42 -40.48 -12.54 -12.12
N LYS G 43 -39.78 -11.41 -12.34
CA LYS G 43 -39.90 -10.65 -13.58
C LYS G 43 -38.52 -10.25 -14.08
N GLY G 44 -37.53 -11.12 -13.88
CA GLY G 44 -36.16 -10.84 -14.30
C GLY G 44 -35.58 -9.67 -13.49
N PRO G 45 -34.45 -9.08 -13.93
CA PRO G 45 -33.77 -8.07 -13.13
C PRO G 45 -34.73 -6.96 -12.65
N LEU G 46 -34.54 -6.50 -11.41
CA LEU G 46 -35.22 -5.30 -10.90
C LEU G 46 -34.98 -4.12 -11.86
N LYS G 47 -35.90 -3.14 -11.81
CA LYS G 47 -35.86 -1.95 -12.65
C LYS G 47 -34.94 -0.87 -12.06
N PHE G 48 -34.19 -1.21 -11.04
CA PHE G 48 -33.25 -0.30 -10.37
C PHE G 48 -32.13 -1.16 -9.81
N SER G 49 -31.07 -0.52 -9.33
CA SER G 49 -29.95 -1.27 -8.78
C SER G 49 -30.38 -2.13 -7.59
N PRO G 50 -30.08 -3.45 -7.58
CA PRO G 50 -30.43 -4.26 -6.43
C PRO G 50 -29.70 -3.80 -5.15
N TYR G 51 -28.57 -3.12 -5.31
CA TYR G 51 -27.81 -2.62 -4.18
C TYR G 51 -28.62 -1.62 -3.36
N ILE G 52 -29.61 -0.93 -3.98
CA ILE G 52 -30.44 0.02 -3.22
C ILE G 52 -31.27 -0.72 -2.16
N LEU G 53 -31.46 -2.04 -2.30
CA LEU G 53 -32.24 -2.76 -1.32
C LEU G 53 -31.45 -3.22 -0.10
N VAL G 54 -30.13 -3.04 -0.09
CA VAL G 54 -29.30 -3.66 0.98
C VAL G 54 -29.86 -3.45 2.38
N PRO G 55 -30.13 -2.22 2.86
CA PRO G 55 -30.58 -2.07 4.24
C PRO G 55 -31.95 -2.70 4.52
N HIS G 56 -32.74 -2.84 3.45
CA HIS G 56 -34.06 -3.45 3.55
C HIS G 56 -33.99 -4.97 3.55
N LEU G 57 -32.92 -5.56 3.04
CA LEU G 57 -32.78 -7.01 3.05
C LEU G 57 -32.29 -7.50 4.40
N1 CR2 G 58 -31.55 -6.65 5.13
CA1 CR2 G 58 -31.05 -6.97 6.47
C1 CR2 G 58 -30.98 -5.69 7.22
N2 CR2 G 58 -29.93 -4.88 7.23
N3 CR2 G 58 -32.03 -5.16 7.94
C2 CR2 G 58 -31.65 -3.95 8.35
O2 CR2 G 58 -32.38 -3.13 8.98
CA2 CR2 G 58 -30.31 -3.79 7.93
CA3 CR2 G 58 -33.39 -5.65 8.04
C3 CR2 G 58 -33.74 -6.60 9.13
O3 CR2 G 58 -34.95 -6.78 9.33
CB2 CR2 G 58 -29.63 -2.56 8.17
CG2 CR2 G 58 -28.32 -2.12 7.73
CD1 CR2 G 58 -27.58 -2.73 6.74
CD2 CR2 G 58 -27.86 -0.86 8.17
CE1 CR2 G 58 -26.37 -2.22 6.30
CE2 CR2 G 58 -26.68 -0.33 7.74
CZ CR2 G 58 -25.91 -1.00 6.77
OH CR2 G 58 -24.76 -0.50 6.37
N TYR G 59 -32.81 -7.29 9.73
CA TYR G 59 -33.14 -8.38 10.67
C TYR G 59 -32.24 -8.28 11.90
N TYR G 60 -32.53 -7.31 12.75
CA TYR G 60 -31.73 -7.06 13.94
C TYR G 60 -31.95 -8.11 15.02
N GLN G 61 -32.91 -9.02 14.82
CA GLN G 61 -33.07 -10.17 15.70
C GLN G 61 -31.84 -11.07 15.67
N TYR G 62 -31.03 -10.96 14.61
CA TYR G 62 -29.77 -11.74 14.58
C TYR G 62 -28.63 -11.03 15.29
N LEU G 63 -28.84 -9.79 15.76
CA LEU G 63 -27.77 -9.00 16.41
C LEU G 63 -27.77 -9.22 17.90
N PRO G 64 -26.74 -9.90 18.47
CA PRO G 64 -26.60 -9.91 19.93
C PRO G 64 -26.00 -8.58 20.42
N PHE G 65 -26.13 -8.28 21.71
CA PHE G 65 -25.42 -7.16 22.30
C PHE G 65 -24.19 -7.67 23.05
N PRO G 66 -23.30 -6.76 23.47
CA PRO G 66 -22.07 -7.21 24.11
C PRO G 66 -22.29 -8.04 25.39
N ASP G 67 -23.36 -7.73 26.15
CA ASP G 67 -23.55 -8.29 27.48
C ASP G 67 -24.78 -9.20 27.56
N GLY G 68 -25.40 -9.53 26.43
CA GLY G 68 -26.61 -10.33 26.42
C GLY G 68 -27.44 -10.05 25.19
N MET G 69 -28.74 -10.40 25.25
CA MET G 69 -29.62 -10.16 24.11
C MET G 69 -29.65 -8.66 23.76
N SER G 70 -29.72 -8.36 22.48
CA SER G 70 -30.07 -7.03 22.05
C SER G 70 -31.53 -6.77 22.41
N PRO G 71 -31.99 -5.50 22.41
CA PRO G 71 -33.41 -5.24 22.67
C PRO G 71 -34.27 -5.89 21.58
N PHE G 72 -33.74 -6.01 20.37
CA PHE G 72 -34.44 -6.62 19.26
C PHE G 72 -34.71 -8.11 19.56
N GLN G 73 -33.69 -8.80 20.06
CA GLN G 73 -33.81 -10.23 20.43
C GLN G 73 -34.79 -10.38 21.59
N ALA G 74 -34.69 -9.50 22.57
CA ALA G 74 -35.58 -9.61 23.75
C ALA G 74 -37.03 -9.48 23.35
N ALA G 75 -37.31 -8.54 22.43
CA ALA G 75 -38.66 -8.26 21.98
C ALA G 75 -39.21 -9.36 21.07
N MET G 76 -38.32 -10.05 20.35
CA MET G 76 -38.75 -11.28 19.63
C MET G 76 -39.03 -12.38 20.65
N HIS G 77 -38.11 -12.56 21.61
CA HIS G 77 -38.21 -13.67 22.53
C HIS G 77 -39.52 -13.64 23.35
N ASP G 78 -39.95 -12.46 23.81
CA ASP G 78 -41.20 -12.39 24.59
C ASP G 78 -42.40 -12.07 23.71
N GLY G 79 -42.20 -11.91 22.41
CA GLY G 79 -43.26 -11.68 21.47
C GLY G 79 -43.79 -10.25 21.45
N SER G 80 -43.34 -9.39 22.37
CA SER G 80 -43.87 -8.05 22.50
C SER G 80 -43.58 -7.23 21.24
N GLY G 81 -42.41 -7.45 20.63
CA GLY G 81 -42.12 -6.92 19.32
C GLY G 81 -41.64 -5.48 19.25
N TYR G 82 -41.13 -5.16 18.06
CA TYR G 82 -40.77 -3.80 17.67
C TYR G 82 -41.09 -3.63 16.18
N GLN G 83 -41.24 -2.37 15.80
CA GLN G 83 -41.41 -1.94 14.40
C GLN G 83 -40.27 -1.01 14.03
N VAL G 84 -39.94 -0.99 12.73
CA VAL G 84 -38.85 -0.13 12.24
C VAL G 84 -39.47 0.88 11.27
N HIS G 85 -39.15 2.16 11.45
CA HIS G 85 -39.62 3.23 10.60
C HIS G 85 -38.40 4.01 10.14
N ARG G 86 -38.03 3.89 8.87
CA ARG G 86 -36.71 4.34 8.39
C ARG G 86 -36.88 5.31 7.21
N THR G 87 -36.02 6.33 7.20
CA THR G 87 -35.90 7.24 6.07
C THR G 87 -34.45 7.19 5.56
N ILE G 88 -34.28 7.33 4.26
CA ILE G 88 -32.96 7.43 3.66
C ILE G 88 -33.02 8.58 2.64
N GLN G 89 -32.12 9.55 2.82
N GLN G 89 -32.12 9.55 2.82
CA GLN G 89 -32.02 10.70 1.93
CA GLN G 89 -32.02 10.71 1.93
C GLN G 89 -30.70 10.59 1.16
C GLN G 89 -30.71 10.60 1.16
N TYR G 90 -30.80 10.53 -0.16
CA TYR G 90 -29.63 10.34 -1.00
C TYR G 90 -29.10 11.67 -1.51
N GLU G 91 -27.82 11.69 -1.84
CA GLU G 91 -27.16 12.95 -2.14
C GLU G 91 -27.68 13.60 -3.42
N ASP G 92 -28.25 12.83 -4.35
CA ASP G 92 -28.76 13.37 -5.59
C ASP G 92 -30.27 13.68 -5.49
N GLY G 93 -30.82 13.73 -4.28
CA GLY G 93 -32.18 14.24 -4.07
C GLY G 93 -33.25 13.16 -3.95
N ALA G 94 -32.86 11.91 -4.15
CA ALA G 94 -33.80 10.80 -4.01
C ALA G 94 -34.08 10.54 -2.54
N SER G 95 -35.24 9.94 -2.28
N SER G 95 -35.24 9.94 -2.29
CA SER G 95 -35.61 9.59 -0.92
CA SER G 95 -35.72 9.64 -0.94
C SER G 95 -36.29 8.23 -0.90
C SER G 95 -36.31 8.24 -0.90
N VAL G 96 -36.02 7.51 0.19
CA VAL G 96 -36.68 6.23 0.47
C VAL G 96 -37.28 6.30 1.86
N THR G 97 -38.51 5.83 1.99
CA THR G 97 -39.13 5.61 3.30
C THR G 97 -39.49 4.13 3.41
N ALA G 98 -39.43 3.59 4.63
CA ALA G 98 -39.63 2.17 4.81
C ALA G 98 -40.24 1.90 6.17
N HIS G 99 -41.05 0.84 6.21
CA HIS G 99 -41.65 0.41 7.46
C HIS G 99 -41.59 -1.11 7.50
N TYR G 100 -41.02 -1.65 8.58
CA TYR G 100 -40.84 -3.08 8.76
C TYR G 100 -41.68 -3.59 9.93
N ARG G 101 -42.42 -4.66 9.65
N ARG G 101 -42.43 -4.65 9.65
CA ARG G 101 -43.23 -5.37 10.67
CA ARG G 101 -43.24 -5.36 10.67
C ARG G 101 -42.82 -6.84 10.62
C ARG G 101 -42.83 -6.83 10.62
N TYR G 102 -42.86 -7.47 11.78
CA TYR G 102 -42.45 -8.85 11.91
C TYR G 102 -43.51 -9.64 12.68
N THR G 103 -43.58 -10.93 12.34
CA THR G 103 -44.25 -11.90 13.16
C THR G 103 -43.30 -13.07 13.38
N TYR G 104 -43.54 -13.80 14.47
CA TYR G 104 -42.61 -14.86 14.90
C TYR G 104 -43.36 -16.17 15.13
N GLU G 105 -42.78 -17.25 14.60
CA GLU G 105 -43.32 -18.63 14.79
C GLU G 105 -42.12 -19.46 15.21
N GLY G 106 -42.05 -19.82 16.48
CA GLY G 106 -40.86 -20.49 16.99
C GLY G 106 -39.64 -19.64 16.68
N SER G 107 -38.62 -20.25 16.08
CA SER G 107 -37.36 -19.57 15.76
C SER G 107 -37.39 -18.98 14.34
N HIS G 108 -38.57 -18.85 13.73
CA HIS G 108 -38.70 -18.33 12.36
C HIS G 108 -39.31 -16.92 12.41
N ILE G 109 -38.69 -16.02 11.67
CA ILE G 109 -39.17 -14.65 11.51
C ILE G 109 -39.85 -14.47 10.15
N LYS G 110 -41.02 -13.81 10.14
CA LYS G 110 -41.65 -13.38 8.94
C LYS G 110 -41.66 -11.85 8.89
N GLY G 111 -40.97 -11.29 7.89
CA GLY G 111 -40.90 -9.85 7.73
C GLY G 111 -41.79 -9.36 6.59
N GLU G 112 -42.54 -8.29 6.85
CA GLU G 112 -43.37 -7.59 5.86
C GLU G 112 -42.80 -6.18 5.78
N PHE G 113 -42.06 -5.87 4.73
CA PHE G 113 -41.34 -4.58 4.62
C PHE G 113 -41.87 -3.76 3.44
N GLN G 114 -42.39 -2.59 3.73
CA GLN G 114 -42.84 -1.67 2.71
C GLN G 114 -41.73 -0.66 2.46
N VAL G 115 -41.31 -0.51 1.19
CA VAL G 115 -40.22 0.35 0.83
C VAL G 115 -40.66 1.21 -0.37
N ILE G 116 -40.64 2.53 -0.19
CA ILE G 116 -41.05 3.46 -1.23
C ILE G 116 -39.90 4.40 -1.52
N GLY G 117 -39.48 4.43 -2.79
CA GLY G 117 -38.43 5.34 -3.24
C GLY G 117 -38.93 6.26 -4.31
N THR G 118 -38.52 7.52 -4.27
CA THR G 118 -38.86 8.51 -5.30
C THR G 118 -37.70 9.45 -5.55
N GLY G 119 -37.74 10.11 -6.72
CA GLY G 119 -36.77 11.12 -7.04
C GLY G 119 -35.41 10.60 -7.44
N PHE G 120 -35.31 9.31 -7.78
CA PHE G 120 -34.04 8.79 -8.30
C PHE G 120 -33.91 9.30 -9.74
N PRO G 121 -32.86 10.05 -10.06
CA PRO G 121 -32.72 10.58 -11.41
C PRO G 121 -32.65 9.44 -12.39
N PRO G 122 -33.34 9.52 -13.55
CA PRO G 122 -33.29 8.43 -14.51
C PRO G 122 -31.87 8.13 -15.04
N ASP G 123 -30.96 9.12 -14.96
CA ASP G 123 -29.58 8.97 -15.39
C ASP G 123 -28.62 8.74 -14.22
N GLY G 124 -29.16 8.57 -13.01
CA GLY G 124 -28.36 8.42 -11.81
C GLY G 124 -27.92 6.98 -11.62
N PRO G 125 -27.04 6.75 -10.62
CA PRO G 125 -26.40 5.45 -10.45
C PRO G 125 -27.36 4.36 -10.01
N VAL G 126 -28.50 4.73 -9.40
CA VAL G 126 -29.48 3.71 -8.99
C VAL G 126 -30.23 3.19 -10.23
N MET G 127 -30.80 4.12 -11.01
CA MET G 127 -31.66 3.70 -12.11
C MET G 127 -30.83 3.15 -13.29
N THR G 128 -29.51 3.41 -13.32
CA THR G 128 -28.66 2.92 -14.41
C THR G 128 -27.66 1.87 -13.90
N ASN G 129 -27.92 1.31 -12.72
CA ASN G 129 -27.20 0.12 -12.23
C ASN G 129 -25.68 0.34 -12.18
N LYS G 130 -25.25 1.45 -11.59
CA LYS G 130 -23.82 1.75 -11.46
C LYS G 130 -23.31 1.51 -10.03
N LEU G 131 -24.19 1.16 -9.09
CA LEU G 131 -23.70 0.85 -7.74
C LEU G 131 -22.95 -0.48 -7.80
N THR G 132 -21.80 -0.56 -7.11
CA THR G 132 -21.03 -1.79 -7.12
C THR G 132 -20.96 -2.53 -5.79
N ALA G 133 -21.12 -1.79 -4.69
CA ALA G 133 -21.10 -2.40 -3.35
C ALA G 133 -21.50 -1.33 -2.34
N MET G 134 -21.95 -1.76 -1.16
N MET G 134 -21.99 -1.76 -1.17
CA MET G 134 -22.27 -0.91 -0.02
CA MET G 134 -22.20 -0.84 -0.07
C MET G 134 -21.01 -0.85 0.86
C MET G 134 -20.97 -0.84 0.82
N ASP G 135 -20.52 0.35 1.18
CA ASP G 135 -19.41 0.46 2.13
C ASP G 135 -19.83 -0.02 3.51
N TRP G 136 -18.87 -0.60 4.24
CA TRP G 136 -19.04 -0.91 5.64
C TRP G 136 -19.46 0.34 6.39
N SER G 137 -20.28 0.13 7.44
CA SER G 137 -20.92 1.24 8.10
C SER G 137 -20.85 1.13 9.61
N VAL G 138 -20.97 2.30 10.25
CA VAL G 138 -21.20 2.42 11.69
C VAL G 138 -22.51 3.16 11.90
N THR G 139 -23.42 2.53 12.66
CA THR G 139 -24.65 3.15 13.09
C THR G 139 -24.49 3.57 14.55
N LYS G 140 -25.02 4.74 14.90
CA LYS G 140 -25.10 5.20 16.28
C LYS G 140 -26.54 5.00 16.75
N MET G 141 -26.69 4.42 17.94
CA MET G 141 -28.03 4.24 18.55
C MET G 141 -28.11 4.95 19.90
N LEU G 142 -29.18 5.69 20.08
CA LEU G 142 -29.55 6.34 21.35
C LEU G 142 -30.98 5.94 21.68
N TYR G 143 -31.31 6.03 22.97
CA TYR G 143 -32.64 5.63 23.45
C TYR G 143 -33.33 6.85 24.05
N PRO G 144 -34.01 7.69 23.24
CA PRO G 144 -34.63 8.89 23.79
C PRO G 144 -35.70 8.60 24.85
N ASN G 145 -36.32 7.42 24.79
CA ASN G 145 -37.18 6.97 25.86
C ASN G 145 -37.08 5.45 25.91
N ASP G 146 -37.72 4.83 26.89
CA ASP G 146 -37.48 3.42 27.15
C ASP G 146 -38.13 2.51 26.11
N LYS G 147 -38.93 3.03 25.16
CA LYS G 147 -39.56 2.24 24.15
C LYS G 147 -39.08 2.62 22.75
N THR G 148 -38.08 3.49 22.64
CA THR G 148 -37.73 4.03 21.34
C THR G 148 -36.21 4.08 21.17
N ILE G 149 -35.73 3.50 20.05
CA ILE G 149 -34.35 3.68 19.61
C ILE G 149 -34.34 4.63 18.42
N LEU G 150 -33.47 5.63 18.46
CA LEU G 150 -33.11 6.44 17.30
C LEU G 150 -31.76 5.95 16.79
N SER G 151 -31.70 5.56 15.54
CA SER G 151 -30.44 5.09 14.95
C SER G 151 -30.12 5.95 13.72
N THR G 152 -28.84 6.34 13.58
CA THR G 152 -28.40 7.17 12.49
C THR G 152 -27.12 6.60 11.89
N ALA G 153 -27.00 6.68 10.57
CA ALA G 153 -25.77 6.29 9.88
C ALA G 153 -25.62 7.15 8.64
N ASP G 154 -24.35 7.45 8.32
CA ASP G 154 -23.95 8.02 7.05
C ASP G 154 -23.46 6.88 6.16
N CYS G 155 -24.20 6.61 5.09
CA CYS G 155 -24.01 5.44 4.27
C CYS G 155 -23.39 5.83 2.94
N SER G 156 -22.73 4.88 2.30
CA SER G 156 -22.18 5.16 0.97
C SER G 156 -22.02 3.88 0.18
N TYR G 157 -22.20 4.01 -1.12
CA TYR G 157 -21.92 2.94 -2.07
C TYR G 157 -20.74 3.33 -2.95
N THR G 158 -19.94 2.36 -3.36
CA THR G 158 -19.02 2.55 -4.46
C THR G 158 -19.80 2.46 -5.78
N THR G 159 -19.27 3.08 -6.83
CA THR G 159 -19.89 3.05 -8.12
C THR G 159 -18.85 2.76 -9.19
N THR G 160 -19.35 2.41 -10.36
CA THR G 160 -18.49 2.10 -11.49
C THR G 160 -17.66 3.33 -11.90
N ALA G 161 -18.15 4.54 -11.64
CA ALA G 161 -17.46 5.80 -11.93
C ALA G 161 -16.33 6.10 -10.95
N GLY G 162 -16.23 5.34 -9.85
CA GLY G 162 -15.23 5.53 -8.80
C GLY G 162 -15.51 6.76 -7.95
N LYS G 163 -16.75 7.20 -7.95
CA LYS G 163 -17.32 8.25 -7.07
C LYS G 163 -18.33 7.62 -6.14
N ARG G 164 -18.22 7.92 -4.86
CA ARG G 164 -19.18 7.32 -3.90
C ARG G 164 -20.54 7.98 -3.98
N TYR G 165 -21.56 7.17 -3.71
CA TYR G 165 -22.95 7.60 -3.70
C TYR G 165 -23.45 7.56 -2.25
N GLN G 166 -23.62 8.74 -1.67
CA GLN G 166 -23.81 8.88 -0.22
C GLN G 166 -25.29 9.07 0.14
N SER G 167 -25.62 8.66 1.36
CA SER G 167 -26.95 8.85 1.89
C SER G 167 -26.91 9.03 3.40
N LYS G 168 -27.99 9.58 3.93
CA LYS G 168 -28.21 9.73 5.36
C LYS G 168 -29.37 8.82 5.73
N MET G 169 -29.11 7.88 6.62
N MET G 169 -29.11 7.87 6.61
CA MET G 169 -30.13 6.92 7.04
CA MET G 169 -30.12 6.90 7.04
C MET G 169 -30.49 7.22 8.49
C MET G 169 -30.48 7.21 8.49
N ARG G 170 -31.80 7.26 8.76
CA ARG G 170 -32.29 7.52 10.10
C ARG G 170 -33.49 6.64 10.34
N GLU G 171 -33.65 6.16 11.57
CA GLU G 171 -34.83 5.38 11.84
C GLU G 171 -35.20 5.46 13.32
N ASN G 172 -36.47 5.20 13.58
CA ASN G 172 -36.93 4.89 14.90
C ASN G 172 -37.25 3.39 14.96
N ASN G 173 -36.88 2.75 16.05
CA ASN G 173 -37.33 1.40 16.34
C ASN G 173 -38.27 1.54 17.54
N THR G 174 -39.54 1.16 17.39
CA THR G 174 -40.55 1.39 18.42
C THR G 174 -40.93 0.07 19.04
N PHE G 175 -40.78 -0.02 20.36
CA PHE G 175 -40.99 -1.23 21.12
C PHE G 175 -42.32 -1.15 21.88
N ALA G 176 -43.08 -2.25 21.90
CA ALA G 176 -44.31 -2.29 22.70
C ALA G 176 -44.04 -2.28 24.19
N LYS G 177 -42.96 -2.94 24.59
CA LYS G 177 -42.59 -3.08 25.99
C LYS G 177 -41.31 -2.29 26.23
N PRO G 178 -41.11 -1.67 27.40
CA PRO G 178 -39.86 -1.00 27.69
C PRO G 178 -38.67 -1.94 27.51
N MET G 179 -37.57 -1.37 27.01
CA MET G 179 -36.34 -2.08 26.95
C MET G 179 -35.77 -2.28 28.36
N ALA G 180 -34.99 -3.35 28.55
CA ALA G 180 -34.45 -3.65 29.85
C ALA G 180 -33.47 -2.55 30.30
N ALA G 181 -33.39 -2.40 31.62
CA ALA G 181 -32.46 -1.46 32.26
C ALA G 181 -31.02 -1.64 31.79
N ASP G 182 -30.56 -2.88 31.64
CA ASP G 182 -29.15 -3.20 31.22
C ASP G 182 -28.86 -2.64 29.81
N ILE G 183 -29.90 -2.54 28.99
CA ILE G 183 -29.77 -1.96 27.65
C ILE G 183 -29.70 -0.44 27.78
N LEU G 184 -30.64 0.15 28.54
CA LEU G 184 -30.81 1.59 28.56
C LEU G 184 -29.60 2.31 29.16
N GLN G 185 -28.87 1.61 30.04
CA GLN G 185 -27.74 2.17 30.79
C GLN G 185 -26.47 2.30 29.95
N LYS G 186 -26.45 1.74 28.74
CA LYS G 186 -25.22 1.75 27.91
C LYS G 186 -25.49 2.48 26.59
N GLN G 187 -25.21 3.77 26.58
CA GLN G 187 -25.40 4.64 25.43
C GLN G 187 -24.18 5.51 25.28
N PRO G 188 -23.80 5.88 24.04
CA PRO G 188 -24.32 5.37 22.79
C PRO G 188 -23.93 3.90 22.58
N MET G 189 -24.77 3.20 21.81
CA MET G 189 -24.40 1.86 21.32
C MET G 189 -24.17 1.99 19.82
N PHE G 190 -23.02 1.53 19.36
CA PHE G 190 -22.70 1.56 17.95
C PHE G 190 -22.89 0.16 17.35
N VAL G 191 -23.12 0.10 16.04
CA VAL G 191 -23.16 -1.19 15.34
C VAL G 191 -22.38 -1.05 14.04
N PHE G 192 -21.38 -1.93 13.89
CA PHE G 192 -20.61 -2.03 12.69
C PHE G 192 -21.27 -3.06 11.77
N ARG G 193 -21.46 -2.72 10.49
CA ARG G 193 -22.09 -3.67 9.55
C ARG G 193 -21.30 -3.77 8.26
N LYS G 194 -21.19 -5.03 7.82
CA LYS G 194 -20.66 -5.39 6.51
C LYS G 194 -21.77 -6.10 5.72
N SER G 195 -21.93 -5.75 4.44
N SER G 195 -21.95 -5.72 4.45
CA SER G 195 -22.92 -6.38 3.59
CA SER G 195 -22.97 -6.31 3.61
C SER G 195 -22.23 -6.92 2.35
C SER G 195 -22.30 -6.84 2.34
N GLU G 196 -22.80 -7.99 1.80
N GLU G 196 -22.84 -7.93 1.80
CA GLU G 196 -22.41 -8.47 0.52
CA GLU G 196 -22.41 -8.47 0.54
C GLU G 196 -23.67 -8.78 -0.28
C GLU G 196 -23.66 -8.78 -0.27
N LEU G 197 -23.65 -8.43 -1.55
CA LEU G 197 -24.77 -8.75 -2.41
C LEU G 197 -24.26 -9.25 -3.74
N GLN G 198 -24.75 -10.42 -4.14
N GLN G 198 -24.75 -10.41 -4.15
CA GLN G 198 -24.53 -11.02 -5.47
CA GLN G 198 -24.51 -10.95 -5.50
C GLN G 198 -25.88 -10.99 -6.19
C GLN G 198 -25.87 -10.99 -6.19
N HIS G 199 -25.91 -10.71 -7.49
CA HIS G 199 -27.15 -10.76 -8.22
C HIS G 199 -26.90 -11.22 -9.65
N SER G 200 -27.91 -11.88 -10.19
CA SER G 200 -27.89 -12.35 -11.56
C SER G 200 -29.18 -11.89 -12.20
N LYS G 201 -29.43 -12.36 -13.42
CA LYS G 201 -30.68 -12.06 -14.08
C LYS G 201 -31.86 -12.71 -13.34
N THR G 202 -31.61 -13.72 -12.51
CA THR G 202 -32.69 -14.53 -11.94
C THR G 202 -32.85 -14.42 -10.41
N GLU G 203 -31.83 -13.94 -9.68
CA GLU G 203 -31.93 -14.00 -8.24
C GLU G 203 -30.87 -13.09 -7.63
N LEU G 204 -31.03 -12.87 -6.33
CA LEU G 204 -29.94 -12.25 -5.54
C LEU G 204 -29.66 -13.06 -4.29
N THR G 205 -28.42 -12.94 -3.80
CA THR G 205 -28.01 -13.53 -2.54
C THR G 205 -27.35 -12.43 -1.73
N PHE G 206 -27.83 -12.28 -0.51
CA PHE G 206 -27.43 -11.21 0.39
C PHE G 206 -26.85 -11.81 1.66
N LYS G 207 -25.78 -11.20 2.17
CA LYS G 207 -25.19 -11.58 3.44
C LYS G 207 -24.88 -10.31 4.23
N GLU G 208 -25.10 -10.38 5.56
CA GLU G 208 -24.75 -9.27 6.41
C GLU G 208 -24.09 -9.80 7.69
N TRP G 209 -23.10 -9.06 8.15
CA TRP G 209 -22.47 -9.27 9.43
C TRP G 209 -22.63 -7.99 10.26
N GLN G 210 -23.03 -8.15 11.51
CA GLN G 210 -23.31 -6.97 12.35
C GLN G 210 -22.66 -7.22 13.71
N LYS G 211 -22.04 -6.16 14.27
N LYS G 211 -22.02 -6.17 14.26
CA LYS G 211 -21.38 -6.26 15.57
CA LYS G 211 -21.40 -6.26 15.58
C LYS G 211 -21.65 -4.99 16.38
C LYS G 211 -21.65 -4.99 16.38
N ALA G 212 -22.29 -5.14 17.53
CA ALA G 212 -22.53 -4.04 18.45
C ALA G 212 -21.26 -3.75 19.25
N PHE G 213 -20.98 -2.47 19.50
CA PHE G 213 -19.82 -2.10 20.31
C PHE G 213 -20.06 -0.75 20.97
N THR G 214 -19.56 -0.62 22.21
CA THR G 214 -19.55 0.67 22.87
C THR G 214 -18.18 1.35 22.85
N ASP G 215 -17.14 0.61 22.46
CA ASP G 215 -15.75 1.04 22.53
C ASP G 215 -14.92 0.22 21.52
N VAL G 216 -13.79 0.79 21.08
CA VAL G 216 -12.78 0.06 20.29
C VAL G 216 -11.40 0.09 20.95
N MET G 217 -11.25 0.81 22.05
CA MET G 217 -9.93 1.04 22.66
C MET G 217 -9.64 0.02 23.76
N PRO H 2 -63.21 16.52 -15.55
CA PRO H 2 -63.39 17.92 -15.19
C PRO H 2 -62.42 18.26 -14.04
N LEU H 3 -62.42 19.52 -13.65
CA LEU H 3 -61.82 19.93 -12.41
C LEU H 3 -62.59 19.34 -11.23
N PRO H 4 -61.92 19.10 -10.09
CA PRO H 4 -62.63 18.54 -8.93
C PRO H 4 -63.59 19.50 -8.25
N LYS H 5 -64.62 18.94 -7.61
CA LYS H 5 -65.54 19.71 -6.78
C LYS H 5 -65.66 19.10 -5.39
N THR H 6 -65.54 17.78 -5.27
CA THR H 6 -65.73 17.10 -4.00
C THR H 6 -64.66 16.03 -3.82
N HIS H 7 -64.44 15.64 -2.56
CA HIS H 7 -63.42 14.65 -2.28
C HIS H 7 -63.75 13.85 -1.03
N GLU H 8 -63.13 12.68 -0.94
CA GLU H 8 -63.16 11.90 0.28
C GLU H 8 -61.74 11.46 0.60
N LEU H 9 -61.54 11.20 1.89
CA LEU H 9 -60.24 10.88 2.46
C LEU H 9 -60.34 9.59 3.26
N HIS H 10 -59.35 8.73 3.05
CA HIS H 10 -59.10 7.63 3.95
C HIS H 10 -57.62 7.73 4.34
N ILE H 11 -57.35 8.07 5.60
CA ILE H 11 -55.98 8.08 6.16
C ILE H 11 -55.85 6.88 7.06
N PHE H 12 -54.73 6.20 6.91
CA PHE H 12 -54.45 5.07 7.72
C PHE H 12 -52.96 5.03 7.98
N GLY H 13 -52.59 4.35 9.05
CA GLY H 13 -51.21 4.19 9.38
C GLY H 13 -51.07 4.07 10.86
N SER H 14 -50.03 4.68 11.44
CA SER H 14 -49.78 4.56 12.86
C SER H 14 -49.00 5.76 13.36
N PHE H 15 -49.13 6.07 14.64
CA PHE H 15 -48.32 7.07 15.33
C PHE H 15 -47.73 6.40 16.56
N ASN H 16 -46.41 6.46 16.66
CA ASN H 16 -45.68 5.86 17.78
C ASN H 16 -46.10 4.39 17.94
N GLY H 17 -46.25 3.69 16.82
CA GLY H 17 -46.52 2.26 16.85
C GLY H 17 -47.97 1.87 17.01
N VAL H 18 -48.86 2.85 17.19
CA VAL H 18 -50.28 2.57 17.44
C VAL H 18 -51.09 2.92 16.19
N GLU H 19 -51.83 1.95 15.69
CA GLU H 19 -52.61 2.10 14.47
C GLU H 19 -53.69 3.18 14.63
N PHE H 20 -53.93 3.91 13.54
CA PHE H 20 -55.11 4.77 13.48
C PHE H 20 -55.68 4.69 12.07
N ASP H 21 -56.95 5.08 11.96
CA ASP H 21 -57.65 5.03 10.73
C ASP H 21 -58.71 6.13 10.82
N MET H 22 -58.81 6.93 9.76
CA MET H 22 -59.82 7.98 9.75
C MET H 22 -60.37 8.16 8.34
N VAL H 23 -61.66 8.48 8.26
CA VAL H 23 -62.27 8.80 6.99
C VAL H 23 -62.86 10.20 7.10
N GLY H 24 -62.85 10.91 5.99
CA GLY H 24 -63.45 12.25 5.91
C GLY H 24 -64.01 12.53 4.52
N ARG H 25 -64.73 13.65 4.43
CA ARG H 25 -65.46 14.05 3.24
C ARG H 25 -65.29 15.56 3.10
N GLY H 26 -65.17 16.08 1.88
CA GLY H 26 -65.13 17.51 1.72
C GLY H 26 -65.51 18.02 0.34
N ILE H 27 -65.18 19.30 0.15
N ILE H 27 -65.19 19.29 0.14
CA ILE H 27 -65.48 20.07 -1.02
CA ILE H 27 -65.53 20.04 -1.05
C ILE H 27 -64.31 20.98 -1.29
C ILE H 27 -64.36 21.00 -1.29
N GLY H 28 -64.22 21.48 -2.53
CA GLY H 28 -63.23 22.48 -2.84
C GLY H 28 -63.57 23.26 -4.08
N ASN H 29 -62.88 24.39 -4.23
CA ASN H 29 -63.02 25.26 -5.39
C ASN H 29 -61.71 25.27 -6.16
N PRO H 30 -61.62 24.54 -7.31
CA PRO H 30 -60.37 24.36 -8.03
C PRO H 30 -59.94 25.62 -8.80
N ASN H 31 -60.83 26.64 -8.86
CA ASN H 31 -60.47 27.93 -9.44
C ASN H 31 -59.89 28.89 -8.41
N GLU H 32 -60.00 28.57 -7.12
CA GLU H 32 -59.58 29.47 -6.02
C GLU H 32 -58.58 28.80 -5.10
N GLY H 33 -58.30 27.50 -5.25
CA GLY H 33 -57.38 26.85 -4.34
C GLY H 33 -57.91 26.73 -2.92
N SER H 34 -59.22 26.54 -2.75
CA SER H 34 -59.81 26.38 -1.42
C SER H 34 -60.41 24.98 -1.27
N GLU H 35 -60.38 24.47 -0.03
CA GLU H 35 -60.98 23.17 0.26
C GLU H 35 -61.41 23.15 1.73
N GLU H 36 -62.36 22.26 2.01
N GLU H 36 -62.39 22.29 2.01
CA GLU H 36 -62.89 22.06 3.33
CA GLU H 36 -62.90 22.06 3.34
C GLU H 36 -63.13 20.56 3.51
C GLU H 36 -63.11 20.55 3.51
N LEU H 37 -62.88 20.05 4.72
CA LEU H 37 -63.03 18.63 5.02
C LEU H 37 -63.56 18.47 6.43
N ASN H 38 -64.48 17.50 6.60
CA ASN H 38 -64.87 17.05 7.95
C ASN H 38 -64.47 15.59 8.09
N ALA H 39 -64.00 15.21 9.28
CA ALA H 39 -63.67 13.85 9.61
C ALA H 39 -64.21 13.58 11.02
N LYS H 40 -65.11 12.59 11.14
CA LYS H 40 -65.65 12.10 12.42
C LYS H 40 -64.71 11.02 12.92
N PHE H 41 -64.37 11.04 14.21
CA PHE H 41 -63.49 9.98 14.78
C PHE H 41 -64.27 8.65 14.86
N THR H 42 -63.66 7.55 14.38
CA THR H 42 -64.32 6.25 14.29
C THR H 42 -64.45 5.64 15.70
N LYS H 43 -63.39 5.83 16.50
CA LYS H 43 -63.17 5.10 17.75
C LYS H 43 -62.57 6.05 18.79
N GLY H 44 -63.25 7.16 19.02
CA GLY H 44 -62.83 8.10 20.04
C GLY H 44 -61.71 9.00 19.57
N PRO H 45 -61.25 9.93 20.43
CA PRO H 45 -60.28 10.95 20.04
C PRO H 45 -58.95 10.30 19.65
N LEU H 46 -58.23 10.93 18.73
CA LEU H 46 -56.92 10.48 18.36
C LEU H 46 -56.03 10.54 19.62
N LYS H 47 -55.01 9.70 19.61
CA LYS H 47 -54.08 9.58 20.69
C LYS H 47 -52.95 10.62 20.59
N PHE H 48 -53.06 11.57 19.66
CA PHE H 48 -52.06 12.59 19.38
C PHE H 48 -52.79 13.85 18.91
N SER H 49 -52.07 14.97 18.84
CA SER H 49 -52.67 16.26 18.41
C SER H 49 -53.25 16.13 17.02
N PRO H 50 -54.55 16.46 16.80
CA PRO H 50 -55.08 16.46 15.45
C PRO H 50 -54.35 17.41 14.51
N TYR H 51 -53.70 18.44 15.04
CA TYR H 51 -52.97 19.40 14.22
C TYR H 51 -51.82 18.73 13.47
N ILE H 52 -51.30 17.58 13.96
CA ILE H 52 -50.21 16.90 13.25
C ILE H 52 -50.69 16.37 11.88
N LEU H 53 -52.02 16.24 11.73
CA LEU H 53 -52.56 15.70 10.49
C LEU H 53 -52.73 16.76 9.38
N VAL H 54 -52.57 18.05 9.67
CA VAL H 54 -52.87 19.12 8.71
C VAL H 54 -52.35 18.82 7.30
N PRO H 55 -51.06 18.57 7.04
CA PRO H 55 -50.61 18.41 5.65
C PRO H 55 -51.21 17.18 4.98
N HIS H 56 -51.62 16.20 5.79
CA HIS H 56 -52.22 14.97 5.26
C HIS H 56 -53.72 15.15 4.96
N LEU H 57 -54.39 16.13 5.58
CA LEU H 57 -55.79 16.41 5.29
C LEU H 57 -55.96 17.21 4.01
N1 CR2 H 58 -54.93 17.99 3.64
CA1 CR2 H 58 -54.94 18.83 2.42
C1 CR2 H 58 -53.52 18.89 1.96
N2 CR2 H 58 -52.66 19.86 2.33
N3 CR2 H 58 -52.91 17.99 1.15
C2 CR2 H 58 -51.61 18.34 1.08
O2 CR2 H 58 -50.71 17.70 0.46
CA2 CR2 H 58 -51.45 19.55 1.78
CA3 CR2 H 58 -53.39 16.72 0.67
C3 CR2 H 58 -54.12 16.67 -0.64
O3 CR2 H 58 -54.24 15.57 -1.14
CB2 CR2 H 58 -50.19 20.20 1.94
CG2 CR2 H 58 -49.83 21.30 2.76
CD1 CR2 H 58 -50.64 21.85 3.76
CD2 CR2 H 58 -48.49 21.73 2.68
CE1 CR2 H 58 -50.15 22.87 4.56
CE2 CR2 H 58 -48.04 22.76 3.47
CZ CR2 H 58 -48.85 23.36 4.44
OH CR2 H 58 -48.40 24.34 5.22
N TYR H 59 -54.61 17.81 -1.15
CA TYR H 59 -55.46 17.75 -2.35
C TYR H 59 -55.07 18.89 -3.30
N TYR H 60 -53.95 18.70 -3.99
CA TYR H 60 -53.41 19.73 -4.90
C TYR H 60 -54.26 19.84 -6.16
N GLN H 61 -55.19 18.92 -6.37
CA GLN H 61 -56.09 19.04 -7.52
C GLN H 61 -56.96 20.31 -7.42
N TYR H 62 -57.08 20.88 -6.22
CA TYR H 62 -57.84 22.12 -6.06
C TYR H 62 -56.98 23.35 -6.33
N LEU H 63 -55.67 23.17 -6.56
CA LEU H 63 -54.76 24.29 -6.77
C LEU H 63 -54.66 24.63 -8.25
N PRO H 64 -55.15 25.81 -8.68
CA PRO H 64 -54.81 26.26 -10.03
C PRO H 64 -53.40 26.87 -10.04
N PHE H 65 -52.84 27.02 -11.24
CA PHE H 65 -51.60 27.74 -11.36
C PHE H 65 -51.90 29.16 -11.82
N PRO H 66 -50.90 30.05 -11.86
CA PRO H 66 -51.19 31.44 -12.13
C PRO H 66 -51.81 31.69 -13.52
N ASP H 67 -51.52 30.85 -14.50
N ASP H 67 -51.44 30.86 -14.49
CA ASP H 67 -52.02 31.13 -15.84
CA ASP H 67 -51.78 31.05 -15.91
C ASP H 67 -52.65 29.90 -16.48
C ASP H 67 -52.66 29.93 -16.47
N GLY H 68 -53.15 29.00 -15.63
CA GLY H 68 -53.90 27.87 -16.10
C GLY H 68 -53.90 26.74 -15.09
N MET H 69 -54.26 25.54 -15.58
CA MET H 69 -54.30 24.38 -14.71
C MET H 69 -52.92 24.16 -14.10
N SER H 70 -52.90 23.65 -12.88
CA SER H 70 -51.70 23.13 -12.30
C SER H 70 -51.42 21.80 -12.98
N PRO H 71 -50.20 21.26 -12.83
CA PRO H 71 -49.93 19.91 -13.31
C PRO H 71 -50.83 18.88 -12.63
N PHE H 72 -51.21 19.15 -11.37
CA PHE H 72 -52.08 18.26 -10.61
C PHE H 72 -53.47 18.16 -11.27
N GLN H 73 -54.00 19.32 -11.66
CA GLN H 73 -55.29 19.39 -12.35
C GLN H 73 -55.24 18.72 -13.72
N ALA H 74 -54.16 18.99 -14.45
CA ALA H 74 -53.99 18.37 -15.79
C ALA H 74 -53.94 16.85 -15.68
N ALA H 75 -53.24 16.32 -14.66
CA ALA H 75 -53.09 14.89 -14.48
C ALA H 75 -54.40 14.24 -13.99
N MET H 76 -55.21 14.98 -13.26
CA MET H 76 -56.56 14.50 -12.90
C MET H 76 -57.42 14.46 -14.16
N HIS H 77 -57.36 15.50 -14.99
CA HIS H 77 -58.23 15.62 -16.14
C HIS H 77 -58.14 14.38 -17.03
N ASP H 78 -56.92 13.99 -17.37
CA ASP H 78 -56.74 12.89 -18.31
C ASP H 78 -56.65 11.55 -17.59
N GLY H 79 -56.78 11.55 -16.25
CA GLY H 79 -56.79 10.35 -15.44
C GLY H 79 -55.43 9.71 -15.24
N SER H 80 -54.36 10.27 -15.84
CA SER H 80 -53.02 9.66 -15.73
C SER H 80 -52.50 9.76 -14.28
N GLY H 81 -52.77 10.88 -13.63
CA GLY H 81 -52.57 11.01 -12.20
C GLY H 81 -51.12 11.27 -11.77
N TYR H 82 -51.00 11.38 -10.45
CA TYR H 82 -49.72 11.51 -9.77
C TYR H 82 -49.85 10.88 -8.39
N GLN H 83 -48.70 10.60 -7.77
CA GLN H 83 -48.60 10.08 -6.44
C GLN H 83 -47.72 11.01 -5.62
N VAL H 84 -47.96 11.12 -4.32
CA VAL H 84 -47.18 11.99 -3.45
C VAL H 84 -46.40 11.11 -2.47
N HIS H 85 -45.10 11.39 -2.32
CA HIS H 85 -44.26 10.68 -1.37
C HIS H 85 -43.58 11.74 -0.51
N ARG H 86 -43.88 11.77 0.80
CA ARG H 86 -43.55 12.93 1.63
C ARG H 86 -42.85 12.47 2.89
N THR H 87 -41.81 13.22 3.31
N THR H 87 -41.81 13.22 3.32
CA THR H 87 -41.18 13.05 4.59
CA THR H 87 -41.15 13.03 4.60
C THR H 87 -41.29 14.35 5.39
C THR H 87 -41.27 14.33 5.39
N ILE H 88 -41.52 14.21 6.69
CA ILE H 88 -41.52 15.37 7.58
C ILE H 88 -40.63 15.02 8.76
N GLN H 89 -39.60 15.85 8.99
N GLN H 89 -39.60 15.85 8.99
CA GLN H 89 -38.70 15.65 10.11
CA GLN H 89 -38.68 15.64 10.10
C GLN H 89 -38.92 16.78 11.11
C GLN H 89 -38.91 16.78 11.11
N TYR H 90 -39.28 16.41 12.34
CA TYR H 90 -39.62 17.39 13.37
C TYR H 90 -38.39 17.69 14.22
N GLU H 91 -38.38 18.86 14.85
CA GLU H 91 -37.17 19.34 15.54
C GLU H 91 -36.83 18.50 16.79
N ASP H 92 -37.80 17.80 17.37
CA ASP H 92 -37.60 16.98 18.56
C ASP H 92 -37.32 15.51 18.21
N GLY H 93 -37.01 15.23 16.95
CA GLY H 93 -36.55 13.92 16.48
C GLY H 93 -37.66 13.00 15.99
N ALA H 94 -38.90 13.46 16.00
CA ALA H 94 -40.00 12.70 15.41
C ALA H 94 -39.92 12.75 13.89
N SER H 95 -40.49 11.72 13.25
N SER H 95 -40.51 11.72 13.26
CA SER H 95 -40.53 11.65 11.81
CA SER H 95 -40.50 11.53 11.82
C SER H 95 -41.88 11.12 11.36
C SER H 95 -41.89 11.10 11.36
N VAL H 96 -42.37 11.70 10.27
CA VAL H 96 -43.56 11.20 9.59
C VAL H 96 -43.20 10.92 8.14
N THR H 97 -43.62 9.77 7.63
CA THR H 97 -43.55 9.50 6.23
C THR H 97 -44.97 9.23 5.71
N ALA H 98 -45.19 9.56 4.43
CA ALA H 98 -46.57 9.49 3.89
C ALA H 98 -46.52 9.18 2.41
N HIS H 99 -47.56 8.50 1.95
CA HIS H 99 -47.73 8.20 0.54
C HIS H 99 -49.20 8.38 0.23
N TYR H 100 -49.48 9.22 -0.77
CA TYR H 100 -50.86 9.55 -1.21
C TYR H 100 -51.11 9.01 -2.61
N ARG H 101 -52.21 8.28 -2.71
CA ARG H 101 -52.70 7.75 -4.00
C ARG H 101 -54.14 8.22 -4.16
N TYR H 102 -54.54 8.46 -5.39
CA TYR H 102 -55.86 8.98 -5.69
C TYR H 102 -56.53 8.18 -6.79
N THR H 103 -57.86 8.14 -6.76
CA THR H 103 -58.70 7.78 -7.91
C THR H 103 -59.73 8.88 -8.11
N TYR H 104 -60.27 8.95 -9.33
CA TYR H 104 -61.20 10.03 -9.71
C TYR H 104 -62.48 9.40 -10.28
N GLU H 105 -63.60 10.00 -9.90
CA GLU H 105 -64.92 9.64 -10.44
C GLU H 105 -65.58 10.95 -10.85
N GLY H 106 -65.44 11.35 -12.12
CA GLY H 106 -65.91 12.66 -12.54
C GLY H 106 -65.19 13.75 -11.79
N SER H 107 -65.92 14.61 -11.09
CA SER H 107 -65.34 15.72 -10.35
C SER H 107 -65.05 15.32 -8.88
N HIS H 108 -65.16 14.03 -8.56
CA HIS H 108 -64.98 13.54 -7.16
C HIS H 108 -63.62 12.83 -7.04
N ILE H 109 -62.85 13.22 -6.02
CA ILE H 109 -61.54 12.62 -5.75
C ILE H 109 -61.68 11.66 -4.58
N LYS H 110 -61.04 10.49 -4.72
CA LYS H 110 -60.88 9.55 -3.57
C LYS H 110 -59.39 9.48 -3.24
N GLY H 111 -59.05 9.85 -2.01
CA GLY H 111 -57.69 9.78 -1.53
C GLY H 111 -57.48 8.58 -0.60
N GLU H 112 -56.38 7.86 -0.80
CA GLU H 112 -55.94 6.80 0.09
C GLU H 112 -54.54 7.15 0.56
N PHE H 113 -54.46 7.59 1.79
CA PHE H 113 -53.20 8.19 2.30
C PHE H 113 -52.66 7.36 3.47
N GLN H 114 -51.46 6.85 3.30
CA GLN H 114 -50.78 6.13 4.36
C GLN H 114 -49.84 7.07 5.08
N VAL H 115 -49.99 7.17 6.40
CA VAL H 115 -49.23 8.13 7.20
C VAL H 115 -48.65 7.38 8.41
N ILE H 116 -47.32 7.40 8.54
CA ILE H 116 -46.63 6.71 9.60
C ILE H 116 -45.78 7.72 10.35
N GLY H 117 -46.04 7.87 11.64
CA GLY H 117 -45.26 8.72 12.48
C GLY H 117 -44.59 7.96 13.62
N THR H 118 -43.36 8.34 13.95
CA THR H 118 -42.66 7.73 15.05
C THR H 118 -41.80 8.76 15.77
N GLY H 119 -41.38 8.39 16.99
CA GLY H 119 -40.43 9.18 17.72
C GLY H 119 -40.99 10.47 18.31
N PHE H 120 -42.31 10.60 18.40
CA PHE H 120 -42.89 11.73 19.08
C PHE H 120 -42.69 11.54 20.58
N PRO H 121 -41.97 12.44 21.24
CA PRO H 121 -41.73 12.24 22.66
C PRO H 121 -43.05 12.17 23.40
N PRO H 122 -43.19 11.27 24.38
CA PRO H 122 -44.45 11.20 25.11
C PRO H 122 -44.83 12.49 25.86
N ASP H 123 -43.84 13.31 26.19
CA ASP H 123 -44.05 14.60 26.91
C ASP H 123 -43.97 15.78 25.96
N GLY H 124 -43.91 15.52 24.65
CA GLY H 124 -43.79 16.57 23.67
C GLY H 124 -45.15 17.14 23.26
N PRO H 125 -45.13 18.19 22.42
CA PRO H 125 -46.35 18.92 22.14
C PRO H 125 -47.36 18.16 21.30
N VAL H 126 -46.92 17.15 20.54
CA VAL H 126 -47.84 16.36 19.73
C VAL H 126 -48.61 15.38 20.61
N MET H 127 -47.88 14.63 21.43
CA MET H 127 -48.57 13.58 22.21
C MET H 127 -49.33 14.21 23.38
N THR H 128 -49.02 15.45 23.75
CA THR H 128 -49.74 16.13 24.87
C THR H 128 -50.67 17.26 24.40
N ASN H 129 -50.91 17.33 23.09
CA ASN H 129 -51.97 18.21 22.53
C ASN H 129 -51.70 19.68 22.92
N LYS H 130 -50.47 20.13 22.67
CA LYS H 130 -50.11 21.52 22.91
C LYS H 130 -49.98 22.32 21.61
N LEU H 131 -50.14 21.69 20.44
CA LEU H 131 -50.15 22.44 19.21
C LEU H 131 -51.43 23.26 19.17
N THR H 132 -51.34 24.54 18.74
CA THR H 132 -52.53 25.39 18.67
C THR H 132 -52.95 25.73 17.24
N ALA H 133 -52.01 25.79 16.31
CA ALA H 133 -52.31 26.11 14.91
C ALA H 133 -51.07 25.84 14.08
N MET H 134 -51.26 25.61 12.79
N MET H 134 -51.26 25.63 12.78
CA MET H 134 -50.13 25.57 11.89
CA MET H 134 -50.18 25.51 11.80
C MET H 134 -49.91 26.94 11.28
C MET H 134 -49.90 26.91 11.22
N ASP H 135 -48.65 27.37 11.28
CA ASP H 135 -48.30 28.64 10.63
C ASP H 135 -48.51 28.55 9.13
N TRP H 136 -48.88 29.69 8.56
CA TRP H 136 -48.90 29.84 7.12
C TRP H 136 -47.53 29.49 6.52
N SER H 137 -47.51 28.95 5.29
CA SER H 137 -46.31 28.37 4.73
C SER H 137 -46.10 28.77 3.28
N VAL H 138 -44.83 28.69 2.88
CA VAL H 138 -44.42 28.77 1.49
C VAL H 138 -43.68 27.49 1.14
N THR H 139 -44.13 26.83 0.09
CA THR H 139 -43.49 25.68 -0.48
C THR H 139 -42.77 26.07 -1.76
N LYS H 140 -41.52 25.61 -1.94
CA LYS H 140 -40.79 25.81 -3.20
C LYS H 140 -40.87 24.54 -4.03
N MET H 141 -41.27 24.66 -5.30
N MET H 141 -41.28 24.66 -5.30
CA MET H 141 -41.35 23.55 -6.23
CA MET H 141 -41.37 23.55 -6.25
C MET H 141 -40.33 23.72 -7.36
C MET H 141 -40.33 23.72 -7.36
N LEU H 142 -39.61 22.63 -7.64
CA LEU H 142 -38.72 22.52 -8.80
C LEU H 142 -39.11 21.24 -9.53
N TYR H 143 -38.69 21.16 -10.79
CA TYR H 143 -39.04 20.04 -11.65
C TYR H 143 -37.75 19.40 -12.15
N PRO H 144 -37.10 18.51 -11.36
CA PRO H 144 -35.84 17.94 -11.78
C PRO H 144 -35.92 17.11 -13.07
N ASN H 145 -37.11 16.57 -13.37
CA ASN H 145 -37.34 15.96 -14.67
C ASN H 145 -38.83 16.13 -14.99
N ASP H 146 -39.23 15.73 -16.18
CA ASP H 146 -40.57 16.09 -16.70
C ASP H 146 -41.70 15.33 -15.99
N LYS H 147 -41.36 14.36 -15.15
CA LYS H 147 -42.39 13.59 -14.49
C LYS H 147 -42.33 13.74 -12.96
N THR H 148 -41.45 14.63 -12.46
CA THR H 148 -41.17 14.67 -11.05
C THR H 148 -41.08 16.09 -10.53
N ILE H 149 -41.87 16.39 -9.51
CA ILE H 149 -41.76 17.62 -8.73
C ILE H 149 -41.03 17.30 -7.42
N LEU H 150 -40.05 18.14 -7.06
CA LEU H 150 -39.50 18.13 -5.74
C LEU H 150 -39.97 19.40 -5.04
N SER H 151 -40.62 19.24 -3.89
CA SER H 151 -41.20 20.35 -3.14
C SER H 151 -40.66 20.34 -1.73
N THR H 152 -40.30 21.52 -1.23
CA THR H 152 -39.74 21.63 0.09
C THR H 152 -40.41 22.79 0.83
N ALA H 153 -40.58 22.63 2.13
CA ALA H 153 -41.05 23.72 2.99
C ALA H 153 -40.48 23.56 4.38
N ASP H 154 -40.26 24.71 5.03
CA ASP H 154 -39.98 24.79 6.44
C ASP H 154 -41.26 25.16 7.20
N CYS H 155 -41.75 24.24 8.02
CA CYS H 155 -43.06 24.30 8.60
C CYS H 155 -42.96 24.57 10.09
N SER H 156 -44.03 25.11 10.66
CA SER H 156 -44.03 25.37 12.10
C SER H 156 -45.45 25.46 12.61
N TYR H 157 -45.62 25.01 13.86
CA TYR H 157 -46.83 25.17 14.63
C TYR H 157 -46.59 26.14 15.78
N THR H 158 -47.64 26.89 16.14
CA THR H 158 -47.68 27.56 17.42
C THR H 158 -48.08 26.53 18.48
N THR H 159 -47.68 26.81 19.72
CA THR H 159 -47.99 25.92 20.84
C THR H 159 -48.49 26.75 22.02
N THR H 160 -49.09 26.05 22.98
CA THR H 160 -49.63 26.68 24.16
C THR H 160 -48.54 27.34 25.00
N ALA H 161 -47.30 26.83 24.91
CA ALA H 161 -46.14 27.35 25.61
C ALA H 161 -45.55 28.58 24.92
N GLY H 162 -46.09 28.96 23.75
CA GLY H 162 -45.65 30.15 23.04
C GLY H 162 -44.33 29.95 22.34
N LYS H 163 -43.95 28.70 22.10
CA LYS H 163 -42.72 28.39 21.40
C LYS H 163 -43.07 27.51 20.19
N ARG H 164 -42.51 27.85 19.03
CA ARG H 164 -42.90 27.16 17.83
C ARG H 164 -42.30 25.78 17.75
N TYR H 165 -43.04 24.89 17.10
CA TYR H 165 -42.65 23.49 16.87
C TYR H 165 -42.41 23.32 15.37
N GLN H 166 -41.14 23.23 15.02
CA GLN H 166 -40.70 23.29 13.61
C GLN H 166 -40.47 21.92 12.98
N SER H 167 -40.62 21.89 11.66
CA SER H 167 -40.34 20.71 10.89
C SER H 167 -39.82 21.08 9.51
N LYS H 168 -39.21 20.09 8.89
CA LYS H 168 -38.77 20.18 7.49
C LYS H 168 -39.59 19.19 6.69
N MET H 169 -40.30 19.70 5.68
N MET H 169 -40.31 19.71 5.71
CA MET H 169 -41.11 18.87 4.85
CA MET H 169 -41.16 18.87 4.85
C MET H 169 -40.48 18.81 3.46
C MET H 169 -40.52 18.79 3.46
N ARG H 170 -40.41 17.59 2.93
N ARG H 170 -40.41 17.58 2.93
CA ARG H 170 -39.88 17.33 1.61
CA ARG H 170 -39.86 17.33 1.61
C ARG H 170 -40.74 16.30 0.91
C ARG H 170 -40.74 16.29 0.91
N GLU H 171 -40.94 16.44 -0.40
CA GLU H 171 -41.75 15.46 -1.08
C GLU H 171 -41.40 15.42 -2.56
N ASN H 172 -41.68 14.26 -3.12
CA ASN H 172 -41.80 14.15 -4.59
C ASN H 172 -43.27 14.01 -4.96
N ASN H 173 -43.63 14.56 -6.10
CA ASN H 173 -44.88 14.29 -6.76
C ASN H 173 -44.50 13.65 -8.09
N THR H 174 -44.88 12.38 -8.28
CA THR H 174 -44.46 11.56 -9.40
C THR H 174 -45.64 11.36 -10.32
N PHE H 175 -45.48 11.80 -11.58
CA PHE H 175 -46.52 11.81 -12.57
C PHE H 175 -46.34 10.62 -13.53
N ALA H 176 -47.46 10.02 -13.93
CA ALA H 176 -47.41 8.92 -14.87
C ALA H 176 -47.02 9.42 -16.27
N LYS H 177 -47.48 10.62 -16.62
CA LYS H 177 -47.22 11.21 -17.95
C LYS H 177 -46.41 12.50 -17.72
N PRO H 178 -45.55 12.93 -18.66
CA PRO H 178 -44.78 14.15 -18.47
C PRO H 178 -45.73 15.33 -18.25
N MET H 179 -45.29 16.27 -17.42
CA MET H 179 -45.94 17.53 -17.28
C MET H 179 -45.76 18.32 -18.58
N ALA H 180 -46.70 19.22 -18.86
CA ALA H 180 -46.62 20.03 -20.06
C ALA H 180 -45.38 20.94 -20.02
N ALA H 181 -44.83 21.18 -21.21
CA ALA H 181 -43.62 21.98 -21.43
C ALA H 181 -43.80 23.37 -20.82
N ASP H 182 -45.01 23.94 -20.93
CA ASP H 182 -45.30 25.29 -20.41
C ASP H 182 -45.15 25.36 -18.88
N ILE H 183 -45.59 24.31 -18.18
CA ILE H 183 -45.47 24.17 -16.69
C ILE H 183 -43.97 24.13 -16.35
N LEU H 184 -43.24 23.31 -17.10
CA LEU H 184 -41.85 23.04 -16.82
C LEU H 184 -41.01 24.32 -17.01
N GLN H 185 -41.49 25.26 -17.84
CA GLN H 185 -40.72 26.45 -18.20
C GLN H 185 -40.63 27.42 -17.02
N LYS H 186 -41.54 27.32 -16.04
CA LYS H 186 -41.68 28.35 -15.02
C LYS H 186 -41.24 27.80 -13.67
N GLN H 187 -39.95 27.99 -13.35
CA GLN H 187 -39.40 27.51 -12.09
C GLN H 187 -38.55 28.61 -11.47
N PRO H 188 -38.40 28.62 -10.14
CA PRO H 188 -39.23 27.89 -9.18
C PRO H 188 -40.68 28.35 -9.18
N MET H 189 -41.57 27.47 -8.77
CA MET H 189 -42.94 27.83 -8.51
C MET H 189 -43.18 27.71 -7.00
N PHE H 190 -43.68 28.76 -6.38
CA PHE H 190 -43.96 28.78 -4.96
C PHE H 190 -45.45 28.59 -4.72
N VAL H 191 -45.78 28.04 -3.52
CA VAL H 191 -47.19 27.93 -3.15
C VAL H 191 -47.35 28.39 -1.71
N PHE H 192 -48.21 29.39 -1.51
CA PHE H 192 -48.54 29.90 -0.17
C PHE H 192 -49.74 29.12 0.35
N ARG H 193 -49.70 28.63 1.59
CA ARG H 193 -50.82 27.89 2.11
C ARG H 193 -51.20 28.40 3.50
N LYS H 194 -52.51 28.50 3.71
CA LYS H 194 -53.14 28.76 5.00
C LYS H 194 -54.01 27.56 5.36
N SER H 195 -53.92 27.11 6.61
N SER H 195 -53.91 27.11 6.61
CA SER H 195 -54.75 26.03 7.11
CA SER H 195 -54.70 25.99 7.07
C SER H 195 -55.55 26.52 8.32
C SER H 195 -55.44 26.41 8.35
N GLU H 196 -56.72 25.94 8.52
N GLU H 196 -56.63 25.85 8.52
CA GLU H 196 -57.48 26.13 9.74
CA GLU H 196 -57.41 26.10 9.71
C GLU H 196 -57.99 24.75 10.18
C GLU H 196 -57.99 24.76 10.16
N LEU H 197 -57.88 24.46 11.47
N LEU H 197 -57.85 24.44 11.46
CA LEU H 197 -58.37 23.20 11.99
CA LEU H 197 -58.41 23.21 11.96
C LEU H 197 -59.05 23.49 13.33
C LEU H 197 -59.06 23.49 13.31
N GLN H 198 -60.27 22.95 13.48
CA GLN H 198 -60.96 22.92 14.75
C GLN H 198 -61.28 21.46 15.05
N HIS H 199 -61.27 21.07 16.32
CA HIS H 199 -61.60 19.70 16.64
C HIS H 199 -62.30 19.66 17.99
N SER H 200 -63.09 18.60 18.14
CA SER H 200 -63.73 18.25 19.38
C SER H 200 -63.24 16.86 19.78
N LYS H 201 -63.88 16.26 20.77
CA LYS H 201 -63.52 14.90 21.10
C LYS H 201 -64.04 13.92 20.04
N THR H 202 -64.90 14.37 19.13
CA THR H 202 -65.62 13.43 18.23
C THR H 202 -65.35 13.70 16.75
N GLU H 203 -64.79 14.86 16.38
CA GLU H 203 -64.62 15.16 14.97
C GLU H 203 -63.64 16.30 14.79
N LEU H 204 -63.21 16.52 13.53
CA LEU H 204 -62.47 17.72 13.18
C LEU H 204 -63.05 18.35 11.92
N THR H 205 -62.79 19.64 11.78
CA THR H 205 -63.13 20.42 10.61
C THR H 205 -61.86 21.10 10.15
N PHE H 206 -61.56 20.96 8.85
CA PHE H 206 -60.33 21.42 8.26
C PHE H 206 -60.65 22.29 7.05
N LYS H 207 -59.89 23.36 6.90
CA LYS H 207 -59.97 24.21 5.73
C LYS H 207 -58.55 24.59 5.28
N GLU H 208 -58.35 24.65 3.97
CA GLU H 208 -57.05 25.06 3.43
C GLU H 208 -57.29 26.01 2.25
N TRP H 209 -56.43 27.03 2.16
CA TRP H 209 -56.33 27.93 1.02
C TRP H 209 -54.90 27.83 0.48
N GLN H 210 -54.77 27.66 -0.82
CA GLN H 210 -53.49 27.51 -1.48
C GLN H 210 -53.44 28.49 -2.65
N LYS H 211 -52.28 29.13 -2.85
CA LYS H 211 -52.08 30.07 -3.98
C LYS H 211 -50.66 29.90 -4.54
N ALA H 212 -50.57 29.54 -5.82
CA ALA H 212 -49.31 29.44 -6.52
C ALA H 212 -48.84 30.82 -6.96
N PHE H 213 -47.53 31.06 -6.85
CA PHE H 213 -46.95 32.33 -7.27
C PHE H 213 -45.51 32.13 -7.71
N THR H 214 -45.13 32.88 -8.75
CA THR H 214 -43.71 32.94 -9.16
C THR H 214 -43.02 34.21 -8.66
N ASP H 215 -43.78 35.19 -8.20
CA ASP H 215 -43.30 36.52 -7.87
C ASP H 215 -44.29 37.17 -6.89
N VAL H 216 -43.83 38.14 -6.12
CA VAL H 216 -44.69 38.96 -5.26
C VAL H 216 -44.50 40.46 -5.56
N MET H 217 -43.54 40.84 -6.39
CA MET H 217 -43.18 42.24 -6.68
C MET H 217 -43.99 42.79 -7.85
C1 GOL I . 36.06 4.32 15.84
O1 GOL I . 35.38 3.07 15.60
C2 GOL I . 36.91 4.84 14.63
O2 GOL I . 36.73 6.30 14.30
C3 GOL I . 38.26 4.48 15.15
O3 GOL I . 38.52 5.34 16.25
C1 GOL J . 49.75 -41.54 -13.06
O1 GOL J . 49.69 -42.85 -13.69
C2 GOL J . 51.20 -41.01 -13.38
O2 GOL J . 52.29 -41.99 -13.19
C3 GOL J . 51.29 -40.65 -14.88
O3 GOL J . 50.45 -39.57 -15.39
C1 GOL K . 27.47 -28.18 -36.81
O1 GOL K . 28.60 -28.40 -37.64
C2 GOL K . 26.41 -29.29 -36.90
O2 GOL K . 25.85 -29.39 -38.23
C3 GOL K . 27.05 -30.66 -36.57
O3 GOL K . 27.45 -30.84 -35.22
C1 GOL L . -8.45 38.79 -5.25
O1 GOL L . -8.94 37.90 -4.25
C2 GOL L . -9.44 38.97 -6.41
O2 GOL L . -8.79 39.75 -7.45
C3 GOL L . -10.76 39.66 -5.97
O3 GOL L . -10.54 41.03 -5.50
C1 GOL M . -1.36 19.80 30.23
O1 GOL M . -2.39 19.71 31.23
C2 GOL M . -0.34 20.69 30.91
O2 GOL M . 0.18 21.36 29.74
C3 GOL M . 0.74 19.85 31.53
O3 GOL M . 0.72 18.99 32.69
C1 GOL N . -12.41 35.24 28.01
O1 GOL N . -13.19 35.39 26.85
C2 GOL N . -12.14 33.78 28.44
O2 GOL N . -10.76 33.33 28.48
C3 GOL N . -12.90 33.63 29.71
O3 GOL N . -12.38 34.60 30.57
C1 GOL O . -40.62 -8.14 -9.48
O1 GOL O . -41.05 -6.85 -8.84
C2 GOL O . -39.09 -8.45 -9.64
O2 GOL O . -38.55 -9.40 -10.71
C3 GOL O . -38.76 -8.93 -8.25
O3 GOL O . -39.31 -10.20 -7.90
#